data_6SCH
#
_entry.id   6SCH
#
_cell.length_a   75.812
_cell.length_b   99.570
_cell.length_c   114.089
_cell.angle_alpha   90.000
_cell.angle_beta   102.768
_cell.angle_gamma   90.000
#
_symmetry.space_group_name_H-M   'P 1 21 1'
#
loop_
_entity.id
_entity.type
_entity.pdbx_description
1 polymer 'NADP-dependent isopropanol dehydrogenase'
2 non-polymer NICOTINAMIDE-ADENINE-DINUCLEOTIDE
3 non-polymer 'NONAETHYLENE GLYCOL'
4 non-polymer 'ZINC ION'
5 non-polymer 'MAGNESIUM ION'
6 water water
#
_entity_poly.entity_id   1
_entity_poly.type   'polypeptide(L)'
_entity_poly.pdbx_seq_one_letter_code
;MKGFAMLGINKLGWIEKERPVAGSYDAIVRPLAVSPCTSDIHTVFEGALGDRKNMILGHEAVGEVVEVGSEVKDFKPGDR
VIVPCTTPDWRSLEVQAGFQQHSNGMLAGWKFSNFKDGVFGEYFHVNDADMNLAILPKDMPLENAVMITDMMTTGFHGAE
LADIQMGSSVVVIGIGAVGLMGIAGAKLRGAGRIIGVDYRPICVEAAKFYGATDILNPKNGHIVDQVMKLTNGKGVDRVI
MAGGGSETLSQAVSMVKPGGIISNINYHGSGDALLIPRVEWGCGMAHKTIKGGLCPGGRLRAEMLRDMVVYNRVDLSKLV
THVYHGFDHIEEALLLMKDKPKDLIKAVVILHHHH
;
_entity_poly.pdbx_strand_id   A,B,C,D
#
loop_
_chem_comp.id
_chem_comp.type
_chem_comp.name
_chem_comp.formula
2PE non-polymer 'NONAETHYLENE GLYCOL' 'C18 H38 O10'
MG non-polymer 'MAGNESIUM ION' 'Mg 2'
NAD non-polymer NICOTINAMIDE-ADENINE-DINUCLEOTIDE 'C21 H27 N7 O14 P2'
ZN non-polymer 'ZINC ION' 'Zn 2'
#
# COMPACT_ATOMS: atom_id res chain seq x y z
N MET A 1 30.15 35.58 -13.17
CA MET A 1 29.71 34.67 -14.22
C MET A 1 28.42 35.16 -14.88
N LYS A 2 28.16 34.68 -16.09
CA LYS A 2 26.96 35.04 -16.84
C LYS A 2 25.88 33.98 -16.64
N GLY A 3 24.63 34.42 -16.62
CA GLY A 3 23.49 33.53 -16.47
C GLY A 3 22.26 34.14 -17.12
N PHE A 4 21.37 33.27 -17.62
CA PHE A 4 20.16 33.71 -18.29
C PHE A 4 18.99 33.66 -17.31
N ALA A 5 18.39 34.81 -17.04
CA ALA A 5 17.56 34.99 -15.86
C ALA A 5 16.19 35.58 -16.16
N MET A 6 15.29 35.30 -15.24
CA MET A 6 14.04 36.04 -15.11
C MET A 6 14.37 37.33 -14.36
N LEU A 7 14.39 38.46 -15.07
CA LEU A 7 14.57 39.73 -14.37
C LEU A 7 13.37 40.03 -13.49
N GLY A 8 12.18 39.90 -14.04
CA GLY A 8 10.96 39.92 -13.28
C GLY A 8 9.92 39.17 -14.06
N ILE A 9 8.65 39.36 -13.68
CA ILE A 9 7.58 38.79 -14.45
C ILE A 9 7.56 39.43 -15.84
N ASN A 10 7.56 38.58 -16.87
CA ASN A 10 7.52 38.94 -18.29
C ASN A 10 8.83 39.54 -18.81
N LYS A 11 9.96 39.30 -18.12
CA LYS A 11 11.24 39.90 -18.49
C LYS A 11 12.36 38.87 -18.37
N LEU A 12 12.99 38.54 -19.50
CA LEU A 12 14.14 37.64 -19.54
C LEU A 12 15.39 38.41 -19.93
N GLY A 13 16.55 37.92 -19.49
CA GLY A 13 17.80 38.53 -19.95
C GLY A 13 19.01 37.87 -19.30
N TRP A 14 20.15 38.07 -19.97
CA TRP A 14 21.44 37.67 -19.42
C TRP A 14 21.88 38.65 -18.35
N ILE A 15 22.35 38.12 -17.22
CA ILE A 15 22.84 38.94 -16.12
C ILE A 15 24.22 38.43 -15.72
N GLU A 16 24.99 39.34 -15.13
CA GLU A 16 26.23 38.99 -14.43
C GLU A 16 25.93 38.84 -12.95
N LYS A 17 26.54 37.83 -12.35
CA LYS A 17 26.27 37.39 -11.00
C LYS A 17 27.57 36.82 -10.44
N GLU A 18 27.71 36.88 -9.12
CA GLU A 18 28.87 36.25 -8.51
C GLU A 18 28.75 34.72 -8.61
N ARG A 19 29.87 34.07 -8.87
CA ARG A 19 29.89 32.62 -8.94
C ARG A 19 29.56 32.04 -7.57
N PRO A 20 28.69 31.04 -7.46
CA PRO A 20 28.39 30.46 -6.15
C PRO A 20 29.60 29.71 -5.60
N VAL A 21 29.70 29.70 -4.28
CA VAL A 21 30.78 29.01 -3.57
C VAL A 21 30.17 27.83 -2.83
N ALA A 22 30.89 26.70 -2.82
CA ALA A 22 30.34 25.49 -2.24
C ALA A 22 30.55 25.46 -0.73
N GLY A 23 29.48 25.17 0.01
CA GLY A 23 29.61 24.86 1.42
C GLY A 23 30.25 23.49 1.59
N SER A 24 30.42 23.09 2.85
CA SER A 24 31.17 21.87 3.15
C SER A 24 30.59 20.62 2.48
N TYR A 25 29.29 20.60 2.20
CA TYR A 25 28.63 19.41 1.66
C TYR A 25 28.15 19.59 0.23
N ASP A 26 28.50 20.70 -0.42
CA ASP A 26 27.97 21.05 -1.73
C ASP A 26 28.99 20.87 -2.84
N ALA A 27 28.51 20.99 -4.07
CA ALA A 27 29.34 20.98 -5.26
C ALA A 27 28.97 22.16 -6.14
N ILE A 28 29.96 22.75 -6.80
CA ILE A 28 29.72 23.70 -7.87
C ILE A 28 29.90 22.94 -9.17
N VAL A 29 28.93 23.06 -10.07
CA VAL A 29 28.91 22.28 -11.31
C VAL A 29 28.88 23.24 -12.50
N ARG A 30 29.58 22.87 -13.57
CA ARG A 30 29.53 23.54 -14.86
C ARG A 30 28.65 22.75 -15.82
N PRO A 31 27.63 23.35 -16.44
CA PRO A 31 26.75 22.55 -17.33
C PRO A 31 27.48 22.11 -18.59
N LEU A 32 27.24 20.86 -18.98
CA LEU A 32 27.67 20.34 -20.27
C LEU A 32 26.54 20.33 -21.30
N ALA A 33 25.30 20.17 -20.85
CA ALA A 33 24.11 20.20 -21.68
C ALA A 33 22.90 20.53 -20.82
N VAL A 34 21.98 21.33 -21.36
CA VAL A 34 20.79 21.76 -20.62
C VAL A 34 19.58 21.71 -21.53
N SER A 35 18.39 21.77 -20.92
CA SER A 35 17.13 21.77 -21.64
C SER A 35 16.16 22.73 -20.98
N PRO A 36 15.39 23.50 -21.75
CA PRO A 36 14.34 24.33 -21.16
C PRO A 36 13.06 23.53 -20.92
N CYS A 37 12.36 23.91 -19.87
CA CYS A 37 11.12 23.26 -19.45
C CYS A 37 9.97 24.25 -19.57
N THR A 38 8.77 23.75 -19.88
CA THR A 38 7.61 24.64 -19.91
C THR A 38 7.31 25.25 -18.54
N SER A 39 7.76 24.63 -17.46
CA SER A 39 7.50 25.20 -16.14
C SER A 39 8.13 26.57 -16.00
N ASP A 40 9.27 26.82 -16.65
CA ASP A 40 9.86 28.14 -16.58
C ASP A 40 9.00 29.17 -17.32
N ILE A 41 8.26 28.74 -18.35
CA ILE A 41 7.36 29.67 -19.03
C ILE A 41 6.21 30.07 -18.12
N HIS A 42 5.60 29.11 -17.43
CA HIS A 42 4.57 29.44 -16.44
C HIS A 42 5.14 30.40 -15.41
N THR A 43 6.34 30.09 -14.92
CA THR A 43 6.98 30.86 -13.86
C THR A 43 7.25 32.30 -14.30
N VAL A 44 7.82 32.47 -15.49
CA VAL A 44 8.22 33.80 -15.94
C VAL A 44 7.02 34.62 -16.40
N PHE A 45 6.22 34.08 -17.30
CA PHE A 45 5.21 34.87 -17.98
C PHE A 45 3.83 34.80 -17.32
N GLU A 46 3.64 33.93 -16.33
CA GLU A 46 2.38 33.89 -15.60
C GLU A 46 2.53 34.16 -14.11
N GLY A 47 3.75 34.27 -13.60
CA GLY A 47 3.95 34.44 -12.16
C GLY A 47 3.28 33.36 -11.34
N ALA A 48 3.33 32.11 -11.81
CA ALA A 48 2.58 31.04 -11.16
C ALA A 48 3.09 30.74 -9.77
N LEU A 49 4.38 31.01 -9.52
CA LEU A 49 5.00 30.78 -8.22
C LEU A 49 5.35 32.10 -7.51
N GLY A 50 4.76 33.20 -7.97
CA GLY A 50 5.11 34.51 -7.47
C GLY A 50 6.15 35.18 -8.34
N ASP A 51 6.61 36.34 -7.86
CA ASP A 51 7.57 37.16 -8.58
C ASP A 51 8.99 36.86 -8.11
N ARG A 52 9.94 37.07 -9.03
CA ARG A 52 11.36 36.83 -8.78
C ARG A 52 12.17 37.98 -9.37
N LYS A 53 13.39 38.15 -8.85
CA LYS A 53 14.32 39.18 -9.30
C LYS A 53 15.67 38.55 -9.60
N ASN A 54 16.08 38.60 -10.86
CA ASN A 54 17.39 38.09 -11.28
C ASN A 54 17.59 36.63 -10.91
N MET A 55 16.58 35.81 -11.13
CA MET A 55 16.71 34.38 -10.87
C MET A 55 17.16 33.69 -12.17
N ILE A 56 18.36 33.10 -12.14
CA ILE A 56 18.80 32.31 -13.27
C ILE A 56 17.86 31.13 -13.46
N LEU A 57 17.44 30.89 -14.70
CA LEU A 57 16.44 29.88 -15.02
C LEU A 57 17.06 28.52 -15.33
N GLY A 58 16.19 27.54 -15.56
CA GLY A 58 16.61 26.21 -15.98
C GLY A 58 16.84 25.24 -14.83
N HIS A 59 16.41 23.99 -15.02
CA HIS A 59 16.65 22.96 -14.00
C HIS A 59 16.89 21.57 -14.61
N GLU A 60 17.24 21.48 -15.89
CA GLU A 60 17.55 20.20 -16.52
C GLU A 60 18.97 20.28 -17.07
N ALA A 61 19.90 19.58 -16.42
CA ALA A 61 21.31 19.70 -16.79
C ALA A 61 22.07 18.42 -16.47
N VAL A 62 23.06 18.11 -17.30
CA VAL A 62 24.17 17.25 -16.90
C VAL A 62 25.40 18.12 -16.93
N GLY A 63 26.35 17.85 -16.04
CA GLY A 63 27.45 18.78 -15.91
C GLY A 63 28.72 18.13 -15.43
N GLU A 64 29.72 18.97 -15.22
CA GLU A 64 31.03 18.59 -14.74
C GLU A 64 31.23 19.23 -13.37
N VAL A 65 31.59 18.42 -12.38
CA VAL A 65 31.92 18.98 -11.08
C VAL A 65 33.20 19.79 -11.21
N VAL A 66 33.15 21.04 -10.78
CA VAL A 66 34.35 21.88 -10.75
C VAL A 66 34.86 22.14 -9.34
N GLU A 67 34.01 22.03 -8.32
CA GLU A 67 34.45 22.34 -6.96
C GLU A 67 33.55 21.57 -6.00
N VAL A 68 34.13 21.08 -4.89
CA VAL A 68 33.35 20.38 -3.87
C VAL A 68 33.79 20.89 -2.51
N GLY A 69 32.87 20.83 -1.56
CA GLY A 69 33.18 21.16 -0.19
C GLY A 69 34.02 20.07 0.46
N SER A 70 34.58 20.43 1.62
CA SER A 70 35.51 19.56 2.33
C SER A 70 34.86 18.29 2.86
N GLU A 71 33.54 18.23 2.96
CA GLU A 71 32.91 17.01 3.48
C GLU A 71 32.32 16.13 2.39
N VAL A 72 32.45 16.52 1.12
CA VAL A 72 31.94 15.72 0.02
C VAL A 72 32.86 14.52 -0.20
N LYS A 73 32.28 13.32 -0.23
CA LYS A 73 33.10 12.12 -0.23
C LYS A 73 33.02 11.29 -1.49
N ASP A 74 31.93 11.37 -2.26
CA ASP A 74 31.74 10.52 -3.43
C ASP A 74 31.93 11.22 -4.77
N PHE A 75 32.04 12.55 -4.78
CA PHE A 75 32.22 13.29 -6.02
C PHE A 75 33.42 14.21 -5.90
N LYS A 76 34.09 14.46 -7.01
CA LYS A 76 35.29 15.28 -7.02
C LYS A 76 35.33 16.08 -8.30
N PRO A 77 36.12 17.17 -8.33
CA PRO A 77 36.25 17.94 -9.58
C PRO A 77 36.70 17.04 -10.73
N GLY A 78 36.06 17.23 -11.87
CA GLY A 78 36.30 16.41 -13.03
C GLY A 78 35.22 15.37 -13.28
N ASP A 79 34.49 14.97 -12.24
CA ASP A 79 33.39 14.03 -12.39
C ASP A 79 32.27 14.63 -13.22
N ARG A 80 31.71 13.82 -14.12
CA ARG A 80 30.55 14.21 -14.89
C ARG A 80 29.31 13.62 -14.26
N VAL A 81 28.26 14.43 -14.10
CA VAL A 81 27.13 14.09 -13.26
C VAL A 81 25.80 14.38 -13.96
N ILE A 82 24.82 13.54 -13.66
CA ILE A 82 23.41 13.80 -13.90
C ILE A 82 22.88 14.52 -12.68
N VAL A 83 22.23 15.67 -12.87
CA VAL A 83 21.72 16.51 -11.80
C VAL A 83 20.19 16.44 -11.84
N PRO A 84 19.55 15.73 -10.92
CA PRO A 84 18.08 15.71 -10.92
C PRO A 84 17.53 17.12 -10.69
N CYS A 85 16.39 17.41 -11.31
CA CYS A 85 15.82 18.75 -11.11
C CYS A 85 15.38 18.98 -9.67
N THR A 86 15.01 17.91 -8.96
CA THR A 86 14.64 18.00 -7.55
C THR A 86 15.87 17.63 -6.72
N THR A 87 16.32 18.56 -5.86
CA THR A 87 17.50 18.33 -5.01
C THR A 87 17.13 18.61 -3.56
N PRO A 88 16.53 17.64 -2.88
CA PRO A 88 15.97 17.89 -1.55
C PRO A 88 17.02 18.24 -0.51
N ASP A 89 16.55 18.93 0.53
CA ASP A 89 17.25 18.95 1.82
C ASP A 89 16.90 17.66 2.53
N TRP A 90 17.90 16.80 2.72
CA TRP A 90 17.55 15.47 3.20
C TRP A 90 17.35 15.41 4.69
N ARG A 91 17.78 16.43 5.43
CA ARG A 91 17.60 16.46 6.87
C ARG A 91 16.42 17.38 7.14
N SER A 92 15.24 16.80 7.03
CA SER A 92 14.00 17.50 7.32
C SER A 92 12.99 16.50 7.85
N LEU A 93 11.95 17.02 8.51
CA LEU A 93 10.88 16.14 8.98
C LEU A 93 10.05 15.60 7.82
N GLU A 94 9.99 16.30 6.68
CA GLU A 94 9.25 15.75 5.55
C GLU A 94 9.96 14.54 4.97
N VAL A 95 11.29 14.55 4.97
CA VAL A 95 12.02 13.35 4.55
C VAL A 95 11.74 12.20 5.50
N GLN A 96 11.67 12.48 6.81
CA GLN A 96 11.34 11.40 7.73
C GLN A 96 9.96 10.82 7.48
N ALA A 97 9.05 11.61 6.89
CA ALA A 97 7.72 11.11 6.57
C ALA A 97 7.62 10.54 5.17
N GLY A 98 8.72 10.54 4.42
CA GLY A 98 8.72 9.97 3.08
C GLY A 98 8.40 10.92 1.95
N PHE A 99 8.51 12.23 2.13
CA PHE A 99 8.13 13.20 1.08
C PHE A 99 9.30 14.15 0.82
N GLN A 100 10.36 13.63 0.19
CA GLN A 100 11.54 14.41 -0.14
C GLN A 100 11.21 15.65 -0.97
N GLN A 101 10.20 15.56 -1.84
CA GLN A 101 9.84 16.70 -2.70
C GLN A 101 9.41 17.92 -1.90
N HIS A 102 8.94 17.75 -0.68
CA HIS A 102 8.48 18.88 0.10
C HIS A 102 9.32 19.11 1.35
N SER A 103 10.61 18.77 1.27
CA SER A 103 11.50 19.00 2.40
C SER A 103 11.56 20.48 2.73
N ASN A 104 11.20 20.84 3.97
CA ASN A 104 11.19 22.22 4.43
C ASN A 104 10.20 23.10 3.68
N GLY A 105 9.18 22.53 3.08
CA GLY A 105 8.10 23.33 2.52
C GLY A 105 7.55 22.72 1.23
N MET A 106 6.35 23.14 0.89
CA MET A 106 5.68 22.65 -0.32
C MET A 106 6.52 22.95 -1.55
N LEU A 107 6.83 21.90 -2.30
CA LEU A 107 7.65 21.92 -3.51
C LEU A 107 9.11 22.32 -3.24
N ALA A 108 9.51 22.49 -1.98
CA ALA A 108 10.82 23.05 -1.70
C ALA A 108 11.97 22.10 -2.06
N GLY A 109 11.70 20.83 -2.34
CA GLY A 109 12.77 19.98 -2.86
C GLY A 109 13.19 20.36 -4.27
N TRP A 110 12.32 21.04 -5.00
CA TRP A 110 12.62 21.55 -6.32
C TRP A 110 13.12 22.98 -6.14
N LYS A 111 14.43 23.16 -6.21
CA LYS A 111 15.02 24.48 -5.95
C LYS A 111 15.35 25.25 -7.22
N PHE A 112 16.07 24.61 -8.17
CA PHE A 112 16.50 25.27 -9.40
C PHE A 112 15.32 25.90 -10.15
N SER A 113 15.39 27.22 -10.37
CA SER A 113 14.38 28.00 -11.09
C SER A 113 13.02 27.94 -10.41
N ASN A 114 12.96 27.45 -9.17
CA ASN A 114 11.83 27.70 -8.28
C ASN A 114 12.19 28.88 -7.40
N PHE A 115 13.18 28.73 -6.52
CA PHE A 115 13.68 29.85 -5.73
C PHE A 115 15.21 29.91 -5.65
N LYS A 116 15.92 29.12 -6.45
CA LYS A 116 17.38 29.05 -6.44
C LYS A 116 17.86 29.26 -7.86
N ASP A 117 18.98 29.96 -8.02
CA ASP A 117 19.56 30.12 -9.36
C ASP A 117 19.72 28.77 -10.05
N GLY A 118 19.23 28.67 -11.27
CA GLY A 118 19.19 27.42 -12.00
C GLY A 118 20.44 27.16 -12.81
N VAL A 119 20.29 26.28 -13.81
CA VAL A 119 21.42 25.73 -14.54
C VAL A 119 21.75 26.48 -15.81
N PHE A 120 21.00 27.51 -16.19
CA PHE A 120 21.36 28.30 -17.36
C PHE A 120 22.44 29.34 -17.02
N GLY A 121 23.52 28.91 -16.37
CA GLY A 121 24.64 29.79 -16.09
C GLY A 121 25.96 29.06 -16.32
N GLU A 122 27.05 29.83 -16.24
CA GLU A 122 28.35 29.20 -16.44
C GLU A 122 28.64 28.19 -15.33
N TYR A 123 28.15 28.45 -14.12
CA TYR A 123 28.22 27.52 -13.00
C TYR A 123 26.88 27.53 -12.26
N PHE A 124 26.62 26.46 -11.54
CA PHE A 124 25.50 26.40 -10.60
C PHE A 124 25.87 25.58 -9.38
N HIS A 125 25.00 25.66 -8.37
CA HIS A 125 25.24 25.16 -7.02
C HIS A 125 24.34 23.95 -6.80
N VAL A 126 24.91 22.86 -6.31
CA VAL A 126 24.14 21.69 -5.90
C VAL A 126 24.31 21.49 -4.40
N ASN A 127 23.21 21.49 -3.66
CA ASN A 127 23.24 21.25 -2.22
C ASN A 127 23.37 19.76 -1.92
N ASP A 128 24.22 19.43 -0.94
CA ASP A 128 24.43 18.04 -0.52
C ASP A 128 24.75 17.13 -1.72
N ALA A 129 25.97 17.32 -2.24
CA ALA A 129 26.37 16.61 -3.46
C ALA A 129 26.25 15.10 -3.34
N ASP A 130 26.72 14.53 -2.20
CA ASP A 130 26.70 13.07 -2.02
C ASP A 130 25.30 12.50 -2.01
N MET A 131 24.29 13.31 -1.67
CA MET A 131 22.93 12.82 -1.62
C MET A 131 22.13 13.14 -2.88
N ASN A 132 22.60 14.07 -3.71
CA ASN A 132 21.77 14.64 -4.77
C ASN A 132 22.40 14.55 -6.15
N LEU A 133 23.56 13.92 -6.32
CA LEU A 133 24.17 13.79 -7.63
C LEU A 133 24.31 12.32 -8.01
N ALA A 134 24.44 12.07 -9.31
CA ALA A 134 24.78 10.73 -9.80
C ALA A 134 25.79 10.83 -10.93
N ILE A 135 26.68 9.83 -11.02
CA ILE A 135 27.71 9.80 -12.05
C ILE A 135 27.10 9.56 -13.44
N LEU A 136 27.56 10.33 -14.41
CA LEU A 136 27.12 10.16 -15.79
C LEU A 136 27.92 9.05 -16.46
N PRO A 137 27.29 7.99 -16.96
CA PRO A 137 28.06 6.92 -17.59
C PRO A 137 28.82 7.44 -18.80
N LYS A 138 30.03 6.90 -18.99
CA LYS A 138 30.98 7.41 -19.96
C LYS A 138 30.41 7.43 -21.37
N ASP A 139 29.60 6.44 -21.73
CA ASP A 139 29.14 6.31 -23.10
C ASP A 139 27.68 6.72 -23.30
N MET A 140 27.06 7.36 -22.30
CA MET A 140 25.68 7.79 -22.42
C MET A 140 25.63 9.15 -23.11
N PRO A 141 24.89 9.28 -24.21
CA PRO A 141 24.74 10.59 -24.87
C PRO A 141 24.21 11.67 -23.94
N LEU A 142 24.75 12.88 -24.08
CA LEU A 142 24.35 13.97 -23.21
C LEU A 142 22.86 14.27 -23.33
N GLU A 143 22.34 14.27 -24.56
CA GLU A 143 20.92 14.59 -24.74
C GLU A 143 20.03 13.59 -24.03
N ASN A 144 20.42 12.31 -24.05
CA ASN A 144 19.66 11.30 -23.31
C ASN A 144 19.71 11.56 -21.82
N ALA A 145 20.92 11.85 -21.30
CA ALA A 145 21.05 12.01 -19.86
C ALA A 145 20.30 13.24 -19.36
N VAL A 146 20.20 14.30 -20.16
CA VAL A 146 19.44 15.47 -19.71
C VAL A 146 17.96 15.10 -19.55
N MET A 147 17.44 14.17 -20.35
CA MET A 147 16.04 13.80 -20.24
C MET A 147 15.73 13.07 -18.95
N ILE A 148 16.74 12.49 -18.28
CA ILE A 148 16.52 11.83 -17.00
C ILE A 148 16.14 12.85 -15.92
N THR A 149 16.75 14.04 -15.99
CA THR A 149 16.70 14.94 -14.84
C THR A 149 15.28 15.40 -14.54
N ASP A 150 14.36 15.30 -15.50
CA ASP A 150 13.03 15.89 -15.29
C ASP A 150 11.96 15.13 -16.08
N MET A 151 12.10 15.07 -17.40
CA MET A 151 11.08 14.42 -18.22
C MET A 151 10.85 12.98 -17.77
N MET A 152 11.91 12.20 -17.65
CA MET A 152 11.73 10.80 -17.28
C MET A 152 11.21 10.66 -15.85
N THR A 153 11.83 11.36 -14.89
CA THR A 153 11.40 11.18 -13.51
C THR A 153 9.96 11.66 -13.30
N THR A 154 9.56 12.73 -13.99
CA THR A 154 8.19 13.25 -13.85
C THR A 154 7.18 12.33 -14.51
N GLY A 155 7.40 11.99 -15.78
CA GLY A 155 6.48 11.07 -16.46
C GLY A 155 6.34 9.74 -15.73
N PHE A 156 7.47 9.18 -15.25
CA PHE A 156 7.40 7.90 -14.55
C PHE A 156 6.69 8.03 -13.22
N HIS A 157 6.85 9.17 -12.54
CA HIS A 157 6.11 9.42 -11.31
C HIS A 157 4.61 9.47 -11.57
N GLY A 158 4.20 10.05 -12.69
CA GLY A 158 2.79 9.96 -13.06
C GLY A 158 2.32 8.53 -13.11
N ALA A 159 3.13 7.63 -13.69
CA ALA A 159 2.77 6.22 -13.76
C ALA A 159 2.83 5.55 -12.40
N GLU A 160 3.79 5.94 -11.55
CA GLU A 160 3.89 5.38 -10.19
C GLU A 160 2.70 5.82 -9.33
N LEU A 161 2.36 7.11 -9.37
CA LEU A 161 1.19 7.60 -8.65
C LEU A 161 -0.09 6.93 -9.13
N ALA A 162 -0.17 6.57 -10.40
CA ALA A 162 -1.39 5.95 -10.93
C ALA A 162 -1.60 4.53 -10.43
N ASP A 163 -0.59 3.89 -9.83
CA ASP A 163 -0.76 2.55 -9.26
C ASP A 163 -1.31 1.57 -10.30
N ILE A 164 -0.62 1.51 -11.45
CA ILE A 164 -1.07 0.70 -12.56
C ILE A 164 -0.92 -0.77 -12.23
N GLN A 165 -1.86 -1.58 -12.72
CA GLN A 165 -1.84 -3.03 -12.58
C GLN A 165 -1.55 -3.66 -13.93
N MET A 166 -1.13 -4.91 -13.90
CA MET A 166 -0.88 -5.67 -15.11
C MET A 166 -2.15 -5.74 -15.93
N GLY A 167 -2.18 -5.01 -17.06
CA GLY A 167 -3.33 -5.00 -17.96
C GLY A 167 -4.25 -3.81 -17.82
N SER A 168 -3.96 -2.89 -16.90
CA SER A 168 -4.80 -1.71 -16.75
C SER A 168 -4.92 -0.95 -18.08
N SER A 169 -6.11 -0.43 -18.35
CA SER A 169 -6.25 0.56 -19.41
C SER A 169 -5.94 1.94 -18.83
N VAL A 170 -5.23 2.76 -19.62
CA VAL A 170 -4.71 4.05 -19.21
C VAL A 170 -5.00 5.08 -20.29
N VAL A 171 -5.50 6.25 -19.91
CA VAL A 171 -5.56 7.43 -20.77
C VAL A 171 -4.48 8.39 -20.30
N VAL A 172 -3.69 8.91 -21.22
CA VAL A 172 -2.73 9.96 -20.92
C VAL A 172 -3.17 11.21 -21.64
N ILE A 173 -3.54 12.25 -20.89
CA ILE A 173 -4.02 13.50 -21.47
C ILE A 173 -2.83 14.45 -21.61
N GLY A 174 -2.54 14.85 -22.83
CA GLY A 174 -1.36 15.66 -23.09
C GLY A 174 -0.16 14.80 -23.40
N ILE A 175 0.28 14.82 -24.65
CA ILE A 175 1.35 13.95 -25.11
C ILE A 175 2.57 14.78 -25.52
N GLY A 176 2.86 15.83 -24.77
CA GLY A 176 4.17 16.43 -24.80
C GLY A 176 5.20 15.51 -24.15
N ALA A 177 6.38 16.08 -23.92
CA ALA A 177 7.48 15.31 -23.37
C ALA A 177 7.08 14.57 -22.10
N VAL A 178 6.45 15.29 -21.16
CA VAL A 178 6.06 14.68 -19.90
C VAL A 178 5.06 13.56 -20.13
N GLY A 179 4.05 13.81 -20.98
CA GLY A 179 3.09 12.77 -21.32
C GLY A 179 3.67 11.57 -22.06
N LEU A 180 4.67 11.81 -22.93
CA LEU A 180 5.35 10.70 -23.58
C LEU A 180 6.02 9.80 -22.56
N MET A 181 6.67 10.40 -21.54
CA MET A 181 7.24 9.60 -20.47
C MET A 181 6.16 9.02 -19.56
N GLY A 182 4.99 9.64 -19.47
CA GLY A 182 3.87 8.99 -18.79
C GLY A 182 3.40 7.75 -19.53
N ILE A 183 3.37 7.82 -20.87
CA ILE A 183 3.01 6.66 -21.68
C ILE A 183 4.06 5.55 -21.50
N ALA A 184 5.33 5.90 -21.65
CA ALA A 184 6.39 4.90 -21.45
C ALA A 184 6.32 4.30 -20.06
N GLY A 185 6.12 5.15 -19.05
CA GLY A 185 6.08 4.66 -17.68
C GLY A 185 4.90 3.74 -17.43
N ALA A 186 3.74 4.07 -17.99
CA ALA A 186 2.58 3.19 -17.87
C ALA A 186 2.87 1.82 -18.48
N LYS A 187 3.51 1.81 -19.67
CA LYS A 187 3.89 0.54 -20.27
C LYS A 187 4.82 -0.23 -19.34
N LEU A 188 5.76 0.48 -18.71
CA LEU A 188 6.70 -0.16 -17.80
C LEU A 188 6.09 -0.47 -16.42
N ARG A 189 4.83 -0.16 -16.19
CA ARG A 189 4.12 -0.69 -15.03
C ARG A 189 3.11 -1.77 -15.40
N GLY A 190 3.05 -2.15 -16.67
CA GLY A 190 2.23 -3.27 -17.13
C GLY A 190 0.93 -2.90 -17.81
N ALA A 191 0.73 -1.63 -18.16
CA ALA A 191 -0.53 -1.23 -18.77
C ALA A 191 -0.80 -2.00 -20.06
N GLY A 192 -2.07 -2.35 -20.28
CA GLY A 192 -2.46 -2.92 -21.56
C GLY A 192 -2.77 -1.81 -22.55
N ARG A 193 -4.04 -1.45 -22.69
CA ARG A 193 -4.45 -0.36 -23.57
C ARG A 193 -3.97 0.98 -23.02
N ILE A 194 -3.34 1.78 -23.87
CA ILE A 194 -2.93 3.14 -23.52
C ILE A 194 -3.42 4.09 -24.59
N ILE A 195 -4.33 4.99 -24.23
CA ILE A 195 -4.90 5.97 -25.14
C ILE A 195 -4.24 7.32 -24.88
N GLY A 196 -3.59 7.89 -25.89
CA GLY A 196 -3.03 9.23 -25.79
C GLY A 196 -4.00 10.26 -26.33
N VAL A 197 -4.10 11.41 -25.66
CA VAL A 197 -5.00 12.48 -26.08
C VAL A 197 -4.18 13.73 -26.33
N ASP A 198 -4.18 14.19 -27.58
CA ASP A 198 -3.42 15.37 -27.99
C ASP A 198 -3.80 15.69 -29.43
N TYR A 199 -3.30 16.84 -29.90
CA TYR A 199 -3.55 17.32 -31.25
C TYR A 199 -2.29 17.59 -32.06
N ARG A 200 -1.10 17.28 -31.54
CA ARG A 200 0.13 17.63 -32.24
C ARG A 200 0.70 16.42 -32.97
N PRO A 201 0.84 16.49 -34.30
CA PRO A 201 1.29 15.31 -35.07
C PRO A 201 2.66 14.78 -34.71
N ILE A 202 3.64 15.63 -34.34
CA ILE A 202 4.97 15.14 -34.00
C ILE A 202 4.92 14.17 -32.84
N CYS A 203 4.00 14.41 -31.89
CA CYS A 203 3.87 13.57 -30.71
C CYS A 203 3.23 12.23 -31.02
N VAL A 204 2.46 12.13 -32.11
CA VAL A 204 1.76 10.88 -32.45
C VAL A 204 2.76 9.77 -32.76
N GLU A 205 3.77 10.06 -33.60
CA GLU A 205 4.76 9.04 -33.91
C GLU A 205 5.54 8.67 -32.65
N ALA A 206 5.90 9.66 -31.85
CA ALA A 206 6.61 9.34 -30.61
C ALA A 206 5.71 8.61 -29.63
N ALA A 207 4.43 9.00 -29.53
CA ALA A 207 3.52 8.35 -28.59
C ALA A 207 3.34 6.88 -28.91
N LYS A 208 3.18 6.54 -30.20
CA LYS A 208 3.08 5.15 -30.60
C LYS A 208 4.36 4.38 -30.27
N PHE A 209 5.53 4.97 -30.54
CA PHE A 209 6.81 4.36 -30.18
C PHE A 209 6.87 3.98 -28.70
N TYR A 210 6.47 4.89 -27.82
CA TYR A 210 6.60 4.64 -26.39
C TYR A 210 5.51 3.72 -25.86
N GLY A 211 4.46 3.46 -26.62
CA GLY A 211 3.51 2.46 -26.19
C GLY A 211 2.03 2.75 -26.35
N ALA A 212 1.66 3.89 -26.95
CA ALA A 212 0.24 4.20 -27.13
C ALA A 212 -0.40 3.21 -28.10
N THR A 213 -1.56 2.71 -27.73
CA THR A 213 -2.32 1.85 -28.63
C THR A 213 -3.44 2.58 -29.34
N ASP A 214 -3.81 3.76 -28.85
CA ASP A 214 -4.81 4.60 -29.50
C ASP A 214 -4.43 6.06 -29.30
N ILE A 215 -4.79 6.89 -30.29
CA ILE A 215 -4.55 8.32 -30.23
C ILE A 215 -5.87 9.01 -30.50
N LEU A 216 -6.28 9.91 -29.61
CA LEU A 216 -7.49 10.70 -29.78
C LEU A 216 -7.16 12.18 -29.93
N ASN A 217 -7.77 12.83 -30.90
CA ASN A 217 -7.63 14.25 -31.12
C ASN A 217 -8.88 14.94 -30.61
N PRO A 218 -8.80 15.85 -29.63
CA PRO A 218 -10.01 16.55 -29.18
C PRO A 218 -10.69 17.37 -30.27
N LYS A 219 -9.97 17.70 -31.34
CA LYS A 219 -10.55 18.52 -32.38
C LYS A 219 -11.71 17.84 -33.11
N ASN A 220 -11.80 16.50 -33.07
CA ASN A 220 -12.92 15.88 -33.76
C ASN A 220 -13.90 15.21 -32.79
N GLY A 221 -14.26 15.93 -31.72
CA GLY A 221 -15.33 15.52 -30.83
C GLY A 221 -14.92 15.68 -29.38
N HIS A 222 -15.92 15.87 -28.51
CA HIS A 222 -15.62 15.97 -27.09
C HIS A 222 -14.96 14.68 -26.62
N ILE A 223 -13.85 14.84 -25.90
CA ILE A 223 -12.96 13.71 -25.67
C ILE A 223 -13.59 12.63 -24.81
N VAL A 224 -14.46 12.98 -23.85
CA VAL A 224 -15.04 11.95 -22.99
C VAL A 224 -15.93 11.03 -23.81
N ASP A 225 -16.73 11.59 -24.72
CA ASP A 225 -17.52 10.76 -25.62
C ASP A 225 -16.64 9.86 -26.49
N GLN A 226 -15.51 10.39 -26.99
CA GLN A 226 -14.60 9.57 -27.79
C GLN A 226 -14.07 8.39 -26.98
N VAL A 227 -13.65 8.64 -25.74
CA VAL A 227 -13.16 7.57 -24.88
C VAL A 227 -14.27 6.57 -24.57
N MET A 228 -15.49 7.05 -24.34
CA MET A 228 -16.59 6.14 -24.08
C MET A 228 -16.88 5.27 -25.30
N LYS A 229 -16.71 5.83 -26.48
CA LYS A 229 -16.90 5.03 -27.70
C LYS A 229 -15.81 3.96 -27.82
N LEU A 230 -14.56 4.31 -27.49
CA LEU A 230 -13.45 3.34 -27.57
C LEU A 230 -13.60 2.21 -26.55
N THR A 231 -14.18 2.49 -25.39
CA THR A 231 -14.27 1.52 -24.31
C THR A 231 -15.67 0.96 -24.13
N ASN A 232 -16.53 1.08 -25.14
CA ASN A 232 -17.87 0.51 -25.09
C ASN A 232 -18.64 0.98 -23.85
N GLY A 233 -18.41 2.23 -23.44
CA GLY A 233 -19.11 2.79 -22.31
C GLY A 233 -18.56 2.43 -20.95
N LYS A 234 -17.46 1.66 -20.90
CA LYS A 234 -16.94 1.17 -19.64
C LYS A 234 -15.94 2.11 -18.99
N GLY A 235 -15.32 3.01 -19.75
CA GLY A 235 -14.29 3.87 -19.19
C GLY A 235 -12.94 3.17 -19.10
N VAL A 236 -11.98 3.84 -18.44
CA VAL A 236 -10.64 3.30 -18.28
C VAL A 236 -10.30 3.21 -16.79
N ASP A 237 -9.27 2.41 -16.51
CA ASP A 237 -8.86 2.14 -15.14
C ASP A 237 -8.10 3.31 -14.54
N ARG A 238 -7.33 4.03 -15.35
CA ARG A 238 -6.40 5.03 -14.85
C ARG A 238 -6.33 6.17 -15.84
N VAL A 239 -6.14 7.38 -15.33
CA VAL A 239 -5.89 8.57 -16.13
C VAL A 239 -4.66 9.28 -15.59
N ILE A 240 -3.75 9.66 -16.47
CA ILE A 240 -2.59 10.48 -16.13
C ILE A 240 -2.78 11.83 -16.79
N MET A 241 -2.81 12.89 -15.99
CA MET A 241 -2.97 14.25 -16.52
C MET A 241 -1.58 14.85 -16.68
N ALA A 242 -1.15 14.97 -17.93
CA ALA A 242 0.19 15.44 -18.22
C ALA A 242 0.22 16.74 -18.99
N GLY A 243 -0.88 17.16 -19.58
CA GLY A 243 -0.87 18.45 -20.25
C GLY A 243 -2.27 18.95 -20.51
N GLY A 244 -2.35 20.23 -20.84
CA GLY A 244 -3.61 20.89 -21.06
C GLY A 244 -4.03 21.72 -19.86
N GLY A 245 -5.18 22.37 -20.00
CA GLY A 245 -5.66 23.27 -18.98
C GLY A 245 -6.34 22.54 -17.85
N SER A 246 -6.85 23.32 -16.92
CA SER A 246 -7.46 22.76 -15.71
C SER A 246 -8.71 21.94 -16.00
N GLU A 247 -9.38 22.18 -17.13
CA GLU A 247 -10.58 21.43 -17.46
C GLU A 247 -10.32 19.95 -17.73
N THR A 248 -9.05 19.54 -17.91
CA THR A 248 -8.79 18.12 -18.11
C THR A 248 -9.09 17.30 -16.87
N LEU A 249 -9.13 17.92 -15.67
CA LEU A 249 -9.49 17.16 -14.47
C LEU A 249 -10.90 16.63 -14.58
N SER A 250 -11.83 17.50 -14.99
CA SER A 250 -13.22 17.12 -15.21
C SER A 250 -13.31 16.00 -16.26
N GLN A 251 -12.52 16.10 -17.31
CA GLN A 251 -12.47 15.04 -18.31
C GLN A 251 -11.96 13.73 -17.70
N ALA A 252 -10.90 13.79 -16.91
CA ALA A 252 -10.35 12.57 -16.32
C ALA A 252 -11.37 11.89 -15.41
N VAL A 253 -12.02 12.68 -14.54
CA VAL A 253 -13.03 12.12 -13.64
C VAL A 253 -14.15 11.45 -14.44
N SER A 254 -14.56 12.06 -15.56
CA SER A 254 -15.65 11.51 -16.34
C SER A 254 -15.26 10.26 -17.11
N MET A 255 -13.98 10.06 -17.41
CA MET A 255 -13.65 8.87 -18.19
C MET A 255 -13.11 7.72 -17.35
N VAL A 256 -12.65 7.96 -16.09
CA VAL A 256 -12.11 6.89 -15.25
C VAL A 256 -13.25 6.08 -14.63
N LYS A 257 -13.03 4.78 -14.47
CA LYS A 257 -14.02 3.92 -13.83
C LYS A 257 -14.14 4.21 -12.34
N PRO A 258 -15.26 3.84 -11.72
CA PRO A 258 -15.31 3.81 -10.25
C PRO A 258 -14.19 2.94 -9.69
N GLY A 259 -13.58 3.41 -8.62
CA GLY A 259 -12.42 2.71 -8.11
C GLY A 259 -11.14 3.08 -8.79
N GLY A 260 -11.18 3.85 -9.87
CA GLY A 260 -9.98 4.20 -10.59
C GLY A 260 -9.17 5.29 -9.90
N ILE A 261 -8.04 5.64 -10.53
CA ILE A 261 -7.11 6.63 -10.00
C ILE A 261 -6.77 7.63 -11.09
N ILE A 262 -6.77 8.91 -10.71
CA ILE A 262 -6.35 10.02 -11.57
C ILE A 262 -5.05 10.57 -11.00
N SER A 263 -4.04 10.69 -11.85
CA SER A 263 -2.70 11.05 -11.46
C SER A 263 -2.30 12.31 -12.21
N ASN A 264 -2.12 13.41 -11.51
CA ASN A 264 -1.71 14.66 -12.13
C ASN A 264 -0.21 14.85 -11.95
N ILE A 265 0.49 15.08 -13.06
CA ILE A 265 1.84 15.57 -13.05
C ILE A 265 1.96 16.90 -13.77
N ASN A 266 0.85 17.39 -14.29
CA ASN A 266 0.77 18.67 -14.97
C ASN A 266 0.87 19.80 -13.95
N TYR A 267 1.67 20.80 -14.27
CA TYR A 267 1.83 21.98 -13.43
C TYR A 267 0.75 22.96 -13.85
N HIS A 268 -0.25 23.19 -12.99
CA HIS A 268 -1.39 24.06 -13.30
C HIS A 268 -1.05 25.47 -12.87
N GLY A 269 -0.65 26.31 -13.81
CA GLY A 269 -0.21 27.65 -13.53
C GLY A 269 -1.22 28.73 -13.81
N SER A 270 -2.41 28.38 -14.29
CA SER A 270 -3.27 29.32 -14.99
C SER A 270 -4.56 29.62 -14.23
N GLY A 271 -5.19 30.71 -14.66
CA GLY A 271 -6.42 31.19 -14.07
C GLY A 271 -7.64 30.28 -14.22
N ASP A 272 -7.46 29.14 -14.89
CA ASP A 272 -8.55 28.16 -14.99
C ASP A 272 -8.63 27.35 -13.70
N ALA A 273 -9.84 26.94 -13.37
CA ALA A 273 -10.13 26.33 -12.08
C ALA A 273 -10.11 24.81 -12.23
N LEU A 274 -9.58 24.13 -11.21
CA LEU A 274 -9.59 22.66 -11.19
C LEU A 274 -10.91 22.21 -10.57
N LEU A 275 -11.82 21.76 -11.42
CA LEU A 275 -13.20 21.48 -11.04
C LEU A 275 -13.44 19.97 -11.10
N ILE A 276 -13.93 19.41 -10.00
CA ILE A 276 -14.36 18.02 -9.96
C ILE A 276 -15.86 17.99 -10.26
N PRO A 277 -16.31 17.36 -11.34
CA PRO A 277 -17.76 17.34 -11.63
C PRO A 277 -18.47 16.40 -10.65
N ARG A 278 -19.52 16.92 -10.02
CA ARG A 278 -20.09 16.24 -8.85
C ARG A 278 -20.69 14.89 -9.22
N VAL A 279 -21.55 14.86 -10.23
CA VAL A 279 -22.26 13.65 -10.62
C VAL A 279 -21.29 12.55 -11.08
N GLU A 280 -20.32 12.91 -11.92
CA GLU A 280 -19.36 11.91 -12.40
C GLU A 280 -18.40 11.46 -11.30
N TRP A 281 -18.24 12.25 -10.25
CA TRP A 281 -17.46 11.82 -9.10
C TRP A 281 -18.28 11.01 -8.12
N GLY A 282 -19.44 10.50 -8.56
CA GLY A 282 -20.29 9.73 -7.68
C GLY A 282 -20.72 10.49 -6.45
N CYS A 283 -20.95 11.80 -6.57
CA CYS A 283 -21.28 12.65 -5.42
C CYS A 283 -20.23 12.54 -4.31
N GLY A 284 -18.99 12.19 -4.65
CA GLY A 284 -17.94 12.03 -3.66
C GLY A 284 -17.72 10.61 -3.17
N MET A 285 -18.44 9.63 -3.72
CA MET A 285 -18.44 8.28 -3.18
C MET A 285 -18.06 7.22 -4.21
N ALA A 286 -17.42 7.59 -5.31
CA ALA A 286 -17.12 6.64 -6.39
C ALA A 286 -15.73 6.05 -6.31
N HIS A 287 -14.97 6.36 -5.26
CA HIS A 287 -13.61 5.85 -5.09
C HIS A 287 -12.75 6.22 -6.30
N LYS A 288 -12.96 7.41 -6.85
CA LYS A 288 -12.14 7.93 -7.95
C LYS A 288 -11.06 8.80 -7.31
N THR A 289 -9.92 8.18 -6.99
CA THR A 289 -8.86 8.86 -6.26
C THR A 289 -8.11 9.84 -7.17
N ILE A 290 -7.79 11.01 -6.63
CA ILE A 290 -7.09 12.07 -7.36
C ILE A 290 -5.78 12.35 -6.66
N LYS A 291 -4.67 12.18 -7.37
CA LYS A 291 -3.32 12.45 -6.86
C LYS A 291 -2.63 13.50 -7.72
N GLY A 292 -1.57 14.07 -7.17
CA GLY A 292 -0.78 14.97 -7.97
C GLY A 292 0.53 15.33 -7.31
N GLY A 293 1.65 15.08 -7.98
CA GLY A 293 2.91 15.24 -7.31
C GLY A 293 4.10 15.69 -8.15
N LEU A 294 4.91 16.53 -7.52
CA LEU A 294 6.24 16.88 -8.01
C LEU A 294 7.12 15.63 -8.11
N CYS A 295 7.98 15.60 -9.13
CA CYS A 295 8.80 14.42 -9.37
C CYS A 295 9.83 14.22 -8.26
N PRO A 296 10.13 12.98 -7.90
CA PRO A 296 11.24 12.71 -6.99
C PRO A 296 12.57 13.10 -7.63
N GLY A 297 13.52 13.47 -6.76
CA GLY A 297 14.90 13.71 -7.11
C GLY A 297 15.85 12.96 -6.18
N GLY A 298 17.06 13.49 -6.07
CA GLY A 298 18.08 12.89 -5.23
C GLY A 298 18.92 11.85 -5.96
N ARG A 299 20.02 11.45 -5.31
CA ARG A 299 20.95 10.51 -5.93
C ARG A 299 20.29 9.15 -6.22
N LEU A 300 19.50 8.62 -5.28
CA LEU A 300 18.94 7.28 -5.45
C LEU A 300 18.03 7.22 -6.67
N ARG A 301 17.11 8.19 -6.78
CA ARG A 301 16.22 8.23 -7.94
C ARG A 301 17.01 8.34 -9.23
N ALA A 302 18.01 9.23 -9.25
CA ALA A 302 18.78 9.45 -10.46
C ALA A 302 19.55 8.19 -10.87
N GLU A 303 20.14 7.49 -9.89
CA GLU A 303 20.88 6.26 -10.20
C GLU A 303 19.93 5.14 -10.65
N MET A 304 18.74 5.05 -10.05
CA MET A 304 17.82 4.01 -10.48
C MET A 304 17.31 4.27 -11.90
N LEU A 305 16.97 5.52 -12.23
CA LEU A 305 16.55 5.80 -13.61
C LEU A 305 17.72 5.65 -14.57
N ARG A 306 18.91 6.07 -14.15
CA ARG A 306 20.10 5.87 -14.98
C ARG A 306 20.27 4.39 -15.34
N ASP A 307 20.08 3.49 -14.38
CA ASP A 307 20.19 2.08 -14.69
C ASP A 307 19.13 1.65 -15.70
N MET A 308 17.91 2.20 -15.61
CA MET A 308 16.89 1.89 -16.62
C MET A 308 17.35 2.29 -18.00
N VAL A 309 17.97 3.46 -18.13
CA VAL A 309 18.45 3.89 -19.45
C VAL A 309 19.59 2.98 -19.91
N VAL A 310 20.54 2.68 -19.02
CA VAL A 310 21.70 1.88 -19.40
C VAL A 310 21.31 0.48 -19.88
N TYR A 311 20.31 -0.11 -19.24
CA TYR A 311 19.81 -1.41 -19.63
C TYR A 311 18.67 -1.32 -20.66
N ASN A 312 18.50 -0.15 -21.28
CA ASN A 312 17.60 0.01 -22.43
C ASN A 312 16.15 -0.31 -22.10
N ARG A 313 15.71 0.03 -20.90
CA ARG A 313 14.30 -0.14 -20.60
C ARG A 313 13.46 0.90 -21.30
N VAL A 314 14.07 2.05 -21.63
CA VAL A 314 13.39 3.14 -22.33
C VAL A 314 14.44 3.83 -23.20
N ASP A 315 14.04 4.22 -24.41
CA ASP A 315 14.92 4.93 -25.33
C ASP A 315 14.54 6.41 -25.25
N LEU A 316 15.36 7.20 -24.56
CA LEU A 316 15.05 8.61 -24.37
C LEU A 316 15.35 9.49 -25.59
N SER A 317 16.09 8.97 -26.59
CA SER A 317 16.51 9.82 -27.69
C SER A 317 15.32 10.39 -28.46
N LYS A 318 14.20 9.69 -28.45
CA LYS A 318 13.01 10.10 -29.20
C LYS A 318 12.36 11.38 -28.64
N LEU A 319 12.74 11.82 -27.43
CA LEU A 319 12.21 13.06 -26.87
C LEU A 319 12.87 14.30 -27.49
N VAL A 320 14.10 14.18 -27.98
CA VAL A 320 14.91 15.33 -28.36
C VAL A 320 14.80 15.53 -29.86
N THR A 321 14.06 16.55 -30.26
CA THR A 321 13.87 16.87 -31.66
C THR A 321 14.77 18.00 -32.14
N HIS A 322 15.31 18.81 -31.23
CA HIS A 322 16.10 19.99 -31.56
C HIS A 322 17.37 19.98 -30.72
N VAL A 323 18.53 20.15 -31.35
CA VAL A 323 19.79 20.22 -30.62
C VAL A 323 20.52 21.48 -31.06
N TYR A 324 20.83 22.35 -30.10
CA TYR A 324 21.63 23.56 -30.26
C TYR A 324 22.98 23.40 -29.58
N HIS A 325 23.95 24.19 -30.04
CA HIS A 325 25.30 24.19 -29.48
C HIS A 325 25.68 25.60 -29.09
N GLY A 326 25.93 25.84 -27.80
CA GLY A 326 26.40 27.16 -27.41
C GLY A 326 25.48 27.91 -26.47
N PHE A 327 26.04 28.56 -25.45
CA PHE A 327 25.24 29.39 -24.55
C PHE A 327 24.31 30.32 -25.30
N ASP A 328 24.77 30.84 -26.45
CA ASP A 328 23.99 31.83 -27.18
C ASP A 328 22.60 31.33 -27.56
N HIS A 329 22.41 30.02 -27.66
CA HIS A 329 21.13 29.48 -28.08
C HIS A 329 20.18 29.15 -26.92
N ILE A 330 20.59 29.40 -25.68
CA ILE A 330 19.68 29.12 -24.55
C ILE A 330 18.42 29.96 -24.65
N GLU A 331 18.56 31.24 -24.98
CA GLU A 331 17.40 32.11 -25.09
C GLU A 331 16.44 31.63 -26.16
N GLU A 332 16.96 31.35 -27.36
CA GLU A 332 16.12 30.86 -28.45
C GLU A 332 15.40 29.57 -28.06
N ALA A 333 16.11 28.65 -27.40
CA ALA A 333 15.50 27.37 -27.03
C ALA A 333 14.37 27.56 -26.02
N LEU A 334 14.58 28.41 -25.01
CA LEU A 334 13.51 28.62 -24.03
C LEU A 334 12.30 29.28 -24.67
N LEU A 335 12.53 30.30 -25.50
CA LEU A 335 11.42 30.95 -26.20
C LEU A 335 10.68 29.96 -27.09
N LEU A 336 11.38 28.93 -27.56
CA LEU A 336 10.74 27.87 -28.34
C LEU A 336 9.65 27.16 -27.54
N MET A 337 9.90 26.93 -26.24
CA MET A 337 8.90 26.34 -25.36
C MET A 337 7.68 27.25 -25.16
N LYS A 338 7.83 28.56 -25.36
CA LYS A 338 6.70 29.47 -25.25
C LYS A 338 5.80 29.39 -26.49
N ASP A 339 6.41 29.35 -27.67
CA ASP A 339 5.68 29.36 -28.94
C ASP A 339 5.32 27.96 -29.42
N LYS A 340 6.17 26.97 -29.16
CA LYS A 340 5.92 25.57 -29.48
C LYS A 340 5.58 25.35 -30.95
N PRO A 341 6.57 25.34 -31.85
CA PRO A 341 6.29 24.91 -33.22
C PRO A 341 5.84 23.46 -33.23
N LYS A 342 5.11 23.10 -34.29
CA LYS A 342 4.42 21.81 -34.32
C LYS A 342 5.37 20.62 -34.22
N ASP A 343 6.66 20.79 -34.51
CA ASP A 343 7.58 19.65 -34.56
C ASP A 343 8.56 19.63 -33.39
N LEU A 344 8.31 20.37 -32.33
CA LEU A 344 9.19 20.38 -31.16
C LEU A 344 8.64 19.47 -30.07
N ILE A 345 9.52 18.68 -29.47
CA ILE A 345 9.15 17.97 -28.25
C ILE A 345 10.03 18.55 -27.15
N LYS A 346 11.30 18.17 -27.12
CA LYS A 346 12.27 18.81 -26.25
C LYS A 346 13.46 19.27 -27.07
N ALA A 347 14.06 20.37 -26.62
CA ALA A 347 15.30 20.90 -27.18
C ALA A 347 16.40 20.76 -26.14
N VAL A 348 17.62 20.43 -26.60
CA VAL A 348 18.79 20.37 -25.74
C VAL A 348 19.83 21.34 -26.29
N VAL A 349 20.44 22.12 -25.40
CA VAL A 349 21.56 22.98 -25.74
C VAL A 349 22.83 22.32 -25.22
N ILE A 350 23.80 22.08 -26.11
CA ILE A 350 25.10 21.50 -25.77
C ILE A 350 26.11 22.61 -25.51
N LEU A 351 26.74 22.58 -24.34
CA LEU A 351 27.76 23.57 -24.02
C LEU A 351 29.13 22.94 -24.29
N HIS A 352 30.07 23.73 -24.79
CA HIS A 352 31.32 23.17 -25.29
C HIS A 352 32.40 23.09 -24.23
N MET B 1 -48.35 -5.04 1.46
CA MET B 1 -47.68 -4.47 2.62
C MET B 1 -47.59 -2.94 2.52
N LYS B 2 -47.39 -2.28 3.67
CA LYS B 2 -47.26 -0.84 3.73
C LYS B 2 -45.79 -0.45 3.74
N GLY B 3 -45.51 0.69 3.13
CA GLY B 3 -44.15 1.22 3.12
C GLY B 3 -44.17 2.71 2.94
N PHE B 4 -43.17 3.38 3.50
CA PHE B 4 -43.02 4.82 3.39
C PHE B 4 -42.04 5.16 2.27
N ALA B 5 -42.51 5.88 1.26
CA ALA B 5 -41.81 5.89 -0.02
C ALA B 5 -41.57 7.31 -0.54
N MET B 6 -40.57 7.40 -1.43
CA MET B 6 -40.38 8.54 -2.31
C MET B 6 -41.34 8.38 -3.48
N LEU B 7 -42.43 9.15 -3.48
CA LEU B 7 -43.33 9.12 -4.63
C LEU B 7 -42.66 9.72 -5.86
N GLY B 8 -42.05 10.88 -5.70
CA GLY B 8 -41.20 11.48 -6.70
C GLY B 8 -40.28 12.44 -6.01
N ILE B 9 -39.71 13.36 -6.78
CA ILE B 9 -38.96 14.46 -6.19
C ILE B 9 -39.92 15.35 -5.41
N ASN B 10 -39.59 15.63 -4.15
CA ASN B 10 -40.38 16.48 -3.25
C ASN B 10 -41.69 15.87 -2.83
N LYS B 11 -41.87 14.56 -2.97
CA LYS B 11 -43.11 13.90 -2.59
C LYS B 11 -42.79 12.62 -1.84
N LEU B 12 -43.17 12.62 -0.56
CA LEU B 12 -43.08 11.47 0.32
C LEU B 12 -44.49 10.97 0.62
N GLY B 13 -44.59 9.70 0.95
CA GLY B 13 -45.89 9.17 1.34
C GLY B 13 -45.81 7.68 1.61
N TRP B 14 -46.82 7.23 2.34
CA TRP B 14 -47.07 5.80 2.56
C TRP B 14 -47.69 5.20 1.31
N ILE B 15 -47.23 4.01 0.94
CA ILE B 15 -47.85 3.30 -0.17
C ILE B 15 -48.14 1.86 0.22
N GLU B 16 -49.11 1.28 -0.49
CA GLU B 16 -49.38 -0.16 -0.44
C GLU B 16 -48.57 -0.83 -1.53
N LYS B 17 -48.01 -1.99 -1.21
CA LYS B 17 -47.10 -2.63 -2.16
C LYS B 17 -47.17 -4.14 -1.96
N GLU B 18 -46.87 -4.86 -3.03
CA GLU B 18 -46.74 -6.31 -2.93
C GLU B 18 -45.52 -6.68 -2.08
N ARG B 19 -45.68 -7.72 -1.27
CA ARG B 19 -44.56 -8.21 -0.47
C ARG B 19 -43.52 -8.84 -1.39
N PRO B 20 -42.23 -8.52 -1.23
CA PRO B 20 -41.22 -9.13 -2.08
C PRO B 20 -41.09 -10.61 -1.78
N VAL B 21 -40.71 -11.37 -2.81
CA VAL B 21 -40.51 -12.81 -2.71
C VAL B 21 -39.02 -13.10 -2.87
N ALA B 22 -38.51 -14.06 -2.10
CA ALA B 22 -37.09 -14.33 -2.13
C ALA B 22 -36.76 -15.28 -3.28
N GLY B 23 -35.76 -14.89 -4.07
CA GLY B 23 -35.17 -15.80 -5.01
C GLY B 23 -34.35 -16.86 -4.29
N SER B 24 -33.75 -17.74 -5.09
CA SER B 24 -33.08 -18.93 -4.56
C SER B 24 -31.99 -18.58 -3.53
N TYR B 25 -31.36 -17.41 -3.64
CA TYR B 25 -30.25 -17.04 -2.77
C TYR B 25 -30.57 -15.87 -1.84
N ASP B 26 -31.82 -15.46 -1.75
CA ASP B 26 -32.16 -14.24 -1.05
C ASP B 26 -32.87 -14.53 0.27
N ALA B 27 -33.08 -13.46 1.04
CA ALA B 27 -33.89 -13.50 2.25
C ALA B 27 -34.90 -12.37 2.26
N ILE B 28 -36.08 -12.65 2.82
CA ILE B 28 -37.05 -11.62 3.16
C ILE B 28 -36.95 -11.35 4.66
N VAL B 29 -36.79 -10.08 5.02
CA VAL B 29 -36.55 -9.68 6.40
C VAL B 29 -37.66 -8.72 6.83
N ARG B 30 -38.09 -8.86 8.08
CA ARG B 30 -39.00 -7.94 8.75
C ARG B 30 -38.19 -7.04 9.68
N PRO B 31 -38.28 -5.72 9.55
CA PRO B 31 -37.44 -4.85 10.39
C PRO B 31 -37.85 -4.87 11.86
N LEU B 32 -36.84 -4.88 12.74
CA LEU B 32 -37.07 -4.71 14.17
C LEU B 32 -36.77 -3.29 14.65
N ALA B 33 -35.83 -2.59 13.99
CA ALA B 33 -35.48 -1.21 14.29
C ALA B 33 -34.84 -0.63 13.04
N VAL B 34 -35.16 0.63 12.75
CA VAL B 34 -34.66 1.29 11.55
C VAL B 34 -34.23 2.70 11.94
N SER B 35 -33.47 3.32 11.04
CA SER B 35 -33.00 4.67 11.23
C SER B 35 -33.07 5.44 9.92
N PRO B 36 -33.48 6.71 9.97
CA PRO B 36 -33.40 7.57 8.78
C PRO B 36 -32.02 8.17 8.59
N CYS B 37 -31.66 8.38 7.33
CA CYS B 37 -30.36 8.91 6.94
C CYS B 37 -30.53 10.25 6.24
N THR B 38 -29.57 11.15 6.44
CA THR B 38 -29.62 12.42 5.70
C THR B 38 -29.51 12.19 4.20
N SER B 39 -28.95 11.05 3.78
CA SER B 39 -28.80 10.78 2.35
C SER B 39 -30.14 10.67 1.67
N ASP B 40 -31.17 10.19 2.39
CA ASP B 40 -32.48 10.11 1.78
C ASP B 40 -33.06 11.49 1.51
N ILE B 41 -32.68 12.49 2.32
CA ILE B 41 -33.14 13.86 2.07
C ILE B 41 -32.51 14.40 0.78
N HIS B 42 -31.21 14.14 0.57
CA HIS B 42 -30.56 14.51 -0.69
C HIS B 42 -31.26 13.86 -1.89
N THR B 43 -31.56 12.57 -1.77
CA THR B 43 -32.15 11.83 -2.88
C THR B 43 -33.54 12.36 -3.23
N VAL B 44 -34.39 12.56 -2.21
CA VAL B 44 -35.77 12.95 -2.46
C VAL B 44 -35.86 14.43 -2.83
N PHE B 45 -35.28 15.30 -2.00
CA PHE B 45 -35.54 16.73 -2.13
C PHE B 45 -34.50 17.45 -2.97
N GLU B 46 -33.42 16.78 -3.36
CA GLU B 46 -32.48 17.36 -4.29
C GLU B 46 -32.37 16.57 -5.58
N GLY B 47 -33.03 15.41 -5.66
CA GLY B 47 -32.89 14.57 -6.84
C GLY B 47 -31.46 14.27 -7.17
N ALA B 48 -30.64 14.02 -6.13
CA ALA B 48 -29.21 13.87 -6.35
C ALA B 48 -28.89 12.60 -7.12
N LEU B 49 -29.75 11.58 -7.07
CA LEU B 49 -29.52 10.33 -7.78
C LEU B 49 -30.48 10.13 -8.94
N GLY B 50 -31.15 11.18 -9.40
CA GLY B 50 -32.18 11.06 -10.42
C GLY B 50 -33.56 10.96 -9.82
N ASP B 51 -34.54 10.74 -10.69
CA ASP B 51 -35.93 10.66 -10.25
C ASP B 51 -36.32 9.21 -9.99
N ARG B 52 -37.24 9.03 -9.06
CA ARG B 52 -37.73 7.73 -8.65
C ARG B 52 -39.24 7.83 -8.53
N LYS B 53 -39.93 6.69 -8.67
CA LYS B 53 -41.38 6.67 -8.46
C LYS B 53 -41.72 5.50 -7.57
N ASN B 54 -42.26 5.80 -6.38
CA ASN B 54 -42.73 4.81 -5.41
C ASN B 54 -41.62 3.88 -4.93
N MET B 55 -40.45 4.45 -4.63
CA MET B 55 -39.36 3.69 -4.03
C MET B 55 -39.45 3.81 -2.51
N ILE B 56 -39.64 2.68 -1.84
CA ILE B 56 -39.64 2.66 -0.39
C ILE B 56 -38.27 3.10 0.11
N LEU B 57 -38.25 3.96 1.13
CA LEU B 57 -37.02 4.57 1.61
C LEU B 57 -36.37 3.73 2.73
N GLY B 58 -35.22 4.22 3.21
CA GLY B 58 -34.54 3.64 4.35
C GLY B 58 -33.52 2.57 4.02
N HIS B 59 -32.35 2.60 4.68
CA HIS B 59 -31.37 1.54 4.43
C HIS B 59 -30.56 1.20 5.68
N GLU B 60 -31.06 1.53 6.86
CA GLU B 60 -30.41 1.21 8.12
C GLU B 60 -31.41 0.41 8.93
N ALA B 61 -31.18 -0.89 9.05
CA ALA B 61 -32.15 -1.74 9.72
C ALA B 61 -31.44 -2.93 10.37
N VAL B 62 -31.99 -3.38 11.50
CA VAL B 62 -31.76 -4.73 11.97
C VAL B 62 -33.11 -5.40 11.96
N GLY B 63 -33.12 -6.71 11.70
CA GLY B 63 -34.39 -7.36 11.51
C GLY B 63 -34.40 -8.84 11.84
N GLU B 64 -35.54 -9.46 11.56
CA GLU B 64 -35.76 -10.88 11.73
C GLU B 64 -36.01 -11.47 10.36
N VAL B 65 -35.25 -12.52 10.01
CA VAL B 65 -35.49 -13.22 8.76
C VAL B 65 -36.83 -13.93 8.88
N VAL B 66 -37.71 -13.70 7.91
CA VAL B 66 -38.98 -14.41 7.87
C VAL B 66 -39.02 -15.47 6.77
N GLU B 67 -38.18 -15.36 5.74
CA GLU B 67 -38.21 -16.29 4.62
C GLU B 67 -36.86 -16.27 3.92
N VAL B 68 -36.40 -17.45 3.48
CA VAL B 68 -35.14 -17.58 2.74
C VAL B 68 -35.36 -18.44 1.50
N GLY B 69 -34.50 -18.23 0.50
CA GLY B 69 -34.51 -19.07 -0.68
C GLY B 69 -33.97 -20.45 -0.42
N SER B 70 -34.23 -21.35 -1.38
CA SER B 70 -33.87 -22.75 -1.24
C SER B 70 -32.36 -22.99 -1.17
N GLU B 71 -31.55 -22.03 -1.61
CA GLU B 71 -30.11 -22.22 -1.57
C GLU B 71 -29.43 -21.47 -0.42
N VAL B 72 -30.20 -20.77 0.41
CA VAL B 72 -29.62 -20.08 1.57
C VAL B 72 -29.26 -21.11 2.62
N LYS B 73 -28.03 -21.06 3.10
CA LYS B 73 -27.51 -22.09 3.96
C LYS B 73 -27.19 -21.64 5.38
N ASP B 74 -26.85 -20.36 5.60
CA ASP B 74 -26.42 -19.90 6.92
C ASP B 74 -27.48 -19.12 7.68
N PHE B 75 -28.60 -18.79 7.04
CA PHE B 75 -29.65 -18.05 7.70
C PHE B 75 -30.97 -18.76 7.48
N LYS B 76 -31.85 -18.64 8.45
CA LYS B 76 -33.11 -19.33 8.47
C LYS B 76 -34.15 -18.40 9.08
N PRO B 77 -35.43 -18.63 8.79
CA PRO B 77 -36.48 -17.82 9.43
C PRO B 77 -36.37 -17.90 10.94
N GLY B 78 -36.51 -16.76 11.62
CA GLY B 78 -36.33 -16.65 13.04
C GLY B 78 -35.01 -16.03 13.43
N ASP B 79 -34.00 -16.12 12.56
CA ASP B 79 -32.72 -15.48 12.81
C ASP B 79 -32.87 -13.97 12.84
N ARG B 80 -32.21 -13.34 13.80
CA ARG B 80 -32.12 -11.89 13.89
C ARG B 80 -30.78 -11.43 13.33
N VAL B 81 -30.81 -10.43 12.45
CA VAL B 81 -29.67 -10.10 11.60
C VAL B 81 -29.38 -8.61 11.59
N ILE B 82 -28.11 -8.28 11.42
CA ILE B 82 -27.70 -6.93 11.05
C ILE B 82 -27.66 -6.87 9.53
N VAL B 83 -28.29 -5.86 8.95
CA VAL B 83 -28.34 -5.72 7.51
C VAL B 83 -27.48 -4.51 7.12
N PRO B 84 -26.29 -4.71 6.56
CA PRO B 84 -25.49 -3.56 6.11
C PRO B 84 -26.23 -2.80 5.03
N CYS B 85 -26.05 -1.47 5.00
CA CYS B 85 -26.75 -0.66 4.01
C CYS B 85 -26.26 -0.96 2.60
N THR B 86 -25.01 -1.38 2.45
CA THR B 86 -24.47 -1.81 1.17
C THR B 86 -24.54 -3.34 1.07
N THR B 87 -25.29 -3.83 0.08
CA THR B 87 -25.51 -5.27 -0.11
C THR B 87 -25.14 -5.59 -1.55
N PRO B 88 -23.86 -5.77 -1.83
CA PRO B 88 -23.40 -5.86 -3.22
C PRO B 88 -23.87 -7.12 -3.92
N ASP B 89 -23.84 -7.05 -5.26
CA ASP B 89 -23.80 -8.25 -6.09
C ASP B 89 -22.38 -8.81 -6.08
N TRP B 90 -22.20 -9.98 -5.50
CA TRP B 90 -20.82 -10.41 -5.31
C TRP B 90 -20.23 -11.05 -6.55
N ARG B 91 -21.03 -11.40 -7.55
CA ARG B 91 -20.50 -11.99 -8.77
C ARG B 91 -20.48 -10.92 -9.87
N SER B 92 -19.43 -10.11 -9.83
CA SER B 92 -19.24 -9.09 -10.85
C SER B 92 -17.75 -8.90 -11.05
N LEU B 93 -17.39 -8.27 -12.17
CA LEU B 93 -16.00 -7.95 -12.39
C LEU B 93 -15.49 -6.88 -11.42
N GLU B 94 -16.36 -5.99 -10.91
CA GLU B 94 -15.88 -5.00 -9.95
C GLU B 94 -15.48 -5.64 -8.63
N VAL B 95 -16.16 -6.73 -8.25
CA VAL B 95 -15.73 -7.49 -7.07
C VAL B 95 -14.36 -8.10 -7.30
N GLN B 96 -14.13 -8.64 -8.52
CA GLN B 96 -12.82 -9.22 -8.81
C GLN B 96 -11.72 -8.17 -8.75
N ALA B 97 -12.04 -6.89 -8.95
CA ALA B 97 -11.05 -5.84 -8.81
C ALA B 97 -11.00 -5.25 -7.40
N GLY B 98 -11.82 -5.74 -6.48
CA GLY B 98 -11.78 -5.26 -5.11
C GLY B 98 -12.69 -4.10 -4.78
N PHE B 99 -13.71 -3.82 -5.58
CA PHE B 99 -14.58 -2.67 -5.33
C PHE B 99 -16.04 -3.16 -5.28
N GLN B 100 -16.37 -3.86 -4.18
CA GLN B 100 -17.74 -4.34 -3.93
C GLN B 100 -18.77 -3.23 -4.02
N GLN B 101 -18.41 -2.01 -3.59
CA GLN B 101 -19.39 -0.91 -3.57
C GLN B 101 -19.91 -0.55 -4.95
N HIS B 102 -19.16 -0.86 -6.00
CA HIS B 102 -19.52 -0.49 -7.36
C HIS B 102 -19.79 -1.70 -8.23
N SER B 103 -20.23 -2.79 -7.59
CA SER B 103 -20.61 -4.00 -8.29
C SER B 103 -21.76 -3.71 -9.27
N ASN B 104 -21.49 -3.94 -10.56
CA ASN B 104 -22.44 -3.70 -11.65
C ASN B 104 -22.79 -2.23 -11.82
N GLY B 105 -21.98 -1.33 -11.32
CA GLY B 105 -22.17 0.09 -11.61
C GLY B 105 -21.75 0.96 -10.45
N MET B 106 -21.54 2.24 -10.78
CA MET B 106 -21.16 3.24 -9.78
C MET B 106 -22.19 3.30 -8.67
N LEU B 107 -21.73 3.10 -7.43
CA LEU B 107 -22.53 3.08 -6.21
C LEU B 107 -23.55 1.94 -6.19
N ALA B 108 -23.53 1.06 -7.21
CA ALA B 108 -24.58 0.07 -7.34
C ALA B 108 -24.54 -1.02 -6.28
N GLY B 109 -23.46 -1.14 -5.50
CA GLY B 109 -23.50 -2.04 -4.36
C GLY B 109 -24.43 -1.57 -3.24
N TRP B 110 -24.76 -0.28 -3.20
CA TRP B 110 -25.74 0.28 -2.26
C TRP B 110 -27.09 0.28 -2.96
N LYS B 111 -27.98 -0.66 -2.59
CA LYS B 111 -29.27 -0.77 -3.29
C LYS B 111 -30.43 -0.09 -2.55
N PHE B 112 -30.61 -0.36 -1.24
CA PHE B 112 -31.75 0.18 -0.49
C PHE B 112 -31.83 1.70 -0.57
N SER B 113 -32.98 2.20 -1.02
CA SER B 113 -33.29 3.62 -1.17
C SER B 113 -32.34 4.31 -2.14
N ASN B 114 -31.58 3.54 -2.91
CA ASN B 114 -30.91 4.04 -4.10
C ASN B 114 -31.71 3.70 -5.35
N PHE B 115 -31.84 2.40 -5.66
CA PHE B 115 -32.71 1.96 -6.75
C PHE B 115 -33.54 0.73 -6.36
N LYS B 116 -33.56 0.36 -5.09
CA LYS B 116 -34.28 -0.80 -4.60
C LYS B 116 -35.14 -0.35 -3.42
N ASP B 117 -36.35 -0.90 -3.32
CA ASP B 117 -37.21 -0.63 -2.17
C ASP B 117 -36.43 -0.86 -0.88
N GLY B 118 -36.50 0.12 0.01
CA GLY B 118 -35.70 0.11 1.22
C GLY B 118 -36.38 -0.57 2.39
N VAL B 119 -35.89 -0.24 3.59
CA VAL B 119 -36.29 -0.96 4.79
C VAL B 119 -37.44 -0.32 5.53
N PHE B 120 -37.96 0.83 5.08
CA PHE B 120 -39.11 1.44 5.73
C PHE B 120 -40.43 0.80 5.28
N GLY B 121 -40.49 -0.53 5.29
CA GLY B 121 -41.71 -1.25 4.99
C GLY B 121 -41.86 -2.42 5.94
N GLU B 122 -43.00 -3.10 5.85
CA GLU B 122 -43.23 -4.25 6.73
C GLU B 122 -42.25 -5.37 6.44
N TYR B 123 -41.83 -5.51 5.19
CA TYR B 123 -40.81 -6.46 4.80
C TYR B 123 -39.93 -5.79 3.76
N PHE B 124 -38.71 -6.30 3.64
CA PHE B 124 -37.83 -5.89 2.54
C PHE B 124 -37.01 -7.10 2.13
N HIS B 125 -36.34 -6.95 0.98
CA HIS B 125 -35.65 -8.03 0.30
C HIS B 125 -34.15 -7.84 0.46
N VAL B 126 -33.44 -8.91 0.81
CA VAL B 126 -31.98 -8.91 0.88
C VAL B 126 -31.46 -9.87 -0.19
N ASN B 127 -30.66 -9.36 -1.12
CA ASN B 127 -30.04 -10.20 -2.14
C ASN B 127 -28.82 -10.93 -1.57
N ASP B 128 -28.69 -12.21 -1.90
CA ASP B 128 -27.57 -13.06 -1.49
C ASP B 128 -27.37 -13.04 0.03
N ALA B 129 -28.34 -13.66 0.73
CA ALA B 129 -28.36 -13.64 2.21
C ALA B 129 -27.07 -14.17 2.82
N ASP B 130 -26.54 -15.29 2.30
CA ASP B 130 -25.34 -15.87 2.87
C ASP B 130 -24.13 -14.94 2.75
N MET B 131 -24.14 -14.01 1.79
CA MET B 131 -23.03 -13.10 1.57
C MET B 131 -23.25 -11.71 2.17
N ASN B 132 -24.49 -11.37 2.54
CA ASN B 132 -24.81 -9.98 2.84
C ASN B 132 -25.50 -9.78 4.19
N LEU B 133 -25.64 -10.81 5.02
CA LEU B 133 -26.24 -10.68 6.35
C LEU B 133 -25.22 -11.08 7.41
N ALA B 134 -25.44 -10.61 8.65
CA ALA B 134 -24.69 -11.05 9.81
C ALA B 134 -25.64 -11.22 10.98
N ILE B 135 -25.35 -12.20 11.84
CA ILE B 135 -26.22 -12.47 12.98
C ILE B 135 -26.15 -11.34 14.00
N LEU B 136 -27.30 -10.94 14.51
CA LEU B 136 -27.37 -9.93 15.56
C LEU B 136 -27.12 -10.61 16.90
N PRO B 137 -26.11 -10.18 17.67
CA PRO B 137 -25.83 -10.84 18.95
C PRO B 137 -26.98 -10.68 19.92
N LYS B 138 -27.17 -11.73 20.74
CA LYS B 138 -28.35 -11.85 21.58
C LYS B 138 -28.51 -10.64 22.51
N ASP B 139 -27.42 -10.08 22.99
CA ASP B 139 -27.43 -9.08 24.05
C ASP B 139 -27.18 -7.65 23.54
N MET B 140 -27.15 -7.44 22.24
CA MET B 140 -26.85 -6.11 21.72
C MET B 140 -28.12 -5.28 21.60
N PRO B 141 -28.18 -4.10 22.21
CA PRO B 141 -29.36 -3.24 22.04
C PRO B 141 -29.59 -2.91 20.57
N LEU B 142 -30.87 -2.90 20.19
CA LEU B 142 -31.22 -2.71 18.78
C LEU B 142 -30.74 -1.36 18.27
N GLU B 143 -30.89 -0.31 19.07
CA GLU B 143 -30.50 1.03 18.63
C GLU B 143 -28.99 1.12 18.39
N ASN B 144 -28.20 0.40 19.19
CA ASN B 144 -26.76 0.33 18.93
C ASN B 144 -26.48 -0.39 17.63
N ALA B 145 -27.14 -1.53 17.42
CA ALA B 145 -26.87 -2.37 16.25
C ALA B 145 -27.23 -1.67 14.95
N VAL B 146 -28.28 -0.84 14.94
CA VAL B 146 -28.65 -0.13 13.71
C VAL B 146 -27.53 0.83 13.28
N MET B 147 -26.75 1.34 14.24
CA MET B 147 -25.65 2.25 13.93
C MET B 147 -24.52 1.54 13.19
N ILE B 148 -24.45 0.20 13.27
CA ILE B 148 -23.41 -0.54 12.54
C ILE B 148 -23.65 -0.46 11.04
N THR B 149 -24.91 -0.52 10.61
CA THR B 149 -25.26 -0.77 9.22
C THR B 149 -24.80 0.33 8.27
N ASP B 150 -24.54 1.54 8.78
CA ASP B 150 -24.28 2.68 7.93
C ASP B 150 -23.36 3.67 8.64
N MET B 151 -23.77 4.18 9.79
CA MET B 151 -22.94 5.18 10.45
C MET B 151 -21.53 4.64 10.77
N MET B 152 -21.44 3.46 11.39
CA MET B 152 -20.12 2.95 11.78
C MET B 152 -19.28 2.59 10.55
N THR B 153 -19.84 1.85 9.60
CA THR B 153 -19.06 1.45 8.44
C THR B 153 -18.66 2.66 7.59
N THR B 154 -19.53 3.67 7.48
CA THR B 154 -19.16 4.86 6.71
C THR B 154 -18.08 5.67 7.41
N GLY B 155 -18.29 6.00 8.70
CA GLY B 155 -17.28 6.77 9.41
C GLY B 155 -15.93 6.07 9.48
N PHE B 156 -15.95 4.76 9.74
CA PHE B 156 -14.69 4.03 9.80
C PHE B 156 -14.04 3.95 8.42
N HIS B 157 -14.84 3.85 7.35
CA HIS B 157 -14.26 3.85 6.00
C HIS B 157 -13.55 5.17 5.75
N GLY B 158 -14.08 6.27 6.29
CA GLY B 158 -13.40 7.54 6.21
C GLY B 158 -12.01 7.49 6.82
N ALA B 159 -11.89 6.86 7.98
CA ALA B 159 -10.59 6.73 8.63
C ALA B 159 -9.69 5.75 7.88
N GLU B 160 -10.29 4.73 7.25
CA GLU B 160 -9.49 3.78 6.46
C GLU B 160 -8.94 4.43 5.20
N LEU B 161 -9.78 5.14 4.45
CA LEU B 161 -9.31 5.85 3.27
C LEU B 161 -8.25 6.89 3.63
N ALA B 162 -8.34 7.45 4.83
CA ALA B 162 -7.40 8.47 5.24
C ALA B 162 -5.98 7.92 5.49
N ASP B 163 -5.78 6.60 5.56
CA ASP B 163 -4.45 6.01 5.76
C ASP B 163 -3.74 6.63 6.98
N ILE B 164 -4.41 6.62 8.12
CA ILE B 164 -3.89 7.27 9.31
C ILE B 164 -2.71 6.49 9.87
N GLN B 165 -1.72 7.22 10.39
CA GLN B 165 -0.56 6.62 11.03
C GLN B 165 -0.64 6.85 12.54
N MET B 166 0.19 6.10 13.27
CA MET B 166 0.28 6.28 14.71
C MET B 166 0.74 7.68 15.04
N GLY B 167 -0.15 8.53 15.55
CA GLY B 167 0.21 9.88 15.92
C GLY B 167 -0.14 10.93 14.89
N SER B 168 -0.75 10.54 13.77
CA SER B 168 -1.22 11.51 12.80
C SER B 168 -2.15 12.52 13.43
N SER B 169 -2.01 13.78 13.04
CA SER B 169 -3.02 14.78 13.35
C SER B 169 -4.11 14.73 12.29
N VAL B 170 -5.36 14.80 12.74
CA VAL B 170 -6.51 14.65 11.86
C VAL B 170 -7.50 15.79 12.15
N VAL B 171 -8.03 16.42 11.10
CA VAL B 171 -9.20 17.29 11.21
C VAL B 171 -10.40 16.54 10.66
N VAL B 172 -11.52 16.58 11.37
CA VAL B 172 -12.78 16.05 10.85
C VAL B 172 -13.74 17.22 10.68
N ILE B 173 -14.14 17.48 9.45
CA ILE B 173 -15.05 18.59 9.12
C ILE B 173 -16.47 18.07 9.10
N GLY B 174 -17.33 18.60 9.99
CA GLY B 174 -18.67 18.09 10.13
C GLY B 174 -18.78 16.96 11.14
N ILE B 175 -19.42 17.21 12.28
CA ILE B 175 -19.49 16.23 13.36
C ILE B 175 -20.93 15.80 13.59
N GLY B 176 -21.66 15.56 12.50
CA GLY B 176 -22.86 14.75 12.60
C GLY B 176 -22.48 13.30 12.86
N ALA B 177 -23.47 12.42 12.73
CA ALA B 177 -23.25 11.01 13.03
C ALA B 177 -22.06 10.42 12.27
N VAL B 178 -21.98 10.65 10.95
CA VAL B 178 -20.86 10.09 10.19
C VAL B 178 -19.53 10.66 10.67
N GLY B 179 -19.46 11.97 10.90
CA GLY B 179 -18.23 12.55 11.39
C GLY B 179 -17.83 12.06 12.78
N LEU B 180 -18.82 11.78 13.62
CA LEU B 180 -18.52 11.20 14.93
C LEU B 180 -17.85 9.83 14.80
N MET B 181 -18.35 9.00 13.89
CA MET B 181 -17.73 7.72 13.61
C MET B 181 -16.43 7.88 12.84
N GLY B 182 -16.25 8.97 12.10
CA GLY B 182 -14.92 9.27 11.58
C GLY B 182 -13.93 9.58 12.69
N ILE B 183 -14.38 10.31 13.72
CA ILE B 183 -13.53 10.60 14.88
C ILE B 183 -13.20 9.32 15.62
N ALA B 184 -14.22 8.51 15.91
CA ALA B 184 -13.99 7.24 16.57
C ALA B 184 -13.05 6.36 15.75
N GLY B 185 -13.28 6.31 14.43
CA GLY B 185 -12.42 5.49 13.59
C GLY B 185 -11.00 6.00 13.53
N ALA B 186 -10.83 7.33 13.44
CA ALA B 186 -9.49 7.89 13.42
C ALA B 186 -8.72 7.55 14.70
N LYS B 187 -9.40 7.63 15.86
CA LYS B 187 -8.75 7.24 17.11
C LYS B 187 -8.32 5.77 17.06
N LEU B 188 -9.18 4.91 16.53
CA LEU B 188 -8.89 3.48 16.43
C LEU B 188 -7.95 3.14 15.28
N ARG B 189 -7.45 4.14 14.55
CA ARG B 189 -6.31 3.94 13.65
C ARG B 189 -5.04 4.55 14.23
N GLY B 190 -5.09 5.10 15.43
CA GLY B 190 -3.92 5.56 16.14
C GLY B 190 -3.66 7.06 16.06
N ALA B 191 -4.65 7.84 15.64
CA ALA B 191 -4.45 9.28 15.51
C ALA B 191 -4.08 9.88 16.86
N GLY B 192 -3.18 10.87 16.84
CA GLY B 192 -2.92 11.65 18.03
C GLY B 192 -3.95 12.76 18.16
N ARG B 193 -3.60 13.95 17.66
CA ARG B 193 -4.52 15.09 17.72
C ARG B 193 -5.69 14.87 16.77
N ILE B 194 -6.92 15.05 17.26
CA ILE B 194 -8.11 15.01 16.42
C ILE B 194 -8.90 16.29 16.63
N ILE B 195 -9.03 17.10 15.58
CA ILE B 195 -9.76 18.36 15.62
C ILE B 195 -11.12 18.17 14.97
N GLY B 196 -12.19 18.37 15.73
CA GLY B 196 -13.55 18.33 15.20
C GLY B 196 -14.05 19.73 14.91
N VAL B 197 -14.76 19.85 13.78
CA VAL B 197 -15.29 21.13 13.31
C VAL B 197 -16.81 21.01 13.21
N ASP B 198 -17.52 21.82 14.00
CA ASP B 198 -18.98 21.85 13.98
C ASP B 198 -19.44 23.00 14.85
N TYR B 199 -20.76 23.26 14.83
CA TYR B 199 -21.31 24.32 15.66
C TYR B 199 -22.41 23.84 16.60
N ARG B 200 -22.70 22.54 16.64
CA ARG B 200 -23.82 22.02 17.43
C ARG B 200 -23.30 21.45 18.74
N PRO B 201 -23.74 21.99 19.90
CA PRO B 201 -23.13 21.56 21.17
C PRO B 201 -23.27 20.07 21.46
N ILE B 202 -24.41 19.44 21.12
CA ILE B 202 -24.55 18.01 21.41
C ILE B 202 -23.50 17.22 20.63
N CYS B 203 -23.21 17.64 19.39
CA CYS B 203 -22.20 16.92 18.63
C CYS B 203 -20.80 17.17 19.17
N VAL B 204 -20.59 18.35 19.77
CA VAL B 204 -19.29 18.66 20.35
C VAL B 204 -19.01 17.71 21.51
N GLU B 205 -20.00 17.54 22.40
CA GLU B 205 -19.81 16.65 23.54
C GLU B 205 -19.61 15.21 23.10
N ALA B 206 -20.37 14.76 22.08
CA ALA B 206 -20.16 13.41 21.57
C ALA B 206 -18.78 13.27 20.93
N ALA B 207 -18.34 14.30 20.21
CA ALA B 207 -17.03 14.23 19.57
C ALA B 207 -15.92 14.04 20.59
N LYS B 208 -16.00 14.78 21.71
CA LYS B 208 -15.02 14.59 22.77
C LYS B 208 -15.08 13.18 23.33
N PHE B 209 -16.30 12.65 23.51
CA PHE B 209 -16.46 11.25 23.92
C PHE B 209 -15.72 10.31 22.99
N TYR B 210 -15.86 10.50 21.68
CA TYR B 210 -15.28 9.54 20.75
C TYR B 210 -13.78 9.78 20.50
N GLY B 211 -13.22 10.89 20.97
CA GLY B 211 -11.78 11.03 20.88
C GLY B 211 -11.23 12.35 20.40
N ALA B 212 -12.11 13.32 20.13
CA ALA B 212 -11.63 14.63 19.70
C ALA B 212 -10.82 15.28 20.83
N THR B 213 -9.69 15.88 20.47
CA THR B 213 -8.87 16.61 21.42
C THR B 213 -9.07 18.11 21.34
N ASP B 214 -9.64 18.61 20.25
CA ASP B 214 -9.92 20.01 20.03
C ASP B 214 -11.21 20.11 19.23
N ILE B 215 -11.96 21.17 19.45
CA ILE B 215 -13.20 21.44 18.74
C ILE B 215 -13.15 22.87 18.20
N LEU B 216 -13.40 23.03 16.91
CA LEU B 216 -13.46 24.36 16.33
C LEU B 216 -14.89 24.67 15.90
N ASN B 217 -15.35 25.87 16.25
CA ASN B 217 -16.68 26.34 15.88
C ASN B 217 -16.54 27.31 14.74
N PRO B 218 -17.14 27.03 13.57
CA PRO B 218 -17.04 27.99 12.45
C PRO B 218 -17.60 29.36 12.76
N LYS B 219 -18.46 29.51 13.78
CA LYS B 219 -19.05 30.81 14.04
C LYS B 219 -18.03 31.82 14.55
N ASN B 220 -16.89 31.40 15.08
CA ASN B 220 -15.94 32.42 15.51
C ASN B 220 -14.71 32.46 14.60
N GLY B 221 -14.92 32.32 13.29
CA GLY B 221 -13.87 32.56 12.33
C GLY B 221 -13.68 31.51 11.25
N HIS B 222 -13.10 31.95 10.12
CA HIS B 222 -12.82 31.02 9.03
C HIS B 222 -12.02 29.82 9.54
N ILE B 223 -12.49 28.61 9.22
CA ILE B 223 -11.93 27.43 9.89
C ILE B 223 -10.49 27.18 9.47
N VAL B 224 -10.10 27.57 8.26
CA VAL B 224 -8.70 27.35 7.91
C VAL B 224 -7.79 28.20 8.80
N ASP B 225 -8.15 29.47 9.02
CA ASP B 225 -7.38 30.29 9.95
C ASP B 225 -7.36 29.67 11.34
N GLN B 226 -8.50 29.15 11.80
CA GLN B 226 -8.54 28.53 13.10
C GLN B 226 -7.61 27.32 13.16
N VAL B 227 -7.63 26.46 12.13
CA VAL B 227 -6.75 25.30 12.17
C VAL B 227 -5.29 25.74 12.13
N MET B 228 -4.96 26.73 11.29
CA MET B 228 -3.59 27.22 11.23
C MET B 228 -3.16 27.83 12.56
N LYS B 229 -4.08 28.45 13.28
CA LYS B 229 -3.74 28.97 14.60
C LYS B 229 -3.51 27.83 15.59
N LEU B 230 -4.33 26.77 15.53
CA LEU B 230 -4.13 25.63 16.43
C LEU B 230 -2.81 24.93 16.17
N THR B 231 -2.35 24.89 14.91
CA THR B 231 -1.17 24.12 14.54
C THR B 231 0.02 25.02 14.23
N ASN B 232 -0.01 26.27 14.70
CA ASN B 232 1.11 27.18 14.52
C ASN B 232 1.51 27.29 13.05
N GLY B 233 0.52 27.20 12.16
CA GLY B 233 0.77 27.35 10.74
C GLY B 233 1.25 26.10 10.04
N LYS B 234 1.31 24.96 10.74
CA LYS B 234 1.88 23.75 10.18
C LYS B 234 0.86 22.90 9.44
N GLY B 235 -0.43 23.05 9.73
CA GLY B 235 -1.43 22.20 9.13
C GLY B 235 -1.53 20.86 9.84
N VAL B 236 -2.34 19.96 9.26
CA VAL B 236 -2.58 18.63 9.81
C VAL B 236 -2.22 17.56 8.78
N ASP B 237 -2.05 16.32 9.27
CA ASP B 237 -1.66 15.21 8.42
C ASP B 237 -2.80 14.70 7.56
N ARG B 238 -4.03 14.73 8.08
CA ARG B 238 -5.17 14.10 7.44
C ARG B 238 -6.40 14.96 7.68
N VAL B 239 -7.30 15.00 6.70
CA VAL B 239 -8.60 15.64 6.86
C VAL B 239 -9.68 14.65 6.42
N ILE B 240 -10.70 14.46 7.24
CA ILE B 240 -11.87 13.68 6.84
C ILE B 240 -13.03 14.65 6.63
N MET B 241 -13.61 14.63 5.43
CA MET B 241 -14.76 15.47 5.08
C MET B 241 -16.03 14.69 5.33
N ALA B 242 -16.72 15.02 6.41
CA ALA B 242 -17.88 14.25 6.79
C ALA B 242 -19.18 15.05 6.75
N GLY B 243 -19.12 16.37 6.62
CA GLY B 243 -20.31 17.18 6.49
C GLY B 243 -19.98 18.54 5.93
N GLY B 244 -21.01 19.30 5.60
CA GLY B 244 -20.82 20.62 5.03
C GLY B 244 -21.03 20.64 3.53
N GLY B 245 -20.83 21.83 2.97
CA GLY B 245 -21.03 22.04 1.55
C GLY B 245 -19.82 21.64 0.74
N SER B 246 -19.91 21.94 -0.57
CA SER B 246 -18.84 21.57 -1.48
C SER B 246 -17.54 22.30 -1.16
N GLU B 247 -17.62 23.48 -0.52
CA GLU B 247 -16.40 24.22 -0.22
C GLU B 247 -15.53 23.54 0.83
N THR B 248 -16.04 22.53 1.52
CA THR B 248 -15.19 21.89 2.51
C THR B 248 -14.00 21.21 1.84
N LEU B 249 -14.09 20.85 0.55
CA LEU B 249 -12.92 20.29 -0.12
C LEU B 249 -11.81 21.33 -0.20
N SER B 250 -12.17 22.55 -0.61
CA SER B 250 -11.17 23.60 -0.66
C SER B 250 -10.57 23.85 0.71
N GLN B 251 -11.39 23.83 1.76
CA GLN B 251 -10.89 24.01 3.12
C GLN B 251 -9.95 22.88 3.51
N ALA B 252 -10.31 21.64 3.18
CA ALA B 252 -9.45 20.51 3.51
C ALA B 252 -8.09 20.65 2.85
N VAL B 253 -8.07 21.00 1.56
CA VAL B 253 -6.79 21.15 0.84
C VAL B 253 -5.92 22.20 1.51
N SER B 254 -6.53 23.29 1.98
CA SER B 254 -5.76 24.39 2.58
C SER B 254 -5.20 24.05 3.95
N MET B 255 -5.81 23.12 4.67
CA MET B 255 -5.31 22.87 6.00
C MET B 255 -4.42 21.63 6.10
N VAL B 256 -4.44 20.75 5.10
CA VAL B 256 -3.62 19.54 5.12
C VAL B 256 -2.20 19.87 4.66
N LYS B 257 -1.24 19.17 5.25
CA LYS B 257 0.16 19.31 4.88
C LYS B 257 0.45 18.74 3.49
N PRO B 258 1.50 19.22 2.82
CA PRO B 258 1.99 18.50 1.65
C PRO B 258 2.28 17.05 2.01
N GLY B 259 1.87 16.14 1.13
CA GLY B 259 1.93 14.72 1.40
C GLY B 259 0.73 14.15 2.13
N GLY B 260 -0.19 15.00 2.59
CA GLY B 260 -1.33 14.52 3.34
C GLY B 260 -2.41 13.92 2.46
N ILE B 261 -3.47 13.43 3.12
CA ILE B 261 -4.55 12.73 2.47
C ILE B 261 -5.87 13.34 2.93
N ILE B 262 -6.77 13.59 1.98
CA ILE B 262 -8.11 14.10 2.25
C ILE B 262 -9.09 12.99 1.92
N SER B 263 -9.95 12.67 2.87
CA SER B 263 -10.85 11.53 2.75
C SER B 263 -12.28 12.04 2.82
N ASN B 264 -13.02 11.89 1.71
CA ASN B 264 -14.40 12.35 1.66
C ASN B 264 -15.35 11.19 1.92
N ILE B 265 -16.21 11.33 2.91
CA ILE B 265 -17.32 10.42 3.07
C ILE B 265 -18.65 11.14 3.00
N ASN B 266 -18.62 12.47 2.83
CA ASN B 266 -19.82 13.29 2.68
C ASN B 266 -20.47 13.07 1.32
N TYR B 267 -21.80 12.87 1.32
CA TYR B 267 -22.57 12.72 0.08
C TYR B 267 -22.95 14.13 -0.38
N HIS B 268 -22.36 14.56 -1.50
CA HIS B 268 -22.52 15.90 -2.05
C HIS B 268 -23.70 15.92 -3.01
N GLY B 269 -24.83 16.48 -2.58
CA GLY B 269 -26.02 16.39 -3.42
C GLY B 269 -26.33 17.60 -4.27
N SER B 270 -25.63 18.71 -4.08
CA SER B 270 -25.95 19.94 -4.80
C SER B 270 -24.69 20.56 -5.38
N GLY B 271 -24.86 21.39 -6.39
CA GLY B 271 -23.70 22.00 -7.03
C GLY B 271 -23.20 21.20 -8.22
N ASP B 272 -22.61 21.91 -9.18
CA ASP B 272 -22.07 21.23 -10.35
C ASP B 272 -20.68 20.67 -10.11
N ALA B 273 -19.92 21.27 -9.21
CA ALA B 273 -18.49 20.99 -9.14
C ALA B 273 -17.94 21.31 -7.77
N LEU B 274 -16.96 20.52 -7.37
CA LEU B 274 -16.12 20.79 -6.22
C LEU B 274 -14.80 21.39 -6.72
N LEU B 275 -14.36 22.49 -6.12
CA LEU B 275 -13.18 23.19 -6.57
C LEU B 275 -11.96 22.74 -5.76
N ILE B 276 -10.88 22.39 -6.44
CA ILE B 276 -9.58 22.17 -5.80
C ILE B 276 -8.80 23.48 -5.90
N PRO B 277 -8.42 24.10 -4.78
CA PRO B 277 -7.70 25.38 -4.86
C PRO B 277 -6.28 25.18 -5.38
N ARG B 278 -5.93 25.93 -6.41
CA ARG B 278 -4.75 25.61 -7.22
C ARG B 278 -3.47 25.77 -6.42
N VAL B 279 -3.24 26.96 -5.85
CA VAL B 279 -2.00 27.23 -5.15
C VAL B 279 -1.86 26.33 -3.93
N GLU B 280 -2.95 26.15 -3.17
CA GLU B 280 -2.91 25.32 -1.99
C GLU B 280 -2.72 23.85 -2.34
N TRP B 281 -3.04 23.45 -3.57
CA TRP B 281 -2.76 22.12 -4.06
C TRP B 281 -1.38 22.05 -4.70
N GLY B 282 -0.51 23.01 -4.39
CA GLY B 282 0.82 23.04 -4.98
C GLY B 282 0.81 23.11 -6.49
N CYS B 283 -0.18 23.80 -7.06
CA CYS B 283 -0.35 23.86 -8.52
C CYS B 283 -0.43 22.46 -9.13
N GLY B 284 -0.95 21.51 -8.38
CA GLY B 284 -1.06 20.13 -8.82
C GLY B 284 0.04 19.20 -8.36
N MET B 285 0.97 19.68 -7.55
CA MET B 285 2.19 18.94 -7.29
C MET B 285 2.49 18.75 -5.80
N ALA B 286 1.50 18.94 -4.92
CA ALA B 286 1.74 18.92 -3.47
C ALA B 286 1.52 17.55 -2.84
N HIS B 287 1.26 16.51 -3.64
CA HIS B 287 1.02 15.17 -3.09
C HIS B 287 -0.08 15.21 -2.04
N LYS B 288 -1.11 16.03 -2.27
CA LYS B 288 -2.27 16.08 -1.38
C LYS B 288 -3.35 15.21 -2.01
N THR B 289 -3.39 13.96 -1.60
CA THR B 289 -4.26 12.95 -2.22
C THR B 289 -5.70 13.15 -1.77
N ILE B 290 -6.63 13.01 -2.70
CA ILE B 290 -8.06 13.19 -2.43
C ILE B 290 -8.77 11.87 -2.71
N LYS B 291 -9.39 11.31 -1.68
CA LYS B 291 -10.15 10.08 -1.81
C LYS B 291 -11.60 10.33 -1.42
N GLY B 292 -12.48 9.42 -1.80
CA GLY B 292 -13.86 9.49 -1.38
C GLY B 292 -14.65 8.26 -1.76
N GLY B 293 -15.27 7.61 -0.79
CA GLY B 293 -15.89 6.35 -1.09
C GLY B 293 -17.14 5.97 -0.32
N LEU B 294 -18.07 5.34 -1.03
CA LEU B 294 -19.21 4.67 -0.44
C LEU B 294 -18.75 3.61 0.55
N CYS B 295 -19.50 3.46 1.63
CA CYS B 295 -19.09 2.55 2.70
C CYS B 295 -19.10 1.11 2.21
N PRO B 296 -18.16 0.28 2.67
CA PRO B 296 -18.24 -1.16 2.39
C PRO B 296 -19.43 -1.82 3.07
N GLY B 297 -19.95 -2.87 2.43
CA GLY B 297 -20.97 -3.70 3.03
C GLY B 297 -20.64 -5.18 2.98
N GLY B 298 -21.67 -6.02 3.02
CA GLY B 298 -21.49 -7.46 2.97
C GLY B 298 -21.29 -8.06 4.35
N ARG B 299 -21.41 -9.38 4.40
CA ARG B 299 -21.33 -10.10 5.67
C ARG B 299 -19.98 -9.90 6.38
N LEU B 300 -18.87 -9.96 5.66
CA LEU B 300 -17.57 -9.88 6.33
C LEU B 300 -17.40 -8.54 7.04
N ARG B 301 -17.75 -7.44 6.36
CA ARG B 301 -17.67 -6.12 6.98
C ARG B 301 -18.56 -6.03 8.21
N ALA B 302 -19.81 -6.50 8.10
CA ALA B 302 -20.72 -6.40 9.23
C ALA B 302 -20.26 -7.25 10.41
N GLU B 303 -19.73 -8.45 10.13
CA GLU B 303 -19.24 -9.29 11.22
C GLU B 303 -18.01 -8.69 11.90
N MET B 304 -17.10 -8.08 11.12
CA MET B 304 -15.91 -7.48 11.73
C MET B 304 -16.25 -6.25 12.53
N LEU B 305 -17.16 -5.40 12.03
CA LEU B 305 -17.59 -4.26 12.84
C LEU B 305 -18.37 -4.73 14.06
N ARG B 306 -19.22 -5.75 13.89
CA ARG B 306 -19.94 -6.31 15.03
C ARG B 306 -19.00 -6.76 16.14
N ASP B 307 -17.90 -7.44 15.78
CA ASP B 307 -16.95 -7.90 16.78
C ASP B 307 -16.33 -6.73 17.53
N MET B 308 -16.08 -5.62 16.84
CA MET B 308 -15.59 -4.42 17.50
C MET B 308 -16.56 -3.93 18.56
N VAL B 309 -17.87 -3.94 18.27
CA VAL B 309 -18.83 -3.53 19.28
C VAL B 309 -18.85 -4.52 20.44
N VAL B 310 -18.84 -5.82 20.15
CA VAL B 310 -18.93 -6.85 21.18
C VAL B 310 -17.73 -6.77 22.12
N TYR B 311 -16.55 -6.45 21.59
CA TYR B 311 -15.35 -6.29 22.40
C TYR B 311 -15.17 -4.85 22.92
N ASN B 312 -16.22 -4.03 22.85
CA ASN B 312 -16.23 -2.70 23.48
C ASN B 312 -15.14 -1.80 22.91
N ARG B 313 -14.84 -1.93 21.62
CA ARG B 313 -13.91 -1.00 21.01
C ARG B 313 -14.55 0.35 20.74
N VAL B 314 -15.87 0.38 20.61
CA VAL B 314 -16.60 1.61 20.38
C VAL B 314 -17.98 1.47 21.03
N ASP B 315 -18.43 2.54 21.67
CA ASP B 315 -19.75 2.56 22.31
C ASP B 315 -20.64 3.40 21.40
N LEU B 316 -21.52 2.71 20.67
CA LEU B 316 -22.37 3.36 19.67
C LEU B 316 -23.55 4.10 20.28
N SER B 317 -23.85 3.90 21.58
CA SER B 317 -25.08 4.46 22.11
C SER B 317 -25.09 5.98 22.05
N LYS B 318 -23.93 6.63 22.09
CA LYS B 318 -23.93 8.09 22.08
C LYS B 318 -24.41 8.67 20.76
N LEU B 319 -24.51 7.88 19.70
CA LEU B 319 -25.05 8.40 18.44
C LEU B 319 -26.54 8.63 18.51
N VAL B 320 -27.25 7.93 19.38
CA VAL B 320 -28.71 7.87 19.32
C VAL B 320 -29.28 8.92 20.29
N THR B 321 -29.85 9.98 19.72
CA THR B 321 -30.47 11.03 20.52
C THR B 321 -31.99 10.94 20.55
N HIS B 322 -32.61 10.27 19.59
CA HIS B 322 -34.07 10.21 19.51
C HIS B 322 -34.50 8.78 19.25
N VAL B 323 -35.45 8.30 20.05
CA VAL B 323 -35.95 6.94 19.90
C VAL B 323 -37.48 6.97 19.86
N TYR B 324 -38.07 6.47 18.79
CA TYR B 324 -39.50 6.30 18.68
C TYR B 324 -39.86 4.82 18.77
N HIS B 325 -41.10 4.56 19.17
CA HIS B 325 -41.62 3.21 19.24
C HIS B 325 -42.87 3.14 18.37
N GLY B 326 -42.82 2.34 17.33
CA GLY B 326 -43.97 2.16 16.47
C GLY B 326 -43.67 2.49 15.02
N PHE B 327 -44.11 1.59 14.14
CA PHE B 327 -43.99 1.75 12.70
C PHE B 327 -44.51 3.11 12.24
N ASP B 328 -45.56 3.62 12.88
CA ASP B 328 -46.20 4.85 12.45
C ASP B 328 -45.25 6.04 12.49
N HIS B 329 -44.22 5.97 13.32
CA HIS B 329 -43.32 7.10 13.54
C HIS B 329 -42.16 7.15 12.56
N ILE B 330 -42.13 6.26 11.56
CA ILE B 330 -41.10 6.35 10.53
C ILE B 330 -41.16 7.70 9.84
N GLU B 331 -42.38 8.16 9.51
CA GLU B 331 -42.54 9.43 8.83
C GLU B 331 -41.99 10.58 9.66
N GLU B 332 -42.38 10.64 10.92
CA GLU B 332 -41.92 11.71 11.80
C GLU B 332 -40.39 11.69 11.94
N ALA B 333 -39.78 10.51 12.06
CA ALA B 333 -38.34 10.42 12.23
C ALA B 333 -37.59 10.93 11.00
N LEU B 334 -38.03 10.53 9.80
CA LEU B 334 -37.36 10.97 8.58
C LEU B 334 -37.49 12.46 8.40
N LEU B 335 -38.68 13.01 8.66
CA LEU B 335 -38.85 14.45 8.58
C LEU B 335 -37.95 15.17 9.58
N LEU B 336 -37.62 14.50 10.68
CA LEU B 336 -36.67 15.08 11.63
C LEU B 336 -35.30 15.30 10.98
N MET B 337 -34.86 14.35 10.16
CA MET B 337 -33.58 14.54 9.46
C MET B 337 -33.63 15.71 8.52
N LYS B 338 -34.82 16.08 8.05
CA LYS B 338 -34.96 17.23 7.18
C LYS B 338 -34.89 18.53 7.96
N ASP B 339 -35.48 18.55 9.16
CA ASP B 339 -35.49 19.74 10.00
C ASP B 339 -34.27 19.85 10.91
N LYS B 340 -33.75 18.73 11.39
CA LYS B 340 -32.57 18.69 12.23
C LYS B 340 -32.65 19.67 13.40
N PRO B 341 -33.33 19.31 14.48
CA PRO B 341 -33.22 20.12 15.69
C PRO B 341 -31.77 20.11 16.18
N LYS B 342 -31.42 21.14 16.96
CA LYS B 342 -30.04 21.40 17.36
C LYS B 342 -29.42 20.24 18.12
N ASP B 343 -30.25 19.37 18.70
CA ASP B 343 -29.78 18.30 19.58
C ASP B 343 -29.99 16.92 18.96
N LEU B 344 -30.15 16.84 17.64
CA LEU B 344 -30.32 15.56 16.97
C LEU B 344 -28.98 15.05 16.45
N ILE B 345 -28.70 13.76 16.66
CA ILE B 345 -27.61 13.09 15.97
C ILE B 345 -28.22 12.01 15.08
N LYS B 346 -28.66 10.90 15.68
CA LYS B 346 -29.44 9.90 14.94
C LYS B 346 -30.72 9.59 15.68
N ALA B 347 -31.74 9.25 14.90
CA ALA B 347 -33.03 8.79 15.40
C ALA B 347 -33.21 7.31 15.06
N VAL B 348 -33.82 6.57 15.97
CA VAL B 348 -34.17 5.17 15.73
C VAL B 348 -35.65 4.98 16.01
N VAL B 349 -36.32 4.26 15.11
CA VAL B 349 -37.69 3.82 15.31
C VAL B 349 -37.65 2.33 15.65
N ILE B 350 -38.18 1.97 16.82
CA ILE B 350 -38.26 0.58 17.25
C ILE B 350 -39.62 0.03 16.84
N LEU B 351 -39.62 -1.07 16.07
CA LEU B 351 -40.86 -1.68 15.61
C LEU B 351 -41.26 -2.87 16.48
N HIS B 352 -42.56 -2.99 16.74
CA HIS B 352 -43.08 -4.13 17.50
C HIS B 352 -43.86 -5.10 16.62
N MET C 1 34.19 10.37 33.08
CA MET C 1 32.83 10.09 33.56
C MET C 1 32.66 8.60 33.88
N LYS C 2 31.65 8.28 34.69
CA LYS C 2 31.32 6.90 35.01
C LYS C 2 30.28 6.37 34.04
N GLY C 3 30.39 5.09 33.71
CA GLY C 3 29.43 4.44 32.84
C GLY C 3 29.34 2.99 33.22
N PHE C 4 28.16 2.41 33.04
CA PHE C 4 27.94 1.03 33.37
C PHE C 4 28.07 0.21 32.10
N ALA C 5 29.08 -0.66 32.05
CA ALA C 5 29.56 -1.17 30.78
C ALA C 5 29.63 -2.69 30.78
N MET C 6 29.62 -3.23 29.56
CA MET C 6 29.99 -4.61 29.32
C MET C 6 31.52 -4.66 29.28
N LEU C 7 32.12 -5.17 30.35
CA LEU C 7 33.58 -5.32 30.38
C LEU C 7 34.03 -6.35 29.35
N GLY C 8 33.37 -7.49 29.32
CA GLY C 8 33.50 -8.44 28.24
C GLY C 8 32.23 -9.27 28.22
N ILE C 9 32.26 -10.35 27.46
CA ILE C 9 31.13 -11.28 27.54
C ILE C 9 31.12 -11.90 28.94
N ASN C 10 29.95 -11.86 29.58
CA ASN C 10 29.65 -12.36 30.92
C ASN C 10 30.18 -11.47 32.03
N LYS C 11 30.51 -10.19 31.76
CA LYS C 11 31.10 -9.31 32.77
C LYS C 11 30.52 -7.91 32.68
N LEU C 12 29.84 -7.47 33.74
CA LEU C 12 29.32 -6.10 33.84
C LEU C 12 30.13 -5.32 34.86
N GLY C 13 30.16 -4.00 34.71
CA GLY C 13 30.87 -3.20 35.68
C GLY C 13 30.91 -1.73 35.32
N TRP C 14 31.19 -0.91 36.33
CA TRP C 14 31.44 0.51 36.18
C TRP C 14 32.85 0.77 35.66
N ILE C 15 32.97 1.66 34.68
CA ILE C 15 34.27 2.08 34.18
C ILE C 15 34.32 3.60 34.10
N GLU C 16 35.54 4.11 34.13
CA GLU C 16 35.78 5.52 33.83
C GLU C 16 36.11 5.65 32.36
N LYS C 17 35.54 6.68 31.75
CA LYS C 17 35.58 6.86 30.32
C LYS C 17 35.63 8.35 30.04
N GLU C 18 36.20 8.73 28.90
CA GLU C 18 36.21 10.13 28.53
C GLU C 18 34.80 10.63 28.25
N ARG C 19 34.53 11.84 28.66
CA ARG C 19 33.22 12.43 28.41
C ARG C 19 33.09 12.72 26.92
N PRO C 20 31.99 12.33 26.28
CA PRO C 20 31.87 12.58 24.84
C PRO C 20 31.71 14.05 24.54
N VAL C 21 32.23 14.44 23.38
CA VAL C 21 32.09 15.79 22.85
C VAL C 21 31.25 15.71 21.58
N ALA C 22 30.38 16.70 21.39
CA ALA C 22 29.48 16.72 20.25
C ALA C 22 30.17 17.32 19.03
N GLY C 23 30.02 16.65 17.88
CA GLY C 23 30.35 17.25 16.61
C GLY C 23 29.32 18.32 16.25
N SER C 24 29.54 18.96 15.10
CA SER C 24 28.75 20.14 14.72
C SER C 24 27.24 19.89 14.72
N TYR C 25 26.81 18.67 14.45
CA TYR C 25 25.38 18.38 14.32
C TYR C 25 24.85 17.53 15.47
N ASP C 26 25.67 17.30 16.50
CA ASP C 26 25.31 16.35 17.53
C ASP C 26 24.94 17.08 18.81
N ALA C 27 24.44 16.32 19.77
CA ALA C 27 24.13 16.81 21.10
C ALA C 27 24.69 15.85 22.14
N ILE C 28 25.12 16.42 23.26
CA ILE C 28 25.45 15.63 24.45
C ILE C 28 24.29 15.73 25.43
N VAL C 29 23.82 14.60 25.92
CA VAL C 29 22.64 14.53 26.77
C VAL C 29 23.04 13.94 28.12
N ARG C 30 22.47 14.51 29.19
CA ARG C 30 22.59 13.94 30.52
C ARG C 30 21.32 13.18 30.81
N PRO C 31 21.38 11.91 31.16
CA PRO C 31 20.12 11.16 31.39
C PRO C 31 19.43 11.65 32.66
N LEU C 32 18.12 11.79 32.56
CA LEU C 32 17.27 12.06 33.71
C LEU C 32 16.58 10.82 34.22
N ALA C 33 16.36 9.83 33.34
CA ALA C 33 15.74 8.57 33.71
C ALA C 33 16.08 7.54 32.64
N VAL C 34 16.35 6.30 33.06
CA VAL C 34 16.72 5.25 32.13
C VAL C 34 16.01 3.96 32.50
N SER C 35 16.01 3.02 31.54
CA SER C 35 15.41 1.70 31.70
C SER C 35 16.30 0.65 31.06
N PRO C 36 16.49 -0.48 31.72
CA PRO C 36 17.23 -1.59 31.10
C PRO C 36 16.33 -2.41 30.19
N CYS C 37 16.92 -2.92 29.12
CA CYS C 37 16.20 -3.72 28.12
C CYS C 37 16.71 -5.15 28.14
N THR C 38 15.80 -6.10 27.88
CA THR C 38 16.21 -7.49 27.88
C THR C 38 17.27 -7.78 26.83
N SER C 39 17.34 -6.96 25.77
CA SER C 39 18.36 -7.20 24.75
C SER C 39 19.77 -6.98 25.30
N ASP C 40 19.95 -6.07 26.27
CA ASP C 40 21.28 -5.86 26.83
C ASP C 40 21.76 -7.06 27.65
N ILE C 41 20.84 -7.81 28.26
CA ILE C 41 21.21 -9.05 28.92
C ILE C 41 21.69 -10.07 27.90
N HIS C 42 20.99 -10.15 26.76
CA HIS C 42 21.42 -11.04 25.68
C HIS C 42 22.83 -10.71 25.21
N THR C 43 23.10 -9.42 25.00
CA THR C 43 24.40 -9.00 24.48
C THR C 43 25.52 -9.42 25.41
N VAL C 44 25.33 -9.19 26.71
CA VAL C 44 26.40 -9.42 27.67
C VAL C 44 26.60 -10.91 27.90
N PHE C 45 25.51 -11.63 28.18
CA PHE C 45 25.61 -13.01 28.61
C PHE C 45 25.44 -14.04 27.51
N GLU C 46 25.05 -13.65 26.28
CA GLU C 46 25.00 -14.57 25.13
C GLU C 46 25.82 -14.17 23.90
N GLY C 47 26.47 -13.01 23.88
CA GLY C 47 27.25 -12.63 22.70
C GLY C 47 26.51 -12.68 21.39
N ALA C 48 25.23 -12.26 21.39
CA ALA C 48 24.38 -12.44 20.21
C ALA C 48 24.74 -11.51 19.05
N LEU C 49 25.34 -10.35 19.32
CA LEU C 49 25.72 -9.38 18.29
C LEU C 49 27.24 -9.29 18.11
N GLY C 50 27.98 -10.27 18.57
CA GLY C 50 29.43 -10.22 18.56
C GLY C 50 29.99 -9.77 19.91
N ASP C 51 31.31 -9.59 19.94
CA ASP C 51 31.99 -9.20 21.16
C ASP C 51 32.32 -7.71 21.16
N ARG C 52 32.22 -7.10 22.35
CA ARG C 52 32.54 -5.70 22.60
C ARG C 52 33.34 -5.64 23.89
N LYS C 53 34.10 -4.56 24.05
CA LYS C 53 34.91 -4.37 25.26
C LYS C 53 34.72 -2.94 25.73
N ASN C 54 34.23 -2.81 26.97
CA ASN C 54 34.03 -1.51 27.61
C ASN C 54 33.01 -0.65 26.87
N MET C 55 31.94 -1.27 26.40
CA MET C 55 30.83 -0.53 25.82
C MET C 55 29.80 -0.22 26.90
N ILE C 56 29.53 1.07 27.12
CA ILE C 56 28.48 1.45 28.04
C ILE C 56 27.13 0.95 27.52
N LEU C 57 26.32 0.39 28.42
CA LEU C 57 25.07 -0.23 28.02
C LEU C 57 23.89 0.76 28.06
N GLY C 58 22.71 0.27 27.70
CA GLY C 58 21.47 1.02 27.80
C GLY C 58 21.11 1.80 26.55
N HIS C 59 19.82 1.81 26.18
CA HIS C 59 19.38 2.60 25.03
C HIS C 59 17.99 3.19 25.23
N GLU C 60 17.51 3.23 26.47
CA GLU C 60 16.22 3.82 26.83
C GLU C 60 16.44 4.93 27.84
N ALA C 61 16.29 6.17 27.40
CA ALA C 61 16.56 7.33 28.24
C ALA C 61 15.75 8.53 27.81
N VAL C 62 15.35 9.33 28.77
CA VAL C 62 15.00 10.72 28.53
C VAL C 62 16.02 11.54 29.30
N GLY C 63 16.33 12.72 28.77
CA GLY C 63 17.45 13.45 29.32
C GLY C 63 17.42 14.96 29.18
N GLU C 64 18.51 15.59 29.58
CA GLU C 64 18.65 17.03 29.43
C GLU C 64 19.85 17.27 28.52
N VAL C 65 19.65 18.09 27.49
CA VAL C 65 20.75 18.49 26.61
C VAL C 65 21.71 19.37 27.41
N VAL C 66 22.99 19.02 27.41
CA VAL C 66 24.00 19.85 28.06
C VAL C 66 24.88 20.60 27.06
N GLU C 67 25.05 20.09 25.85
CA GLU C 67 25.92 20.69 24.85
C GLU C 67 25.40 20.29 23.48
N VAL C 68 25.50 21.21 22.52
CA VAL C 68 25.10 20.95 21.14
C VAL C 68 26.23 21.45 20.25
N GLY C 69 26.34 20.87 19.07
CA GLY C 69 27.31 21.36 18.10
C GLY C 69 26.88 22.71 17.53
N SER C 70 27.84 23.36 16.84
CA SER C 70 27.61 24.70 16.32
C SER C 70 26.52 24.78 15.26
N GLU C 71 26.14 23.65 14.64
CA GLU C 71 25.12 23.66 13.58
C GLU C 71 23.76 23.17 14.04
N VAL C 72 23.61 22.83 15.32
CA VAL C 72 22.31 22.43 15.85
C VAL C 72 21.41 23.66 15.98
N LYS C 73 20.18 23.55 15.45
CA LYS C 73 19.30 24.71 15.35
C LYS C 73 18.01 24.62 16.16
N ASP C 74 17.47 23.45 16.45
CA ASP C 74 16.18 23.36 17.14
C ASP C 74 16.27 22.93 18.59
N PHE C 75 17.43 22.49 19.05
CA PHE C 75 17.62 22.06 20.42
C PHE C 75 18.81 22.84 20.95
N LYS C 76 18.77 23.11 22.24
CA LYS C 76 19.78 23.94 22.87
C LYS C 76 20.05 23.38 24.26
N PRO C 77 21.19 23.70 24.85
CA PRO C 77 21.46 23.25 26.22
C PRO C 77 20.34 23.68 27.15
N GLY C 78 19.90 22.77 28.01
CA GLY C 78 18.78 23.01 28.89
C GLY C 78 17.48 22.35 28.46
N ASP C 79 17.32 22.05 27.17
CA ASP C 79 16.13 21.35 26.68
C ASP C 79 16.05 19.96 27.29
N ARG C 80 14.83 19.57 27.69
CA ARG C 80 14.56 18.21 28.13
C ARG C 80 14.00 17.43 26.95
N VAL C 81 14.54 16.23 26.73
CA VAL C 81 14.33 15.52 25.48
C VAL C 81 14.00 14.06 25.73
N ILE C 82 13.16 13.52 24.85
CA ILE C 82 12.97 12.09 24.66
C ILE C 82 13.97 11.62 23.62
N VAL C 83 14.73 10.57 23.92
CA VAL C 83 15.73 10.06 23.00
C VAL C 83 15.28 8.69 22.49
N PRO C 84 14.86 8.56 21.24
CA PRO C 84 14.49 7.24 20.71
C PRO C 84 15.69 6.30 20.68
N CYS C 85 15.45 5.01 20.90
CA CYS C 85 16.57 4.06 20.96
C CYS C 85 17.27 3.95 19.61
N THR C 86 16.54 4.18 18.53
CA THR C 86 17.05 4.21 17.18
C THR C 86 17.34 5.65 16.77
N THR C 87 18.61 5.94 16.47
CA THR C 87 19.03 7.30 16.13
C THR C 87 19.81 7.24 14.82
N PRO C 88 19.11 7.21 13.69
CA PRO C 88 19.76 6.95 12.41
C PRO C 88 20.68 8.07 11.97
N ASP C 89 21.57 7.70 11.07
CA ASP C 89 22.22 8.63 10.14
C ASP C 89 21.22 8.94 9.03
N TRP C 90 20.84 10.19 8.86
CA TRP C 90 19.78 10.51 7.90
C TRP C 90 20.28 10.74 6.48
N ARG C 91 21.58 10.83 6.25
CA ARG C 91 22.10 11.05 4.91
C ARG C 91 22.67 9.73 4.40
N SER C 92 21.77 8.91 3.84
CA SER C 92 22.16 7.66 3.23
C SER C 92 21.19 7.32 2.10
N LEU C 93 21.62 6.41 1.24
CA LEU C 93 20.73 5.90 0.22
C LEU C 93 19.62 5.05 0.81
N GLU C 94 19.84 4.45 1.98
CA GLU C 94 18.75 3.69 2.61
C GLU C 94 17.66 4.62 3.10
N VAL C 95 18.02 5.83 3.52
CA VAL C 95 17.02 6.81 3.89
C VAL C 95 16.24 7.25 2.67
N GLN C 96 16.92 7.47 1.54
CA GLN C 96 16.20 7.85 0.34
C GLN C 96 15.23 6.77 -0.09
N ALA C 97 15.48 5.51 0.28
CA ALA C 97 14.52 4.45 -0.02
C ALA C 97 13.49 4.25 1.10
N GLY C 98 13.60 5.01 2.19
CA GLY C 98 12.63 4.91 3.27
C GLY C 98 12.95 3.93 4.38
N PHE C 99 14.19 3.51 4.54
CA PHE C 99 14.51 2.54 5.59
C PHE C 99 15.56 3.12 6.52
N GLN C 100 15.11 4.09 7.34
CA GLN C 100 15.98 4.75 8.31
C GLN C 100 16.66 3.75 9.22
N GLN C 101 15.96 2.66 9.59
CA GLN C 101 16.54 1.69 10.53
C GLN C 101 17.82 1.07 10.02
N HIS C 102 18.03 1.04 8.71
CA HIS C 102 19.18 0.38 8.12
C HIS C 102 20.06 1.37 7.36
N SER C 103 20.00 2.62 7.78
CA SER C 103 20.86 3.63 7.18
C SER C 103 22.32 3.27 7.43
N ASN C 104 23.07 3.13 6.34
CA ASN C 104 24.48 2.76 6.36
C ASN C 104 24.72 1.35 6.90
N GLY C 105 23.72 0.47 6.88
CA GLY C 105 23.96 -0.93 7.20
C GLY C 105 22.78 -1.53 7.93
N MET C 106 22.71 -2.86 7.88
CA MET C 106 21.63 -3.60 8.52
C MET C 106 21.57 -3.31 10.02
N LEU C 107 20.42 -2.81 10.49
CA LEU C 107 20.21 -2.46 11.90
C LEU C 107 21.12 -1.33 12.38
N ALA C 108 21.85 -0.67 11.48
CA ALA C 108 22.80 0.35 11.91
C ALA C 108 22.12 1.59 12.47
N GLY C 109 20.80 1.73 12.33
CA GLY C 109 20.13 2.82 13.02
C GLY C 109 20.09 2.67 14.52
N TRP C 110 20.24 1.45 15.02
CA TRP C 110 20.31 1.18 16.45
C TRP C 110 21.78 1.23 16.85
N LYS C 111 22.20 2.36 17.41
CA LYS C 111 23.59 2.56 17.79
C LYS C 111 23.84 2.28 19.25
N PHE C 112 23.06 2.87 20.17
CA PHE C 112 23.29 2.75 21.62
C PHE C 112 23.38 1.28 22.05
N SER C 113 24.48 0.92 22.69
CA SER C 113 24.74 -0.43 23.22
C SER C 113 24.69 -1.51 22.14
N ASN C 114 24.68 -1.12 20.87
CA ASN C 114 24.97 -2.04 19.78
C ASN C 114 26.42 -1.88 19.36
N PHE C 115 26.77 -0.71 18.82
CA PHE C 115 28.17 -0.39 18.53
C PHE C 115 28.54 1.01 19.02
N LYS C 116 27.71 1.62 19.85
CA LYS C 116 27.97 2.95 20.38
C LYS C 116 27.72 2.92 21.88
N ASP C 117 28.55 3.63 22.64
CA ASP C 117 28.32 3.76 24.08
C ASP C 117 26.88 4.22 24.35
N GLY C 118 26.20 3.52 25.25
CA GLY C 118 24.79 3.73 25.50
C GLY C 118 24.53 4.77 26.57
N VAL C 119 23.32 4.71 27.13
CA VAL C 119 22.82 5.80 27.97
C VAL C 119 23.05 5.58 29.45
N PHE C 120 23.59 4.42 29.86
CA PHE C 120 23.89 4.17 31.26
C PHE C 120 25.20 4.85 31.69
N GLY C 121 25.35 6.14 31.38
CA GLY C 121 26.51 6.90 31.82
C GLY C 121 26.10 8.30 32.23
N GLU C 122 27.07 9.04 32.77
CA GLU C 122 26.78 10.41 33.19
C GLU C 122 26.42 11.28 31.99
N TYR C 123 27.00 11.02 30.83
CA TYR C 123 26.64 11.72 29.60
C TYR C 123 26.60 10.71 28.48
N PHE C 124 25.82 11.01 27.44
CA PHE C 124 25.90 10.20 26.23
C PHE C 124 25.70 11.09 25.03
N HIS C 125 26.05 10.54 23.86
CA HIS C 125 26.16 11.28 22.61
C HIS C 125 24.98 10.92 21.72
N VAL C 126 24.32 11.94 21.16
CA VAL C 126 23.26 11.74 20.18
C VAL C 126 23.72 12.35 18.86
N ASN C 127 23.79 11.52 17.81
CA ASN C 127 24.12 11.99 16.48
C ASN C 127 22.91 12.69 15.87
N ASP C 128 23.17 13.79 15.17
CA ASP C 128 22.16 14.57 14.45
C ASP C 128 20.98 14.95 15.36
N ALA C 129 21.28 15.89 16.27
CA ALA C 129 20.33 16.28 17.30
C ALA C 129 19.01 16.78 16.70
N ASP C 130 19.07 17.63 15.67
CA ASP C 130 17.85 18.18 15.09
C ASP C 130 16.97 17.12 14.45
N MET C 131 17.54 15.99 14.03
CA MET C 131 16.76 14.95 13.36
C MET C 131 16.35 13.81 14.28
N ASN C 132 16.95 13.71 15.48
CA ASN C 132 16.81 12.50 16.29
C ASN C 132 16.34 12.76 17.71
N LEU C 133 15.99 13.99 18.07
CA LEU C 133 15.53 14.30 19.42
C LEU C 133 14.11 14.86 19.37
N ALA C 134 13.39 14.75 20.49
CA ALA C 134 12.10 15.42 20.64
C ALA C 134 11.98 16.01 22.03
N ILE C 135 11.32 17.17 22.12
CA ILE C 135 11.18 17.85 23.40
C ILE C 135 10.26 17.03 24.31
N LEU C 136 10.67 16.86 25.56
CA LEU C 136 9.87 16.17 26.57
C LEU C 136 8.87 17.14 27.22
N PRO C 137 7.56 16.84 27.19
CA PRO C 137 6.60 17.77 27.80
C PRO C 137 6.84 17.90 29.29
N LYS C 138 6.69 19.13 29.76
CA LYS C 138 7.09 19.50 31.11
C LYS C 138 6.33 18.68 32.16
N ASP C 139 5.10 18.28 31.86
CA ASP C 139 4.25 17.60 32.84
C ASP C 139 4.19 16.09 32.63
N MET C 140 4.99 15.52 31.72
CA MET C 140 4.94 14.08 31.50
C MET C 140 5.85 13.39 32.51
N PRO C 141 5.34 12.44 33.31
CA PRO C 141 6.20 11.71 34.24
C PRO C 141 7.37 11.05 33.51
N LEU C 142 8.56 11.13 34.13
CA LEU C 142 9.76 10.64 33.47
C LEU C 142 9.65 9.13 33.18
N GLU C 143 9.13 8.35 34.13
CA GLU C 143 9.04 6.91 33.92
C GLU C 143 8.09 6.56 32.78
N ASN C 144 7.02 7.32 32.59
CA ASN C 144 6.19 7.14 31.40
C ASN C 144 6.97 7.48 30.14
N ALA C 145 7.70 8.59 30.15
CA ALA C 145 8.35 9.04 28.93
C ALA C 145 9.42 8.05 28.45
N VAL C 146 10.09 7.36 29.38
CA VAL C 146 11.12 6.39 28.99
C VAL C 146 10.52 5.23 28.20
N MET C 147 9.27 4.86 28.49
CA MET C 147 8.61 3.78 27.77
C MET C 147 8.35 4.11 26.31
N ILE C 148 8.36 5.40 25.92
CA ILE C 148 8.20 5.78 24.53
C ILE C 148 9.39 5.32 23.70
N THR C 149 10.59 5.42 24.27
CA THR C 149 11.82 5.34 23.51
C THR C 149 12.05 3.97 22.88
N ASP C 150 11.43 2.92 23.42
CA ASP C 150 11.74 1.57 22.96
C ASP C 150 10.49 0.70 23.00
N MET C 151 9.88 0.57 24.18
CA MET C 151 8.72 -0.31 24.34
C MET C 151 7.57 0.11 23.43
N MET C 152 7.20 1.39 23.47
CA MET C 152 6.05 1.84 22.68
C MET C 152 6.35 1.79 21.18
N THR C 153 7.49 2.35 20.76
CA THR C 153 7.80 2.37 19.34
C THR C 153 7.98 0.96 18.78
N THR C 154 8.54 0.02 19.57
CA THR C 154 8.68 -1.35 19.05
C THR C 154 7.34 -2.05 18.96
N GLY C 155 6.57 -2.06 20.06
CA GLY C 155 5.27 -2.71 20.03
C GLY C 155 4.35 -2.13 18.98
N PHE C 156 4.34 -0.80 18.84
CA PHE C 156 3.47 -0.18 17.84
C PHE C 156 3.95 -0.51 16.43
N HIS C 157 5.26 -0.64 16.23
CA HIS C 157 5.76 -1.04 14.92
C HIS C 157 5.28 -2.45 14.58
N GLY C 158 5.21 -3.32 15.59
CA GLY C 158 4.64 -4.64 15.37
C GLY C 158 3.23 -4.56 14.83
N ALA C 159 2.41 -3.67 15.40
CA ALA C 159 1.04 -3.51 14.95
C ALA C 159 0.99 -2.85 13.57
N GLU C 160 1.91 -1.94 13.28
CA GLU C 160 1.96 -1.29 11.96
C GLU C 160 2.37 -2.28 10.88
N LEU C 161 3.41 -3.08 11.13
CA LEU C 161 3.81 -4.07 10.13
C LEU C 161 2.70 -5.09 9.89
N ALA C 162 1.86 -5.34 10.89
CA ALA C 162 0.80 -6.33 10.77
C ALA C 162 -0.34 -5.88 9.87
N ASP C 163 -0.42 -4.60 9.51
CA ASP C 163 -1.43 -4.14 8.54
C ASP C 163 -2.84 -4.57 8.99
N ILE C 164 -3.17 -4.22 10.22
CA ILE C 164 -4.43 -4.62 10.83
C ILE C 164 -5.59 -3.86 10.19
N GLN C 165 -6.73 -4.53 10.08
CA GLN C 165 -7.94 -3.91 9.60
C GLN C 165 -8.93 -3.77 10.75
N MET C 166 -9.93 -2.95 10.52
CA MET C 166 -11.01 -2.77 11.49
C MET C 166 -11.71 -4.10 11.75
N GLY C 167 -11.51 -4.64 12.95
CA GLY C 167 -12.13 -5.89 13.33
C GLY C 167 -11.25 -7.12 13.19
N SER C 168 -10.02 -6.99 12.67
CA SER C 168 -9.12 -8.16 12.55
C SER C 168 -8.98 -8.85 13.88
N SER C 169 -8.90 -10.18 13.86
CA SER C 169 -8.45 -10.94 15.02
C SER C 169 -6.92 -11.01 15.00
N VAL C 170 -6.31 -10.84 16.17
CA VAL C 170 -4.86 -10.74 16.28
C VAL C 170 -4.38 -11.64 17.43
N VAL C 171 -3.34 -12.43 17.19
CA VAL C 171 -2.62 -13.14 18.26
C VAL C 171 -1.31 -12.40 18.50
N VAL C 172 -0.99 -12.14 19.78
CA VAL C 172 0.31 -11.58 20.18
C VAL C 172 1.02 -12.64 21.02
N ILE C 173 2.12 -13.17 20.51
CA ILE C 173 2.89 -14.21 21.19
C ILE C 173 3.97 -13.54 22.02
N GLY C 174 3.91 -13.75 23.33
CA GLY C 174 4.83 -13.08 24.24
C GLY C 174 4.26 -11.74 24.66
N ILE C 175 3.81 -11.62 25.91
CA ILE C 175 3.18 -10.38 26.35
C ILE C 175 4.04 -9.79 27.47
N GLY C 176 5.35 -9.80 27.27
CA GLY C 176 6.21 -8.91 28.02
C GLY C 176 5.93 -7.48 27.63
N ALA C 177 6.81 -6.59 28.08
CA ALA C 177 6.59 -5.16 27.85
C ALA C 177 6.34 -4.88 26.38
N VAL C 178 7.18 -5.44 25.49
CA VAL C 178 7.01 -5.22 24.06
C VAL C 178 5.67 -5.80 23.58
N GLY C 179 5.34 -7.02 24.00
CA GLY C 179 4.06 -7.58 23.61
C GLY C 179 2.88 -6.81 24.15
N LEU C 180 3.03 -6.22 25.34
CA LEU C 180 1.96 -5.39 25.90
C LEU C 180 1.69 -4.19 25.00
N MET C 181 2.75 -3.55 24.50
CA MET C 181 2.57 -2.48 23.54
C MET C 181 2.12 -3.01 22.19
N GLY C 182 2.44 -4.27 21.88
CA GLY C 182 1.86 -4.89 20.69
C GLY C 182 0.37 -5.03 20.81
N ILE C 183 -0.10 -5.39 22.01
CA ILE C 183 -1.54 -5.46 22.25
C ILE C 183 -2.16 -4.08 22.14
N ALA C 184 -1.56 -3.08 22.81
CA ALA C 184 -2.07 -1.72 22.76
C ALA C 184 -2.09 -1.20 21.34
N GLY C 185 -1.02 -1.45 20.59
CA GLY C 185 -0.97 -0.98 19.21
C GLY C 185 -2.04 -1.63 18.34
N ALA C 186 -2.25 -2.95 18.51
CA ALA C 186 -3.28 -3.65 17.73
C ALA C 186 -4.66 -3.08 18.00
N LYS C 187 -4.97 -2.78 19.26
CA LYS C 187 -6.24 -2.15 19.59
C LYS C 187 -6.36 -0.80 18.89
N LEU C 188 -5.26 -0.05 18.87
CA LEU C 188 -5.21 1.27 18.26
C LEU C 188 -5.08 1.21 16.73
N ARG C 189 -5.09 0.02 16.13
CA ARG C 189 -5.26 -0.12 14.70
C ARG C 189 -6.62 -0.70 14.34
N GLY C 190 -7.47 -0.94 15.32
CA GLY C 190 -8.84 -1.36 15.09
C GLY C 190 -9.11 -2.84 15.29
N ALA C 191 -8.20 -3.58 15.91
CA ALA C 191 -8.41 -5.01 16.10
C ALA C 191 -9.65 -5.28 16.93
N GLY C 192 -10.35 -6.35 16.58
CA GLY C 192 -11.42 -6.85 17.41
C GLY C 192 -10.84 -7.77 18.45
N ARG C 193 -10.88 -9.06 18.15
CA ARG C 193 -10.35 -10.06 19.06
C ARG C 193 -8.84 -9.93 19.15
N ILE C 194 -8.29 -9.88 20.37
CA ILE C 194 -6.85 -9.90 20.59
C ILE C 194 -6.55 -11.00 21.60
N ILE C 195 -5.82 -12.02 21.16
CA ILE C 195 -5.44 -13.17 21.98
C ILE C 195 -3.97 -12.99 22.37
N GLY C 196 -3.72 -12.91 23.67
CA GLY C 196 -2.36 -12.85 24.19
C GLY C 196 -1.90 -14.23 24.60
N VAL C 197 -0.64 -14.54 24.29
CA VAL C 197 -0.06 -15.85 24.62
C VAL C 197 1.11 -15.63 25.55
N ASP C 198 1.00 -16.15 26.77
CA ASP C 198 2.08 -16.05 27.76
C ASP C 198 1.70 -16.88 28.98
N TYR C 199 2.65 -16.98 29.91
CA TYR C 199 2.43 -17.71 31.16
C TYR C 199 2.71 -16.90 32.42
N ARG C 200 3.08 -15.60 32.31
CA ARG C 200 3.49 -14.83 33.49
C ARG C 200 2.32 -14.03 34.01
N PRO C 201 1.91 -14.29 35.25
CA PRO C 201 0.66 -13.69 35.77
C PRO C 201 0.68 -12.16 35.77
N ILE C 202 1.81 -11.53 36.05
CA ILE C 202 1.86 -10.07 36.12
C ILE C 202 1.45 -9.44 34.79
N CYS C 203 1.84 -10.08 33.69
CA CYS C 203 1.52 -9.56 32.37
C CYS C 203 0.06 -9.78 31.99
N VAL C 204 -0.62 -10.75 32.59
CA VAL C 204 -2.00 -11.03 32.24
C VAL C 204 -2.91 -9.84 32.54
N GLU C 205 -2.76 -9.25 33.73
CA GLU C 205 -3.60 -8.10 34.08
C GLU C 205 -3.30 -6.89 33.21
N ALA C 206 -2.02 -6.65 32.92
CA ALA C 206 -1.68 -5.54 32.03
C ALA C 206 -2.20 -5.80 30.63
N ALA C 207 -2.14 -7.07 30.18
CA ALA C 207 -2.61 -7.41 28.85
C ALA C 207 -4.09 -7.13 28.71
N LYS C 208 -4.89 -7.50 29.72
CA LYS C 208 -6.31 -7.16 29.71
C LYS C 208 -6.53 -5.65 29.70
N PHE C 209 -5.79 -4.93 30.53
CA PHE C 209 -5.89 -3.47 30.52
C PHE C 209 -5.65 -2.90 29.13
N TYR C 210 -4.59 -3.36 28.46
CA TYR C 210 -4.25 -2.77 27.17
C TYR C 210 -5.11 -3.27 26.02
N GLY C 211 -5.94 -4.29 26.23
CA GLY C 211 -6.90 -4.63 25.20
C GLY C 211 -7.06 -6.09 24.84
N ALA C 212 -6.37 -6.99 25.55
CA ALA C 212 -6.47 -8.41 25.27
C ALA C 212 -7.87 -8.91 25.60
N THR C 213 -8.45 -9.68 24.69
CA THR C 213 -9.76 -10.27 24.95
C THR C 213 -9.67 -11.73 25.38
N ASP C 214 -8.55 -12.40 25.15
CA ASP C 214 -8.33 -13.77 25.58
C ASP C 214 -6.85 -13.93 25.94
N ILE C 215 -6.57 -14.82 26.90
CA ILE C 215 -5.20 -15.13 27.29
C ILE C 215 -5.04 -16.65 27.25
N LEU C 216 -4.05 -17.12 26.49
CA LEU C 216 -3.71 -18.52 26.39
C LEU C 216 -2.35 -18.77 27.04
N ASN C 217 -2.25 -19.86 27.80
CA ASN C 217 -1.01 -20.26 28.45
C ASN C 217 -0.38 -21.40 27.66
N PRO C 218 0.83 -21.24 27.11
CA PRO C 218 1.44 -22.35 26.35
C PRO C 218 1.75 -23.57 27.19
N LYS C 219 1.87 -23.40 28.50
CA LYS C 219 2.26 -24.50 29.39
C LYS C 219 1.18 -25.56 29.52
N ASN C 220 -0.09 -25.23 29.27
CA ASN C 220 -1.11 -26.25 29.40
C ASN C 220 -1.70 -26.60 28.04
N GLY C 221 -0.85 -26.83 27.06
CA GLY C 221 -1.27 -27.36 25.78
C GLY C 221 -0.63 -26.67 24.59
N HIS C 222 -0.55 -27.39 23.49
CA HIS C 222 0.01 -26.85 22.26
C HIS C 222 -0.78 -25.60 21.83
N ILE C 223 -0.09 -24.48 21.63
CA ILE C 223 -0.83 -23.22 21.50
C ILE C 223 -1.59 -23.18 20.18
N VAL C 224 -1.07 -23.81 19.12
CA VAL C 224 -1.77 -23.77 17.84
C VAL C 224 -3.13 -24.44 17.97
N ASP C 225 -3.15 -25.59 18.62
CA ASP C 225 -4.40 -26.27 18.91
C ASP C 225 -5.32 -25.41 19.76
N GLN C 226 -4.75 -24.70 20.74
CA GLN C 226 -5.55 -23.83 21.59
C GLN C 226 -6.20 -22.72 20.78
N VAL C 227 -5.43 -22.09 19.90
CA VAL C 227 -5.95 -21.02 19.06
C VAL C 227 -7.03 -21.55 18.12
N MET C 228 -6.83 -22.74 17.56
CA MET C 228 -7.83 -23.35 16.70
C MET C 228 -9.10 -23.64 17.49
N LYS C 229 -8.96 -24.00 18.76
CA LYS C 229 -10.15 -24.24 19.57
C LYS C 229 -10.89 -22.92 19.83
N LEU C 230 -10.15 -21.83 20.10
CA LEU C 230 -10.79 -20.54 20.30
C LEU C 230 -11.46 -20.01 19.04
N THR C 231 -10.91 -20.32 17.86
CA THR C 231 -11.40 -19.74 16.62
C THR C 231 -12.21 -20.73 15.80
N ASN C 232 -12.71 -21.79 16.44
CA ASN C 232 -13.58 -22.75 15.78
C ASN C 232 -12.93 -23.31 14.52
N GLY C 233 -11.59 -23.43 14.53
CA GLY C 233 -10.82 -23.98 13.44
C GLY C 233 -10.45 -23.00 12.34
N LYS C 234 -10.79 -21.73 12.45
CA LYS C 234 -10.56 -20.79 11.36
C LYS C 234 -9.21 -20.09 11.42
N GLY C 235 -8.53 -20.08 12.56
CA GLY C 235 -7.28 -19.33 12.66
C GLY C 235 -7.56 -17.85 12.90
N VAL C 236 -6.49 -17.05 12.84
CA VAL C 236 -6.60 -15.62 13.07
C VAL C 236 -6.09 -14.87 11.86
N ASP C 237 -6.47 -13.59 11.77
CA ASP C 237 -6.08 -12.76 10.64
C ASP C 237 -4.62 -12.33 10.71
N ARG C 238 -4.09 -12.11 11.92
CA ARG C 238 -2.78 -11.49 12.12
C ARG C 238 -2.09 -12.10 13.32
N VAL C 239 -0.77 -12.22 13.24
CA VAL C 239 0.03 -12.64 14.40
C VAL C 239 1.15 -11.63 14.59
N ILE C 240 1.34 -11.21 15.84
CA ILE C 240 2.50 -10.40 16.24
C ILE C 240 3.40 -11.26 17.14
N MET C 241 4.63 -11.45 16.70
CA MET C 241 5.63 -12.21 17.45
C MET C 241 6.45 -11.23 18.28
N ALA C 242 6.23 -11.23 19.59
CA ALA C 242 6.90 -10.28 20.47
C ALA C 242 7.80 -10.91 21.52
N GLY C 243 7.64 -12.19 21.82
CA GLY C 243 8.52 -12.85 22.77
C GLY C 243 8.45 -14.36 22.59
N GLY C 244 9.41 -15.04 23.21
CA GLY C 244 9.57 -16.46 23.04
C GLY C 244 10.69 -16.77 22.07
N GLY C 245 10.89 -18.07 21.85
CA GLY C 245 11.97 -18.55 21.02
C GLY C 245 11.65 -18.58 19.53
N SER C 246 12.60 -19.13 18.77
CA SER C 246 12.51 -19.18 17.31
C SER C 246 11.34 -20.02 16.83
N GLU C 247 10.86 -20.96 17.63
CA GLU C 247 9.76 -21.82 17.22
C GLU C 247 8.45 -21.06 17.11
N THR C 248 8.36 -19.85 17.65
CA THR C 248 7.13 -19.08 17.54
C THR C 248 6.81 -18.72 16.10
N LEU C 249 7.81 -18.67 15.21
CA LEU C 249 7.53 -18.36 13.81
C LEU C 249 6.67 -19.46 13.17
N SER C 250 7.08 -20.71 13.36
CA SER C 250 6.31 -21.82 12.83
C SER C 250 4.90 -21.87 13.43
N GLN C 251 4.80 -21.60 14.73
CA GLN C 251 3.49 -21.53 15.36
C GLN C 251 2.64 -20.41 14.75
N ALA C 252 3.25 -19.25 14.50
CA ALA C 252 2.51 -18.15 13.87
C ALA C 252 1.99 -18.55 12.50
N VAL C 253 2.84 -19.17 11.68
CA VAL C 253 2.41 -19.58 10.35
C VAL C 253 1.24 -20.55 10.44
N SER C 254 1.27 -21.45 11.42
CA SER C 254 0.24 -22.47 11.57
C SER C 254 -1.08 -21.92 12.10
N MET C 255 -1.09 -20.76 12.78
CA MET C 255 -2.35 -20.27 13.31
C MET C 255 -2.96 -19.14 12.50
N VAL C 256 -2.20 -18.49 11.63
CA VAL C 256 -2.71 -17.40 10.82
C VAL C 256 -3.46 -17.96 9.60
N LYS C 257 -4.50 -17.23 9.17
CA LYS C 257 -5.27 -17.63 8.00
C LYS C 257 -4.47 -17.43 6.71
N PRO C 258 -4.80 -18.17 5.64
CA PRO C 258 -4.29 -17.81 4.32
C PRO C 258 -4.61 -16.35 4.02
N GLY C 259 -3.63 -15.66 3.46
CA GLY C 259 -3.78 -14.24 3.23
C GLY C 259 -3.42 -13.37 4.40
N GLY C 260 -3.16 -13.96 5.57
CA GLY C 260 -2.84 -13.20 6.76
C GLY C 260 -1.41 -12.69 6.78
N ILE C 261 -1.08 -11.99 7.86
CA ILE C 261 0.25 -11.41 8.00
C ILE C 261 0.83 -11.73 9.37
N ILE C 262 2.11 -12.10 9.38
CA ILE C 262 2.90 -12.35 10.59
C ILE C 262 3.93 -11.25 10.71
N SER C 263 3.99 -10.63 11.89
CA SER C 263 4.80 -9.44 12.13
C SER C 263 5.77 -9.75 13.27
N ASN C 264 7.07 -9.81 12.98
CA ASN C 264 8.05 -10.11 14.01
C ASN C 264 8.70 -8.83 14.55
N ILE C 265 8.63 -8.66 15.86
CA ILE C 265 9.43 -7.64 16.52
C ILE C 265 10.35 -8.24 17.57
N ASN C 266 10.30 -9.55 17.73
CA ASN C 266 11.21 -10.27 18.61
C ASN C 266 12.60 -10.33 17.96
N TYR C 267 13.63 -9.99 18.72
CA TYR C 267 15.00 -10.08 18.23
C TYR C 267 15.48 -11.49 18.51
N HIS C 268 15.72 -12.28 17.44
CA HIS C 268 16.07 -13.68 17.64
C HIS C 268 17.58 -13.78 17.78
N GLY C 269 18.04 -13.77 19.03
CA GLY C 269 19.45 -13.69 19.31
C GLY C 269 20.12 -15.04 19.56
N SER C 270 19.33 -16.11 19.62
CA SER C 270 19.84 -17.44 19.93
C SER C 270 20.03 -18.19 18.64
N GLY C 271 20.87 -19.21 18.68
CA GLY C 271 21.12 -19.96 17.47
C GLY C 271 20.03 -20.94 17.12
N ASP C 272 18.84 -20.77 17.67
CA ASP C 272 17.72 -21.65 17.36
C ASP C 272 17.18 -21.29 15.98
N ALA C 273 16.76 -22.31 15.23
CA ALA C 273 16.43 -22.11 13.83
C ALA C 273 15.08 -21.43 13.65
N LEU C 274 15.00 -20.55 12.66
CA LEU C 274 13.72 -19.97 12.24
C LEU C 274 13.19 -20.78 11.07
N LEU C 275 12.04 -21.43 11.28
CA LEU C 275 11.50 -22.42 10.35
C LEU C 275 10.11 -22.02 9.90
N ILE C 276 9.89 -22.01 8.58
CA ILE C 276 8.56 -21.85 8.00
C ILE C 276 8.01 -23.25 7.72
N PRO C 277 6.92 -23.68 8.37
CA PRO C 277 6.40 -25.04 8.10
C PRO C 277 5.76 -25.08 6.73
N ARG C 278 6.20 -26.06 5.92
CA ARG C 278 5.90 -26.02 4.50
C ARG C 278 4.40 -26.16 4.23
N VAL C 279 3.78 -27.20 4.80
CA VAL C 279 2.36 -27.46 4.50
C VAL C 279 1.49 -26.30 4.98
N GLU C 280 1.74 -25.79 6.20
CA GLU C 280 0.96 -24.68 6.73
C GLU C 280 1.23 -23.37 5.99
N TRP C 281 2.36 -23.28 5.31
CA TRP C 281 2.63 -22.14 4.43
C TRP C 281 2.08 -22.36 3.02
N GLY C 282 1.15 -23.31 2.86
CA GLY C 282 0.61 -23.62 1.55
C GLY C 282 1.66 -24.01 0.53
N CYS C 283 2.73 -24.66 0.96
CA CYS C 283 3.83 -25.01 0.07
C CYS C 283 4.41 -23.76 -0.61
N GLY C 284 4.29 -22.61 0.04
CA GLY C 284 4.77 -21.37 -0.52
C GLY C 284 3.73 -20.53 -1.23
N MET C 285 2.45 -20.95 -1.24
CA MET C 285 1.45 -20.27 -2.08
C MET C 285 0.22 -19.80 -1.30
N ALA C 286 0.31 -19.70 0.02
CA ALA C 286 -0.83 -19.39 0.87
C ALA C 286 -0.98 -17.89 1.18
N HIS C 287 -0.16 -17.04 0.60
CA HIS C 287 -0.22 -15.59 0.84
C HIS C 287 -0.11 -15.28 2.33
N LYS C 288 0.72 -16.03 3.04
CA LYS C 288 0.97 -15.74 4.46
C LYS C 288 2.26 -14.93 4.52
N THR C 289 2.12 -13.61 4.54
CA THR C 289 3.25 -12.71 4.49
C THR C 289 3.97 -12.66 5.83
N ILE C 290 5.29 -12.67 5.80
CA ILE C 290 6.12 -12.64 7.00
C ILE C 290 6.93 -11.35 6.98
N LYS C 291 6.70 -10.49 7.97
CA LYS C 291 7.45 -9.25 8.12
C LYS C 291 8.19 -9.26 9.45
N GLY C 292 9.18 -8.38 9.58
CA GLY C 292 9.94 -8.26 10.80
C GLY C 292 10.87 -7.08 10.75
N GLY C 293 10.83 -6.18 11.74
CA GLY C 293 11.61 -4.97 11.65
C GLY C 293 12.07 -4.33 12.94
N LEU C 294 13.27 -3.76 12.89
CA LEU C 294 13.73 -2.86 13.93
C LEU C 294 12.81 -1.65 14.04
N CYS C 295 12.59 -1.20 15.27
CA CYS C 295 11.65 -0.10 15.51
C CYS C 295 12.18 1.18 14.86
N PRO C 296 11.29 2.02 14.32
CA PRO C 296 11.72 3.34 13.86
C PRO C 296 12.11 4.26 15.00
N GLY C 297 13.05 5.15 14.71
CA GLY C 297 13.45 6.21 15.61
C GLY C 297 13.37 7.55 14.90
N GLY C 298 14.17 8.48 15.37
CA GLY C 298 14.15 9.81 14.80
C GLY C 298 13.14 10.72 15.47
N ARG C 299 13.29 12.01 15.18
CA ARG C 299 12.45 13.04 15.79
C ARG C 299 10.97 12.85 15.44
N LEU C 300 10.64 12.58 14.17
CA LEU C 300 9.24 12.55 13.77
C LEU C 300 8.48 11.44 14.50
N ARG C 301 9.05 10.23 14.52
CA ARG C 301 8.44 9.13 15.26
C ARG C 301 8.28 9.47 16.75
N ALA C 302 9.32 10.05 17.37
CA ALA C 302 9.26 10.37 18.79
C ALA C 302 8.19 11.41 19.07
N GLU C 303 8.08 12.43 18.20
CA GLU C 303 7.06 13.45 18.37
C GLU C 303 5.65 12.91 18.16
N MET C 304 5.46 12.01 17.19
CA MET C 304 4.13 11.46 16.92
C MET C 304 3.69 10.53 18.04
N LEU C 305 4.59 9.71 18.57
CA LEU C 305 4.22 8.88 19.72
C LEU C 305 4.02 9.72 20.97
N ARG C 306 4.86 10.73 21.13
CA ARG C 306 4.68 11.66 22.25
C ARG C 306 3.28 12.27 22.23
N ASP C 307 2.82 12.69 21.05
CA ASP C 307 1.48 13.27 20.97
C ASP C 307 0.41 12.25 21.38
N MET C 308 0.61 10.98 21.01
CA MET C 308 -0.32 9.93 21.44
C MET C 308 -0.38 9.82 22.96
N VAL C 309 0.78 9.86 23.64
CA VAL C 309 0.76 9.82 25.10
C VAL C 309 0.09 11.08 25.66
N VAL C 310 0.44 12.24 25.11
CA VAL C 310 -0.11 13.50 25.61
C VAL C 310 -1.63 13.51 25.49
N TYR C 311 -2.16 12.97 24.41
CA TYR C 311 -3.60 12.92 24.22
C TYR C 311 -4.23 11.65 24.79
N ASN C 312 -3.49 10.92 25.65
CA ASN C 312 -4.06 9.80 26.40
C ASN C 312 -4.57 8.67 25.50
N ARG C 313 -3.90 8.43 24.37
CA ARG C 313 -4.28 7.28 23.57
C ARG C 313 -3.79 5.97 24.18
N VAL C 314 -2.75 6.03 25.00
CA VAL C 314 -2.23 4.85 25.69
C VAL C 314 -1.68 5.31 27.02
N ASP C 315 -1.90 4.52 28.08
CA ASP C 315 -1.42 4.81 29.43
C ASP C 315 -0.18 3.95 29.65
N LEU C 316 1.00 4.57 29.58
CA LEU C 316 2.26 3.84 29.68
C LEU C 316 2.63 3.46 31.12
N SER C 317 1.96 4.03 32.12
CA SER C 317 2.36 3.79 33.50
C SER C 317 2.23 2.32 33.90
N LYS C 318 1.31 1.57 33.25
CA LYS C 318 1.16 0.15 33.58
C LYS C 318 2.38 -0.67 33.19
N LEU C 319 3.28 -0.14 32.35
CA LEU C 319 4.50 -0.87 32.05
C LEU C 319 5.48 -0.83 33.21
N VAL C 320 5.43 0.20 34.05
CA VAL C 320 6.50 0.44 35.02
C VAL C 320 6.09 -0.11 36.38
N THR C 321 6.73 -1.21 36.77
CA THR C 321 6.48 -1.83 38.05
C THR C 321 7.56 -1.54 39.10
N HIS C 322 8.76 -1.11 38.68
CA HIS C 322 9.86 -0.85 39.59
C HIS C 322 10.47 0.48 39.26
N VAL C 323 10.63 1.33 40.27
CA VAL C 323 11.24 2.64 40.11
C VAL C 323 12.36 2.76 41.13
N TYR C 324 13.58 3.01 40.66
CA TYR C 324 14.70 3.28 41.54
C TYR C 324 15.08 4.76 41.44
N HIS C 325 15.76 5.24 42.48
CA HIS C 325 16.27 6.61 42.54
C HIS C 325 17.77 6.51 42.75
N GLY C 326 18.53 6.93 41.75
CA GLY C 326 19.97 6.96 41.93
C GLY C 326 20.72 6.12 40.90
N PHE C 327 21.73 6.75 40.32
CA PHE C 327 22.61 6.13 39.34
C PHE C 327 23.12 4.77 39.82
N ASP C 328 23.33 4.61 41.13
CA ASP C 328 23.86 3.37 41.69
C ASP C 328 22.98 2.15 41.43
N HIS C 329 21.69 2.35 41.20
CA HIS C 329 20.78 1.21 41.08
C HIS C 329 20.71 0.66 39.67
N ILE C 330 21.53 1.18 38.74
CA ILE C 330 21.51 0.66 37.37
C ILE C 330 21.86 -0.81 37.33
N GLU C 331 22.88 -1.20 38.11
CA GLU C 331 23.28 -2.60 38.14
C GLU C 331 22.16 -3.50 38.65
N GLU C 332 21.56 -3.13 39.79
CA GLU C 332 20.47 -3.92 40.35
C GLU C 332 19.30 -4.01 39.38
N ALA C 333 18.95 -2.89 38.73
CA ALA C 333 17.83 -2.89 37.79
C ALA C 333 18.12 -3.75 36.57
N LEU C 334 19.33 -3.65 36.03
CA LEU C 334 19.67 -4.45 34.85
C LEU C 334 19.68 -5.93 35.19
N LEU C 335 20.27 -6.30 36.32
CA LEU C 335 20.25 -7.69 36.77
C LEU C 335 18.83 -8.19 37.02
N LEU C 336 17.91 -7.30 37.36
CA LEU C 336 16.52 -7.71 37.51
C LEU C 336 15.98 -8.27 36.20
N MET C 337 16.36 -7.65 35.07
CA MET C 337 15.95 -8.16 33.75
C MET C 337 16.56 -9.51 33.45
N LYS C 338 17.67 -9.88 34.09
CA LYS C 338 18.24 -11.19 33.84
C LYS C 338 17.43 -12.29 34.55
N ASP C 339 17.05 -12.03 35.81
CA ASP C 339 16.31 -13.01 36.60
C ASP C 339 14.80 -12.89 36.45
N LYS C 340 14.28 -11.68 36.23
CA LYS C 340 12.85 -11.41 36.05
C LYS C 340 12.03 -11.99 37.19
N PRO C 341 11.97 -11.30 38.32
CA PRO C 341 11.04 -11.69 39.40
C PRO C 341 9.58 -11.64 38.96
N LYS C 342 8.74 -12.33 39.75
CA LYS C 342 7.35 -12.56 39.36
C LYS C 342 6.58 -11.27 39.11
N ASP C 343 7.00 -10.14 39.67
CA ASP C 343 6.23 -8.91 39.62
C ASP C 343 6.86 -7.83 38.76
N LEU C 344 7.80 -8.19 37.88
CA LEU C 344 8.49 -7.20 37.06
C LEU C 344 7.92 -7.14 35.65
N ILE C 345 7.71 -5.92 35.14
CA ILE C 345 7.49 -5.71 33.72
C ILE C 345 8.66 -4.86 33.23
N LYS C 346 8.65 -3.57 33.58
CA LYS C 346 9.80 -2.71 33.33
C LYS C 346 10.23 -1.98 34.59
N ALA C 347 11.52 -1.72 34.68
CA ALA C 347 12.12 -0.93 35.75
C ALA C 347 12.66 0.37 35.16
N VAL C 348 12.52 1.46 35.91
CA VAL C 348 13.10 2.75 35.54
C VAL C 348 13.99 3.21 36.69
N VAL C 349 15.18 3.69 36.35
CA VAL C 349 16.08 4.32 37.30
C VAL C 349 15.99 5.82 37.07
N ILE C 350 15.61 6.58 38.12
CA ILE C 350 15.56 8.04 38.07
C ILE C 350 16.88 8.61 38.57
N LEU C 351 17.50 9.46 37.77
CA LEU C 351 18.78 10.05 38.14
C LEU C 351 18.58 11.41 38.81
N HIS C 352 19.45 11.70 39.78
CA HIS C 352 19.40 12.94 40.56
C HIS C 352 20.82 13.49 40.56
N HIS C 353 21.13 14.22 39.48
CA HIS C 353 22.42 14.85 39.32
C HIS C 353 22.71 15.76 40.51
N HIS C 354 23.96 15.72 40.97
CA HIS C 354 24.37 16.42 42.17
C HIS C 354 25.89 16.53 42.15
N HIS C 355 26.47 17.09 43.21
CA HIS C 355 27.92 17.24 43.28
C HIS C 355 28.54 16.21 44.24
N MET D 1 -15.64 -40.73 -21.30
CA MET D 1 -14.68 -39.90 -22.00
C MET D 1 -13.27 -40.31 -21.63
N LYS D 2 -12.31 -39.93 -22.47
CA LYS D 2 -10.91 -40.26 -22.26
C LYS D 2 -10.19 -39.12 -21.53
N GLY D 3 -9.32 -39.49 -20.61
CA GLY D 3 -8.57 -38.51 -19.84
C GLY D 3 -7.28 -39.09 -19.32
N PHE D 4 -6.28 -38.24 -19.17
CA PHE D 4 -4.98 -38.65 -18.65
C PHE D 4 -4.91 -38.29 -17.17
N ALA D 5 -4.75 -39.31 -16.33
CA ALA D 5 -5.05 -39.13 -14.91
C ALA D 5 -3.91 -39.59 -14.00
N MET D 6 -3.93 -39.01 -12.81
CA MET D 6 -3.18 -39.53 -11.67
C MET D 6 -4.02 -40.67 -11.09
N LEU D 7 -3.59 -41.91 -11.34
CA LEU D 7 -4.30 -43.05 -10.75
C LEU D 7 -4.14 -43.03 -9.24
N GLY D 8 -2.92 -42.85 -8.77
CA GLY D 8 -2.62 -42.58 -7.38
C GLY D 8 -1.28 -41.92 -7.36
N ILE D 9 -0.66 -41.90 -6.17
CA ILE D 9 0.72 -41.46 -6.08
C ILE D 9 1.63 -42.43 -6.84
N ASN D 10 2.49 -41.88 -7.71
CA ASN D 10 3.45 -42.60 -8.55
C ASN D 10 2.82 -43.39 -9.68
N LYS D 11 1.58 -43.09 -10.07
CA LYS D 11 0.93 -43.82 -11.15
C LYS D 11 0.22 -42.84 -12.08
N LEU D 12 0.65 -42.80 -13.34
CA LEU D 12 0.00 -42.05 -14.40
C LEU D 12 -0.61 -43.04 -15.38
N GLY D 13 -1.68 -42.61 -16.05
CA GLY D 13 -2.29 -43.47 -17.07
C GLY D 13 -3.53 -42.86 -17.67
N TRP D 14 -3.92 -43.42 -18.83
CA TRP D 14 -5.19 -43.11 -19.47
C TRP D 14 -6.33 -43.81 -18.75
N ILE D 15 -7.43 -43.08 -18.51
CA ILE D 15 -8.62 -43.66 -17.89
C ILE D 15 -9.86 -43.31 -18.70
N GLU D 16 -10.86 -44.15 -18.55
CA GLU D 16 -12.22 -43.86 -19.01
C GLU D 16 -13.03 -43.32 -17.83
N LYS D 17 -13.82 -42.29 -18.08
CA LYS D 17 -14.56 -41.60 -17.04
C LYS D 17 -15.88 -41.08 -17.59
N GLU D 18 -16.86 -40.94 -16.71
CA GLU D 18 -18.11 -40.29 -17.11
C GLU D 18 -17.84 -38.81 -17.39
N ARG D 19 -18.54 -38.29 -18.39
CA ARG D 19 -18.43 -36.88 -18.73
C ARG D 19 -19.01 -36.01 -17.62
N PRO D 20 -18.34 -34.91 -17.26
CA PRO D 20 -18.93 -33.99 -16.26
C PRO D 20 -20.12 -33.24 -16.85
N VAL D 21 -21.09 -32.94 -15.99
CA VAL D 21 -22.30 -32.19 -16.35
C VAL D 21 -22.27 -30.84 -15.63
N ALA D 22 -22.74 -29.81 -16.32
CA ALA D 22 -22.67 -28.44 -15.79
C ALA D 22 -23.84 -28.12 -14.87
N GLY D 23 -23.53 -27.55 -13.71
CA GLY D 23 -24.54 -26.95 -12.87
C GLY D 23 -25.07 -25.67 -13.50
N SER D 24 -26.04 -25.07 -12.81
CA SER D 24 -26.79 -23.94 -13.37
C SER D 24 -25.89 -22.79 -13.77
N TYR D 25 -24.74 -22.65 -13.11
CA TYR D 25 -23.81 -21.53 -13.32
C TYR D 25 -22.50 -21.96 -13.96
N ASP D 26 -22.38 -23.22 -14.38
CA ASP D 26 -21.12 -23.80 -14.85
C ASP D 26 -21.14 -23.96 -16.36
N ALA D 27 -19.97 -24.34 -16.90
CA ALA D 27 -19.79 -24.69 -18.31
C ALA D 27 -19.01 -25.99 -18.40
N ILE D 28 -19.32 -26.76 -19.43
CA ILE D 28 -18.48 -27.88 -19.84
C ILE D 28 -17.67 -27.41 -21.03
N VAL D 29 -16.36 -27.61 -20.97
CA VAL D 29 -15.44 -27.10 -21.96
C VAL D 29 -14.67 -28.28 -22.55
N ARG D 30 -14.41 -28.20 -23.79
CA ARG D 30 -13.63 -29.02 -24.67
C ARG D 30 -12.26 -28.39 -24.91
N PRO D 31 -11.13 -29.09 -24.68
CA PRO D 31 -9.82 -28.46 -24.91
C PRO D 31 -9.52 -28.27 -26.39
N LEU D 32 -8.93 -27.12 -26.72
CA LEU D 32 -8.33 -26.92 -28.02
C LEU D 32 -6.81 -27.02 -27.99
N ALA D 33 -6.18 -26.69 -26.86
CA ALA D 33 -4.74 -26.82 -26.71
C ALA D 33 -4.43 -26.83 -25.23
N VAL D 34 -3.48 -27.69 -24.82
CA VAL D 34 -3.16 -27.88 -23.41
C VAL D 34 -1.64 -27.92 -23.24
N SER D 35 -1.22 -27.76 -21.99
CA SER D 35 0.20 -27.78 -21.63
C SER D 35 0.40 -28.48 -20.29
N PRO D 36 1.45 -29.31 -20.15
CA PRO D 36 1.75 -29.87 -18.83
C PRO D 36 2.55 -28.91 -17.97
N CYS D 37 2.31 -28.99 -16.65
CA CYS D 37 2.94 -28.11 -15.66
C CYS D 37 3.80 -28.94 -14.73
N THR D 38 4.91 -28.36 -14.28
CA THR D 38 5.77 -29.07 -13.34
C THR D 38 5.04 -29.38 -12.04
N SER D 39 4.00 -28.61 -11.71
CA SER D 39 3.28 -28.85 -10.47
C SER D 39 2.64 -30.23 -10.45
N ASP D 40 2.20 -30.72 -11.61
CA ASP D 40 1.60 -32.05 -11.65
C ASP D 40 2.63 -33.13 -11.37
N ILE D 41 3.91 -32.86 -11.67
CA ILE D 41 4.96 -33.81 -11.27
C ILE D 41 5.12 -33.83 -9.75
N HIS D 42 5.11 -32.65 -9.11
CA HIS D 42 5.08 -32.61 -7.65
C HIS D 42 3.87 -33.36 -7.10
N THR D 43 2.68 -33.08 -7.65
CA THR D 43 1.45 -33.67 -7.13
C THR D 43 1.45 -35.19 -7.27
N VAL D 44 1.86 -35.71 -8.42
CA VAL D 44 1.77 -37.15 -8.64
C VAL D 44 2.91 -37.89 -7.93
N PHE D 45 4.15 -37.48 -8.15
CA PHE D 45 5.30 -38.25 -7.70
C PHE D 45 5.83 -37.84 -6.34
N GLU D 46 5.33 -36.77 -5.73
CA GLU D 46 5.70 -36.43 -4.37
C GLU D 46 4.53 -36.41 -3.42
N GLY D 47 3.30 -36.58 -3.91
CA GLY D 47 2.13 -36.46 -3.05
C GLY D 47 2.08 -35.15 -2.31
N ALA D 48 2.51 -34.06 -2.96
CA ALA D 48 2.69 -32.80 -2.25
C ALA D 48 1.37 -32.22 -1.75
N LEU D 49 0.25 -32.60 -2.37
CA LEU D 49 -1.07 -32.13 -1.95
C LEU D 49 -1.92 -33.26 -1.36
N GLY D 50 -1.30 -34.37 -0.94
CA GLY D 50 -2.06 -35.52 -0.49
C GLY D 50 -2.21 -36.54 -1.60
N ASP D 51 -3.05 -37.53 -1.32
CA ASP D 51 -3.29 -38.63 -2.24
C ASP D 51 -4.54 -38.36 -3.08
N ARG D 52 -4.54 -38.91 -4.30
CA ARG D 52 -5.66 -38.78 -5.21
C ARG D 52 -5.88 -40.13 -5.88
N LYS D 53 -7.11 -40.37 -6.35
CA LYS D 53 -7.41 -41.60 -7.07
C LYS D 53 -8.15 -41.24 -8.36
N ASN D 54 -7.53 -41.52 -9.50
CA ASN D 54 -8.14 -41.28 -10.81
C ASN D 54 -8.52 -39.83 -11.02
N MET D 55 -7.64 -38.91 -10.63
CA MET D 55 -7.85 -37.48 -10.89
C MET D 55 -7.21 -37.13 -12.23
N ILE D 56 -8.04 -36.68 -13.19
CA ILE D 56 -7.50 -36.21 -14.45
C ILE D 56 -6.61 -35.01 -14.18
N LEU D 57 -5.44 -35.01 -14.82
CA LEU D 57 -4.41 -34.02 -14.55
C LEU D 57 -4.54 -32.81 -15.46
N GLY D 58 -3.66 -31.84 -15.26
CA GLY D 58 -3.57 -30.69 -16.16
C GLY D 58 -4.46 -29.53 -15.77
N HIS D 59 -3.94 -28.30 -15.88
CA HIS D 59 -4.75 -27.13 -15.58
C HIS D 59 -4.42 -25.94 -16.47
N GLU D 60 -3.79 -26.15 -17.61
CA GLU D 60 -3.46 -25.09 -18.57
C GLU D 60 -4.14 -25.42 -19.88
N ALA D 61 -5.19 -24.68 -20.21
CA ALA D 61 -5.93 -25.02 -21.42
C ALA D 61 -6.60 -23.79 -22.01
N VAL D 62 -6.73 -23.80 -23.32
CA VAL D 62 -7.73 -23.00 -24.01
C VAL D 62 -8.69 -24.00 -24.64
N GLY D 63 -9.96 -23.60 -24.73
CA GLY D 63 -10.95 -24.56 -25.17
C GLY D 63 -12.14 -23.91 -25.82
N GLU D 64 -13.10 -24.75 -26.16
CA GLU D 64 -14.37 -24.33 -26.73
C GLU D 64 -15.49 -24.77 -25.80
N VAL D 65 -16.38 -23.84 -25.44
CA VAL D 65 -17.54 -24.17 -24.62
C VAL D 65 -18.47 -25.09 -25.39
N VAL D 66 -18.83 -26.21 -24.78
CA VAL D 66 -19.79 -27.13 -25.39
C VAL D 66 -21.15 -27.11 -24.69
N GLU D 67 -21.23 -26.69 -23.44
CA GLU D 67 -22.48 -26.71 -22.69
C GLU D 67 -22.39 -25.69 -21.56
N VAL D 68 -23.50 -24.98 -21.30
CA VAL D 68 -23.57 -24.04 -20.19
C VAL D 68 -24.85 -24.31 -19.44
N GLY D 69 -24.84 -23.95 -18.16
CA GLY D 69 -26.03 -24.03 -17.34
C GLY D 69 -27.04 -22.94 -17.67
N SER D 70 -28.25 -23.14 -17.14
CA SER D 70 -29.39 -22.26 -17.46
C SER D 70 -29.21 -20.84 -16.95
N GLU D 71 -28.30 -20.59 -16.01
CA GLU D 71 -28.09 -19.24 -15.48
C GLU D 71 -26.82 -18.59 -16.02
N VAL D 72 -26.08 -19.27 -16.90
CA VAL D 72 -24.92 -18.67 -17.54
C VAL D 72 -25.39 -17.65 -18.56
N LYS D 73 -24.84 -16.44 -18.50
CA LYS D 73 -25.37 -15.34 -19.28
C LYS D 73 -24.42 -14.79 -20.34
N ASP D 74 -23.11 -14.90 -20.15
CA ASP D 74 -22.16 -14.31 -21.08
C ASP D 74 -21.47 -15.32 -21.99
N PHE D 75 -21.64 -16.61 -21.77
CA PHE D 75 -21.03 -17.62 -22.61
C PHE D 75 -22.08 -18.59 -23.09
N LYS D 76 -21.82 -19.17 -24.25
CA LYS D 76 -22.74 -20.07 -24.93
C LYS D 76 -21.91 -21.15 -25.63
N PRO D 77 -22.51 -22.28 -25.97
CA PRO D 77 -21.77 -23.32 -26.71
C PRO D 77 -21.20 -22.75 -27.99
N GLY D 78 -19.94 -23.08 -28.26
CA GLY D 78 -19.22 -22.56 -29.40
C GLY D 78 -18.23 -21.47 -29.08
N ASP D 79 -18.39 -20.77 -27.96
CA ASP D 79 -17.43 -19.74 -27.59
C ASP D 79 -16.05 -20.37 -27.35
N ARG D 80 -15.01 -19.72 -27.87
CA ARG D 80 -13.64 -20.15 -27.62
C ARG D 80 -13.08 -19.31 -26.50
N VAL D 81 -12.47 -19.98 -25.51
CA VAL D 81 -12.20 -19.36 -24.22
C VAL D 81 -10.77 -19.65 -23.77
N ILE D 82 -10.23 -18.68 -23.02
CA ILE D 82 -9.04 -18.85 -22.20
C ILE D 82 -9.49 -19.31 -20.82
N VAL D 83 -8.91 -20.40 -20.32
CA VAL D 83 -9.33 -20.95 -19.03
C VAL D 83 -8.21 -20.70 -18.02
N PRO D 84 -8.37 -19.76 -17.09
CA PRO D 84 -7.33 -19.59 -16.06
C PRO D 84 -7.20 -20.86 -15.22
N CYS D 85 -5.97 -21.18 -14.82
CA CYS D 85 -5.77 -22.38 -14.01
C CYS D 85 -6.43 -22.26 -12.63
N THR D 86 -6.53 -21.04 -12.11
CA THR D 86 -7.23 -20.77 -10.85
C THR D 86 -8.64 -20.30 -11.18
N THR D 87 -9.65 -21.05 -10.68
CA THR D 87 -11.07 -20.76 -10.95
C THR D 87 -11.83 -20.73 -9.63
N PRO D 88 -11.80 -19.60 -8.92
CA PRO D 88 -12.35 -19.55 -7.55
C PRO D 88 -13.86 -19.71 -7.49
N ASP D 89 -14.32 -20.13 -6.31
CA ASP D 89 -15.70 -19.92 -5.88
C ASP D 89 -15.80 -18.47 -5.43
N TRP D 90 -16.58 -17.66 -6.14
CA TRP D 90 -16.56 -16.24 -5.86
C TRP D 90 -17.46 -15.84 -4.69
N ARG D 91 -18.32 -16.72 -4.18
CA ARG D 91 -19.17 -16.36 -3.05
C ARG D 91 -18.57 -16.98 -1.79
N SER D 92 -17.58 -16.28 -1.24
CA SER D 92 -16.96 -16.69 0.03
C SER D 92 -16.52 -15.45 0.79
N LEU D 93 -16.31 -15.65 2.10
CA LEU D 93 -15.77 -14.57 2.92
C LEU D 93 -14.32 -14.28 2.58
N GLU D 94 -13.58 -15.26 2.04
CA GLU D 94 -12.22 -14.97 1.60
C GLU D 94 -12.22 -14.04 0.41
N VAL D 95 -13.23 -14.19 -0.46
CA VAL D 95 -13.37 -13.26 -1.58
C VAL D 95 -13.69 -11.86 -1.06
N GLN D 96 -14.52 -11.76 -0.03
CA GLN D 96 -14.79 -10.46 0.56
C GLN D 96 -13.55 -9.85 1.19
N ALA D 97 -12.58 -10.67 1.62
CA ALA D 97 -11.35 -10.10 2.15
C ALA D 97 -10.29 -9.89 1.07
N GLY D 98 -10.58 -10.21 -0.18
CA GLY D 98 -9.64 -9.96 -1.26
C GLY D 98 -8.72 -11.11 -1.62
N PHE D 99 -9.05 -12.34 -1.23
CA PHE D 99 -8.16 -13.49 -1.48
C PHE D 99 -8.92 -14.59 -2.24
N GLN D 100 -9.15 -14.32 -3.52
CA GLN D 100 -9.82 -15.27 -4.41
C GLN D 100 -9.11 -16.61 -4.44
N GLN D 101 -7.77 -16.60 -4.36
CA GLN D 101 -7.03 -17.85 -4.47
C GLN D 101 -7.38 -18.83 -3.34
N HIS D 102 -7.90 -18.35 -2.22
CA HIS D 102 -8.19 -19.22 -1.08
C HIS D 102 -9.67 -19.23 -0.71
N SER D 103 -10.56 -18.91 -1.66
CA SER D 103 -11.98 -18.97 -1.36
C SER D 103 -12.36 -20.38 -0.95
N ASN D 104 -12.95 -20.50 0.25
CA ASN D 104 -13.35 -21.76 0.85
C ASN D 104 -12.17 -22.66 1.19
N GLY D 105 -10.97 -22.13 1.33
CA GLY D 105 -9.86 -22.92 1.84
C GLY D 105 -8.52 -22.57 1.21
N MET D 106 -7.45 -22.96 1.90
CA MET D 106 -6.10 -22.72 1.43
C MET D 106 -5.91 -23.34 0.07
N LEU D 107 -5.54 -22.52 -0.92
CA LEU D 107 -5.30 -22.91 -2.30
C LEU D 107 -6.56 -23.39 -3.02
N ALA D 108 -7.73 -23.33 -2.38
CA ALA D 108 -8.94 -23.91 -2.94
C ALA D 108 -9.44 -23.18 -4.18
N GLY D 109 -8.89 -22.00 -4.50
CA GLY D 109 -9.21 -21.37 -5.75
C GLY D 109 -8.62 -22.07 -6.95
N TRP D 110 -7.57 -22.87 -6.75
CA TRP D 110 -6.97 -23.69 -7.78
C TRP D 110 -7.56 -25.09 -7.67
N LYS D 111 -8.48 -25.41 -8.58
CA LYS D 111 -9.18 -26.69 -8.52
C LYS D 111 -8.61 -27.74 -9.47
N PHE D 112 -8.40 -27.38 -10.75
CA PHE D 112 -7.95 -28.31 -11.79
C PHE D 112 -6.67 -29.02 -11.40
N SER D 113 -6.72 -30.36 -11.33
CA SER D 113 -5.61 -31.24 -10.98
C SER D 113 -5.05 -30.94 -9.59
N ASN D 114 -5.77 -30.17 -8.78
CA ASN D 114 -5.54 -30.11 -7.36
C ASN D 114 -6.52 -31.06 -6.66
N PHE D 115 -7.82 -30.78 -6.74
CA PHE D 115 -8.82 -31.71 -6.21
C PHE D 115 -9.99 -31.91 -7.16
N LYS D 116 -9.89 -31.42 -8.39
CA LYS D 116 -10.92 -31.50 -9.41
C LYS D 116 -10.27 -32.05 -10.67
N ASP D 117 -10.99 -32.90 -11.40
CA ASP D 117 -10.50 -33.41 -12.68
C ASP D 117 -10.06 -32.25 -13.57
N GLY D 118 -8.85 -32.35 -14.10
CA GLY D 118 -8.25 -31.27 -14.85
C GLY D 118 -8.56 -31.29 -16.34
N VAL D 119 -7.72 -30.62 -17.12
CA VAL D 119 -8.05 -30.36 -18.51
C VAL D 119 -7.51 -31.42 -19.47
N PHE D 120 -6.81 -32.44 -18.98
CA PHE D 120 -6.34 -33.50 -19.88
C PHE D 120 -7.43 -34.53 -20.14
N GLY D 121 -8.64 -34.07 -20.49
CA GLY D 121 -9.71 -34.97 -20.84
C GLY D 121 -10.45 -34.43 -22.05
N GLU D 122 -11.31 -35.26 -22.62
CA GLU D 122 -12.09 -34.79 -23.76
C GLU D 122 -13.02 -33.66 -23.36
N TYR D 123 -13.48 -33.66 -22.11
CA TYR D 123 -14.26 -32.55 -21.59
C TYR D 123 -13.76 -32.25 -20.19
N PHE D 124 -13.94 -31.00 -19.76
CA PHE D 124 -13.72 -30.65 -18.37
C PHE D 124 -14.73 -29.60 -17.94
N HIS D 125 -14.83 -29.43 -16.63
CA HIS D 125 -15.88 -28.64 -15.97
C HIS D 125 -15.26 -27.35 -15.44
N VAL D 126 -15.89 -26.23 -15.73
CA VAL D 126 -15.50 -24.93 -15.19
C VAL D 126 -16.65 -24.37 -14.34
N ASN D 127 -16.37 -24.13 -13.07
CA ASN D 127 -17.37 -23.57 -12.17
C ASN D 127 -17.53 -22.08 -12.41
N ASP D 128 -18.76 -21.59 -12.38
CA ASP D 128 -19.08 -20.17 -12.53
C ASP D 128 -18.45 -19.60 -13.81
N ALA D 129 -19.01 -20.06 -14.93
CA ALA D 129 -18.48 -19.71 -16.24
C ALA D 129 -18.39 -18.20 -16.44
N ASP D 130 -19.43 -17.46 -16.04
CA ASP D 130 -19.45 -16.00 -16.23
C ASP D 130 -18.36 -15.30 -15.44
N MET D 131 -17.91 -15.88 -14.33
CA MET D 131 -16.90 -15.26 -13.49
C MET D 131 -15.49 -15.79 -13.78
N ASN D 132 -15.36 -16.91 -14.50
CA ASN D 132 -14.10 -17.62 -14.55
C ASN D 132 -13.57 -17.94 -15.95
N LEU D 133 -14.22 -17.45 -17.01
CA LEU D 133 -13.78 -17.65 -18.39
C LEU D 133 -13.54 -16.30 -19.05
N ALA D 134 -12.74 -16.31 -20.12
CA ALA D 134 -12.55 -15.13 -20.97
C ALA D 134 -12.51 -15.56 -22.42
N ILE D 135 -13.01 -14.68 -23.31
CA ILE D 135 -13.02 -15.00 -24.73
C ILE D 135 -11.60 -15.01 -25.27
N LEU D 136 -11.30 -16.04 -26.08
CA LEU D 136 -10.03 -16.16 -26.79
C LEU D 136 -10.13 -15.40 -28.11
N PRO D 137 -9.28 -14.42 -28.37
CA PRO D 137 -9.38 -13.70 -29.65
C PRO D 137 -9.10 -14.62 -30.83
N LYS D 138 -9.83 -14.38 -31.93
CA LYS D 138 -9.79 -15.27 -33.10
C LYS D 138 -8.39 -15.44 -33.66
N ASP D 139 -7.57 -14.39 -33.60
CA ASP D 139 -6.29 -14.37 -34.29
C ASP D 139 -5.10 -14.66 -33.38
N MET D 140 -5.35 -15.06 -32.11
CA MET D 140 -4.25 -15.36 -31.20
C MET D 140 -3.81 -16.81 -31.39
N PRO D 141 -2.52 -17.07 -31.64
CA PRO D 141 -2.05 -18.46 -31.76
C PRO D 141 -2.39 -19.24 -30.50
N LEU D 142 -2.80 -20.51 -30.69
CA LEU D 142 -3.27 -21.28 -29.54
C LEU D 142 -2.15 -21.52 -28.52
N GLU D 143 -0.94 -21.83 -28.98
CA GLU D 143 0.14 -22.13 -28.04
C GLU D 143 0.52 -20.90 -27.21
N ASN D 144 0.45 -19.70 -27.79
CA ASN D 144 0.65 -18.49 -27.00
C ASN D 144 -0.43 -18.35 -25.94
N ALA D 145 -1.69 -18.61 -26.32
CA ALA D 145 -2.79 -18.37 -25.41
C ALA D 145 -2.74 -19.29 -24.20
N VAL D 146 -2.28 -20.54 -24.38
CA VAL D 146 -2.19 -21.48 -23.25
C VAL D 146 -1.21 -20.96 -22.21
N MET D 147 -0.20 -20.20 -22.63
CA MET D 147 0.76 -19.63 -21.69
C MET D 147 0.13 -18.58 -20.78
N ILE D 148 -1.01 -17.98 -21.17
CA ILE D 148 -1.68 -17.02 -20.30
C ILE D 148 -2.18 -17.67 -19.03
N THR D 149 -2.71 -18.89 -19.14
CA THR D 149 -3.52 -19.51 -18.11
C THR D 149 -2.74 -19.79 -16.84
N ASP D 150 -1.42 -19.84 -16.90
CA ASP D 150 -0.67 -20.27 -15.73
C ASP D 150 0.72 -19.63 -15.71
N MET D 151 1.54 -19.86 -16.76
CA MET D 151 2.89 -19.32 -16.72
C MET D 151 2.89 -17.80 -16.54
N MET D 152 2.11 -17.10 -17.36
CA MET D 152 2.12 -15.64 -17.32
C MET D 152 1.51 -15.11 -16.01
N THR D 153 0.35 -15.63 -15.61
CA THR D 153 -0.29 -15.13 -14.41
C THR D 153 0.56 -15.44 -13.18
N THR D 154 1.24 -16.59 -13.18
CA THR D 154 2.12 -16.92 -12.05
C THR D 154 3.36 -16.06 -12.07
N GLY D 155 4.05 -15.99 -13.22
CA GLY D 155 5.24 -15.17 -13.29
C GLY D 155 4.96 -13.72 -12.95
N PHE D 156 3.86 -13.17 -13.47
CA PHE D 156 3.55 -11.78 -13.20
C PHE D 156 3.16 -11.57 -11.75
N HIS D 157 2.48 -12.55 -11.13
CA HIS D 157 2.17 -12.43 -9.71
C HIS D 157 3.44 -12.37 -8.88
N GLY D 158 4.45 -13.14 -9.28
CA GLY D 158 5.73 -13.03 -8.63
C GLY D 158 6.27 -11.62 -8.66
N ALA D 159 6.17 -10.95 -9.82
CA ALA D 159 6.63 -9.58 -9.91
C ALA D 159 5.69 -8.62 -9.18
N GLU D 160 4.38 -8.93 -9.14
CA GLU D 160 3.44 -8.09 -8.39
C GLU D 160 3.68 -8.18 -6.88
N LEU D 161 3.88 -9.40 -6.36
CA LEU D 161 4.17 -9.58 -4.94
C LEU D 161 5.49 -8.94 -4.56
N ALA D 162 6.44 -8.84 -5.50
CA ALA D 162 7.74 -8.25 -5.18
C ALA D 162 7.70 -6.74 -5.03
N ASP D 163 6.61 -6.08 -5.42
CA ASP D 163 6.46 -4.63 -5.24
C ASP D 163 7.67 -3.87 -5.80
N ILE D 164 7.97 -4.15 -7.05
CA ILE D 164 9.12 -3.60 -7.76
C ILE D 164 8.92 -2.11 -8.02
N GLN D 165 10.00 -1.34 -7.96
CA GLN D 165 10.02 0.08 -8.25
C GLN D 165 10.73 0.34 -9.57
N MET D 166 10.54 1.53 -10.11
CA MET D 166 11.23 1.93 -11.33
C MET D 166 12.73 1.91 -11.09
N GLY D 167 13.42 0.91 -11.65
CA GLY D 167 14.85 0.81 -11.48
C GLY D 167 15.31 -0.17 -10.43
N SER D 168 14.39 -0.84 -9.72
CA SER D 168 14.80 -1.87 -8.76
C SER D 168 15.72 -2.88 -9.44
N SER D 169 16.74 -3.35 -8.69
CA SER D 169 17.51 -4.52 -9.09
C SER D 169 16.81 -5.77 -8.59
N VAL D 170 16.75 -6.80 -9.44
CA VAL D 170 15.97 -8.00 -9.16
C VAL D 170 16.79 -9.23 -9.49
N VAL D 171 16.76 -10.22 -8.60
CA VAL D 171 17.27 -11.57 -8.90
C VAL D 171 16.08 -12.51 -9.06
N VAL D 172 16.10 -13.32 -10.11
CA VAL D 172 15.12 -14.39 -10.29
C VAL D 172 15.86 -15.72 -10.17
N ILE D 173 15.52 -16.50 -9.13
CA ILE D 173 16.18 -17.78 -8.92
C ILE D 173 15.32 -18.86 -9.57
N GLY D 174 15.88 -19.53 -10.57
CA GLY D 174 15.12 -20.49 -11.34
C GLY D 174 14.48 -19.84 -12.54
N ILE D 175 15.01 -20.19 -13.71
CA ILE D 175 14.60 -19.61 -14.99
C ILE D 175 13.98 -20.69 -15.86
N GLY D 176 13.15 -21.54 -15.27
CA GLY D 176 12.22 -22.32 -16.05
C GLY D 176 11.15 -21.38 -16.59
N ALA D 177 10.08 -21.99 -17.11
CA ALA D 177 9.00 -21.21 -17.70
C ALA D 177 8.48 -20.14 -16.74
N VAL D 178 8.20 -20.52 -15.49
CA VAL D 178 7.66 -19.57 -14.52
C VAL D 178 8.63 -18.44 -14.26
N GLY D 179 9.92 -18.75 -14.08
CA GLY D 179 10.91 -17.71 -13.88
C GLY D 179 11.08 -16.78 -15.07
N LEU D 180 10.91 -17.31 -16.30
CA LEU D 180 11.00 -16.46 -17.49
C LEU D 180 9.91 -15.39 -17.48
N MET D 181 8.68 -15.77 -17.08
CA MET D 181 7.62 -14.79 -16.87
C MET D 181 7.86 -13.95 -15.62
N GLY D 182 8.61 -14.46 -14.64
CA GLY D 182 9.05 -13.61 -13.55
C GLY D 182 9.98 -12.51 -14.04
N ILE D 183 10.89 -12.85 -14.95
CA ILE D 183 11.77 -11.86 -15.56
C ILE D 183 10.98 -10.88 -16.40
N ALA D 184 10.09 -11.41 -17.25
CA ALA D 184 9.25 -10.56 -18.08
C ALA D 184 8.40 -9.64 -17.23
N GLY D 185 7.81 -10.18 -16.15
CA GLY D 185 6.99 -9.37 -15.28
C GLY D 185 7.78 -8.30 -14.55
N ALA D 186 8.96 -8.66 -14.05
CA ALA D 186 9.79 -7.66 -13.37
C ALA D 186 10.16 -6.52 -14.31
N LYS D 187 10.50 -6.84 -15.56
CA LYS D 187 10.75 -5.79 -16.54
C LYS D 187 9.51 -4.92 -16.73
N LEU D 188 8.33 -5.53 -16.78
CA LEU D 188 7.09 -4.78 -16.97
C LEU D 188 6.61 -4.10 -15.69
N ARG D 189 7.35 -4.22 -14.59
CA ARG D 189 7.13 -3.40 -13.44
C ARG D 189 8.19 -2.32 -13.31
N GLY D 190 9.14 -2.26 -14.25
CA GLY D 190 10.11 -1.19 -14.30
C GLY D 190 11.48 -1.54 -13.76
N ALA D 191 11.79 -2.83 -13.58
CA ALA D 191 13.07 -3.23 -13.02
C ALA D 191 14.22 -2.73 -13.87
N GLY D 192 15.32 -2.38 -13.20
CA GLY D 192 16.54 -2.10 -13.93
C GLY D 192 17.30 -3.39 -14.16
N ARG D 193 18.29 -3.65 -13.31
CA ARG D 193 19.07 -4.87 -13.45
C ARG D 193 18.21 -6.09 -13.10
N ILE D 194 18.25 -7.11 -13.96
CA ILE D 194 17.59 -8.38 -13.67
C ILE D 194 18.63 -9.50 -13.81
N ILE D 195 18.92 -10.17 -12.70
CA ILE D 195 19.88 -11.26 -12.66
C ILE D 195 19.09 -12.56 -12.59
N GLY D 196 19.27 -13.44 -13.57
CA GLY D 196 18.66 -14.76 -13.55
C GLY D 196 19.66 -15.81 -13.08
N VAL D 197 19.17 -16.76 -12.28
CA VAL D 197 20.00 -17.83 -11.72
C VAL D 197 19.48 -19.17 -12.21
N ASP D 198 20.30 -19.91 -12.94
CA ASP D 198 19.91 -21.21 -13.45
C ASP D 198 21.14 -21.87 -14.08
N TYR D 199 20.98 -23.14 -14.47
CA TYR D 199 22.06 -23.90 -15.09
C TYR D 199 21.71 -24.47 -16.46
N ARG D 200 20.53 -24.18 -17.02
CA ARG D 200 20.10 -24.79 -18.27
C ARG D 200 20.31 -23.83 -19.44
N PRO D 201 21.11 -24.21 -20.44
CA PRO D 201 21.43 -23.27 -21.53
C PRO D 201 20.24 -22.75 -22.32
N ILE D 202 19.21 -23.57 -22.56
CA ILE D 202 18.06 -23.14 -23.36
C ILE D 202 17.38 -21.92 -22.74
N CYS D 203 17.36 -21.85 -21.42
CA CYS D 203 16.73 -20.75 -20.74
C CYS D 203 17.54 -19.45 -20.85
N VAL D 204 18.85 -19.56 -21.16
CA VAL D 204 19.71 -18.38 -21.20
C VAL D 204 19.25 -17.41 -22.30
N GLU D 205 19.02 -17.92 -23.52
CA GLU D 205 18.58 -17.04 -24.59
C GLU D 205 17.19 -16.48 -24.32
N ALA D 206 16.28 -17.32 -23.81
CA ALA D 206 14.95 -16.81 -23.47
C ALA D 206 15.02 -15.76 -22.37
N ALA D 207 15.87 -15.99 -21.36
CA ALA D 207 15.96 -15.04 -20.26
C ALA D 207 16.43 -13.68 -20.77
N LYS D 208 17.42 -13.67 -21.65
CA LYS D 208 17.87 -12.41 -22.23
C LYS D 208 16.76 -11.76 -23.04
N PHE D 209 16.05 -12.55 -23.85
CA PHE D 209 14.93 -12.00 -24.60
C PHE D 209 13.93 -11.31 -23.67
N TYR D 210 13.56 -11.96 -22.57
CA TYR D 210 12.52 -11.39 -21.70
C TYR D 210 13.03 -10.28 -20.79
N GLY D 211 14.34 -10.06 -20.69
CA GLY D 211 14.81 -8.91 -19.96
C GLY D 211 15.97 -9.11 -19.01
N ALA D 212 16.54 -10.32 -18.95
CA ALA D 212 17.67 -10.54 -18.06
C ALA D 212 18.87 -9.72 -18.53
N THR D 213 19.54 -9.07 -17.59
CA THR D 213 20.77 -8.33 -17.88
C THR D 213 22.01 -9.08 -17.45
N ASP D 214 21.86 -10.09 -16.58
CA ASP D 214 22.96 -10.91 -16.12
C ASP D 214 22.43 -12.33 -15.92
N ILE D 215 23.30 -13.31 -16.11
CA ILE D 215 22.95 -14.71 -15.94
C ILE D 215 24.01 -15.35 -15.05
N LEU D 216 23.59 -15.95 -13.94
CA LEU D 216 24.51 -16.65 -13.06
C LEU D 216 24.22 -18.14 -13.07
N ASN D 217 25.28 -18.95 -13.17
CA ASN D 217 25.15 -20.40 -13.13
C ASN D 217 25.59 -20.87 -11.75
N PRO D 218 24.73 -21.50 -10.96
CA PRO D 218 25.16 -21.95 -9.61
C PRO D 218 26.29 -22.96 -9.65
N LYS D 219 26.50 -23.64 -10.77
CA LYS D 219 27.50 -24.69 -10.83
C LYS D 219 28.93 -24.16 -10.72
N ASN D 220 29.17 -22.88 -10.97
CA ASN D 220 30.55 -22.41 -10.83
C ASN D 220 30.70 -21.43 -9.67
N GLY D 221 30.17 -21.78 -8.50
CA GLY D 221 30.45 -21.06 -7.27
C GLY D 221 29.18 -20.76 -6.49
N HIS D 222 29.33 -20.62 -5.17
CA HIS D 222 28.15 -20.34 -4.36
C HIS D 222 27.45 -19.07 -4.83
N ILE D 223 26.13 -19.19 -5.05
CA ILE D 223 25.41 -18.16 -5.77
C ILE D 223 25.35 -16.83 -5.01
N VAL D 224 25.36 -16.86 -3.67
CA VAL D 224 25.31 -15.61 -2.92
C VAL D 224 26.58 -14.78 -3.14
N ASP D 225 27.75 -15.43 -3.10
CA ASP D 225 29.01 -14.75 -3.40
C ASP D 225 29.02 -14.22 -4.82
N GLN D 226 28.45 -14.98 -5.76
CA GLN D 226 28.39 -14.46 -7.13
C GLN D 226 27.58 -13.18 -7.19
N VAL D 227 26.41 -13.19 -6.56
CA VAL D 227 25.56 -11.98 -6.55
C VAL D 227 26.27 -10.86 -5.81
N MET D 228 26.95 -11.16 -4.68
CA MET D 228 27.67 -10.12 -3.96
C MET D 228 28.79 -9.53 -4.81
N LYS D 229 29.46 -10.36 -5.61
CA LYS D 229 30.50 -9.83 -6.48
C LYS D 229 29.91 -8.92 -7.56
N LEU D 230 28.74 -9.30 -8.13
CA LEU D 230 28.11 -8.47 -9.15
C LEU D 230 27.63 -7.14 -8.60
N THR D 231 27.22 -7.09 -7.34
CA THR D 231 26.63 -5.91 -6.74
C THR D 231 27.57 -5.20 -5.77
N ASN D 232 28.87 -5.46 -5.88
CA ASN D 232 29.87 -4.78 -5.04
C ASN D 232 29.56 -4.93 -3.57
N GLY D 233 28.99 -6.06 -3.18
CA GLY D 233 28.65 -6.32 -1.81
C GLY D 233 27.34 -5.72 -1.34
N LYS D 234 26.59 -5.05 -2.22
CA LYS D 234 25.40 -4.33 -1.77
C LYS D 234 24.13 -5.18 -1.79
N GLY D 235 24.09 -6.27 -2.56
CA GLY D 235 22.86 -7.04 -2.68
C GLY D 235 21.90 -6.40 -3.67
N VAL D 236 20.71 -6.98 -3.74
CA VAL D 236 19.68 -6.51 -4.68
C VAL D 236 18.42 -6.13 -3.91
N ASP D 237 17.55 -5.39 -4.58
CA ASP D 237 16.32 -4.89 -3.97
C ASP D 237 15.26 -5.96 -3.81
N ARG D 238 15.19 -6.91 -4.73
CA ARG D 238 14.08 -7.84 -4.80
C ARG D 238 14.60 -9.19 -5.25
N VAL D 239 14.02 -10.25 -4.72
CA VAL D 239 14.30 -11.60 -5.18
C VAL D 239 12.97 -12.27 -5.47
N ILE D 240 12.87 -12.92 -6.64
CA ILE D 240 11.75 -13.79 -6.96
C ILE D 240 12.25 -15.21 -6.97
N MET D 241 11.64 -16.05 -6.15
CA MET D 241 11.97 -17.47 -6.10
C MET D 241 11.02 -18.19 -7.03
N ALA D 242 11.55 -18.67 -8.16
CA ALA D 242 10.73 -19.32 -9.17
C ALA D 242 11.09 -20.78 -9.41
N GLY D 243 12.23 -21.25 -8.93
CA GLY D 243 12.55 -22.67 -9.06
C GLY D 243 13.65 -23.05 -8.10
N GLY D 244 13.83 -24.36 -7.93
CA GLY D 244 14.80 -24.90 -7.01
C GLY D 244 14.17 -25.41 -5.72
N GLY D 245 15.04 -25.93 -4.86
CA GLY D 245 14.62 -26.54 -3.61
C GLY D 245 14.38 -25.51 -2.52
N SER D 246 14.15 -26.03 -1.31
CA SER D 246 13.86 -25.18 -0.16
C SER D 246 15.03 -24.28 0.22
N GLU D 247 16.26 -24.68 -0.12
CA GLU D 247 17.42 -23.88 0.23
C GLU D 247 17.50 -22.56 -0.52
N THR D 248 16.68 -22.36 -1.56
CA THR D 248 16.71 -21.08 -2.25
C THR D 248 16.21 -19.92 -1.38
N LEU D 249 15.38 -20.20 -0.37
CA LEU D 249 14.94 -19.10 0.51
C LEU D 249 16.14 -18.49 1.25
N SER D 250 17.01 -19.34 1.77
CA SER D 250 18.22 -18.87 2.44
C SER D 250 19.09 -18.02 1.51
N GLN D 251 19.23 -18.45 0.26
CA GLN D 251 19.98 -17.66 -0.72
C GLN D 251 19.30 -16.31 -0.95
N ALA D 252 17.98 -16.32 -1.12
CA ALA D 252 17.25 -15.08 -1.37
C ALA D 252 17.38 -14.11 -0.18
N VAL D 253 17.18 -14.61 1.03
CA VAL D 253 17.33 -13.77 2.20
C VAL D 253 18.76 -13.21 2.26
N SER D 254 19.75 -14.02 1.88
CA SER D 254 21.15 -13.59 1.94
C SER D 254 21.55 -12.62 0.84
N MET D 255 20.85 -12.57 -0.28
CA MET D 255 21.30 -11.65 -1.32
C MET D 255 20.46 -10.37 -1.40
N VAL D 256 19.30 -10.35 -0.78
CA VAL D 256 18.44 -9.17 -0.78
C VAL D 256 18.91 -8.17 0.28
N LYS D 257 18.76 -6.88 -0.04
CA LYS D 257 19.13 -5.80 0.86
C LYS D 257 18.16 -5.75 2.05
N PRO D 258 18.60 -5.18 3.18
CA PRO D 258 17.65 -4.82 4.23
C PRO D 258 16.55 -3.91 3.69
N GLY D 259 15.32 -4.16 4.11
CA GLY D 259 14.19 -3.46 3.55
C GLY D 259 13.65 -4.06 2.27
N GLY D 260 14.32 -5.06 1.70
CA GLY D 260 13.88 -5.65 0.46
C GLY D 260 12.75 -6.66 0.62
N ILE D 261 12.34 -7.22 -0.52
CA ILE D 261 11.21 -8.13 -0.56
C ILE D 261 11.59 -9.41 -1.30
N ILE D 262 11.19 -10.54 -0.73
CA ILE D 262 11.37 -11.85 -1.33
C ILE D 262 10.00 -12.36 -1.75
N SER D 263 9.89 -12.71 -3.03
CA SER D 263 8.59 -13.09 -3.59
C SER D 263 8.70 -14.52 -4.07
N ASN D 264 8.01 -15.43 -3.41
CA ASN D 264 8.04 -16.84 -3.77
C ASN D 264 6.83 -17.19 -4.61
N ILE D 265 7.07 -17.75 -5.79
CA ILE D 265 6.03 -18.42 -6.56
C ILE D 265 6.36 -19.89 -6.81
N ASN D 266 7.48 -20.36 -6.29
CA ASN D 266 7.86 -21.75 -6.40
C ASN D 266 6.96 -22.64 -5.54
N TYR D 267 6.50 -23.75 -6.10
CA TYR D 267 5.71 -24.73 -5.37
C TYR D 267 6.69 -25.71 -4.72
N HIS D 268 6.80 -25.65 -3.40
CA HIS D 268 7.75 -26.43 -2.62
C HIS D 268 7.08 -27.75 -2.22
N GLY D 269 7.46 -28.84 -2.88
CA GLY D 269 6.74 -30.07 -2.65
C GLY D 269 7.35 -31.04 -1.65
N SER D 270 8.56 -30.75 -1.16
CA SER D 270 9.24 -31.70 -0.29
C SER D 270 9.90 -30.94 0.87
N GLY D 271 10.14 -31.66 1.96
CA GLY D 271 10.71 -31.10 3.18
C GLY D 271 9.63 -30.61 4.12
N ASP D 272 9.93 -30.68 5.42
CA ASP D 272 8.94 -30.24 6.41
C ASP D 272 8.94 -28.72 6.59
N ALA D 273 10.10 -28.08 6.51
CA ALA D 273 10.25 -26.69 6.85
C ALA D 273 11.21 -26.02 5.87
N LEU D 274 10.95 -24.75 5.60
CA LEU D 274 11.88 -23.86 4.90
C LEU D 274 12.64 -23.07 5.92
N LEU D 275 13.96 -22.93 5.72
CA LEU D 275 14.83 -22.35 6.74
C LEU D 275 15.14 -20.89 6.41
N ILE D 276 14.89 -20.00 7.37
CA ILE D 276 15.31 -18.61 7.29
C ILE D 276 16.70 -18.48 7.94
N PRO D 277 17.72 -18.04 7.23
CA PRO D 277 19.05 -17.90 7.86
C PRO D 277 19.00 -16.72 8.81
N ARG D 278 19.30 -16.97 10.08
CA ARG D 278 18.91 -16.02 11.12
C ARG D 278 19.65 -14.70 10.98
N VAL D 279 20.99 -14.76 10.90
CA VAL D 279 21.81 -13.57 10.85
C VAL D 279 21.53 -12.75 9.59
N GLU D 280 21.41 -13.43 8.44
CA GLU D 280 21.15 -12.73 7.18
C GLU D 280 19.76 -12.12 7.15
N TRP D 281 18.85 -12.62 7.99
CA TRP D 281 17.54 -12.02 8.17
C TRP D 281 17.54 -10.94 9.25
N GLY D 282 18.72 -10.42 9.61
CA GLY D 282 18.83 -9.42 10.66
C GLY D 282 18.24 -9.86 11.98
N CYS D 283 18.28 -11.17 12.26
CA CYS D 283 17.66 -11.75 13.45
C CYS D 283 16.16 -11.42 13.55
N GLY D 284 15.51 -11.18 12.42
CA GLY D 284 14.11 -10.85 12.37
C GLY D 284 13.78 -9.37 12.29
N MET D 285 14.78 -8.50 12.20
CA MET D 285 14.54 -7.07 12.31
C MET D 285 15.11 -6.29 11.15
N ALA D 286 15.40 -6.95 10.03
CA ALA D 286 16.02 -6.30 8.88
C ALA D 286 15.01 -5.84 7.84
N HIS D 287 13.71 -5.99 8.09
CA HIS D 287 12.67 -5.58 7.14
C HIS D 287 12.81 -6.29 5.80
N LYS D 288 13.17 -7.57 5.83
CA LYS D 288 13.22 -8.37 4.62
C LYS D 288 11.92 -9.15 4.56
N THR D 289 10.95 -8.59 3.85
CA THR D 289 9.61 -9.17 3.80
C THR D 289 9.62 -10.43 2.94
N ILE D 290 8.92 -11.45 3.40
CA ILE D 290 8.85 -12.74 2.69
C ILE D 290 7.40 -12.99 2.29
N LYS D 291 7.15 -13.11 0.98
CA LYS D 291 5.82 -13.39 0.45
C LYS D 291 5.81 -14.69 -0.35
N GLY D 292 4.61 -15.19 -0.59
CA GLY D 292 4.46 -16.36 -1.43
C GLY D 292 3.01 -16.61 -1.77
N GLY D 293 2.66 -16.68 -3.04
CA GLY D 293 1.26 -16.77 -3.36
C GLY D 293 0.92 -17.56 -4.59
N LEU D 294 -0.18 -18.30 -4.50
CA LEU D 294 -0.83 -18.90 -5.66
C LEU D 294 -1.25 -17.83 -6.65
N CYS D 295 -1.17 -18.14 -7.95
CA CYS D 295 -1.48 -17.16 -8.98
C CYS D 295 -2.97 -16.80 -8.95
N PRO D 296 -3.33 -15.55 -9.18
CA PRO D 296 -4.76 -15.23 -9.33
C PRO D 296 -5.31 -15.81 -10.62
N GLY D 297 -6.61 -16.11 -10.57
CA GLY D 297 -7.38 -16.50 -11.72
C GLY D 297 -8.65 -15.67 -11.83
N GLY D 298 -9.65 -16.26 -12.44
CA GLY D 298 -10.91 -15.57 -12.66
C GLY D 298 -10.91 -14.79 -13.97
N ARG D 299 -12.11 -14.40 -14.36
CA ARG D 299 -12.31 -13.74 -15.65
C ARG D 299 -11.53 -12.44 -15.76
N LEU D 300 -11.56 -11.60 -14.72
CA LEU D 300 -10.92 -10.29 -14.83
C LEU D 300 -9.43 -10.41 -15.10
N ARG D 301 -8.74 -11.25 -14.32
CA ARG D 301 -7.31 -11.47 -14.52
C ARG D 301 -7.02 -11.98 -15.93
N ALA D 302 -7.81 -12.94 -16.41
CA ALA D 302 -7.53 -13.50 -17.73
C ALA D 302 -7.74 -12.46 -18.83
N GLU D 303 -8.78 -11.63 -18.72
CA GLU D 303 -9.02 -10.59 -19.72
C GLU D 303 -7.93 -9.52 -19.67
N MET D 304 -7.43 -9.19 -18.47
CA MET D 304 -6.37 -8.19 -18.40
C MET D 304 -5.06 -8.72 -18.99
N LEU D 305 -4.70 -9.97 -18.69
CA LEU D 305 -3.47 -10.52 -19.29
C LEU D 305 -3.63 -10.69 -20.79
N ARG D 306 -4.82 -11.13 -21.21
CA ARG D 306 -5.14 -11.24 -22.64
C ARG D 306 -4.92 -9.92 -23.35
N ASP D 307 -5.37 -8.80 -22.75
CA ASP D 307 -5.14 -7.49 -23.34
C ASP D 307 -3.65 -7.16 -23.42
N MET D 308 -2.88 -7.54 -22.41
CA MET D 308 -1.43 -7.34 -22.50
C MET D 308 -0.85 -8.06 -23.71
N VAL D 309 -1.29 -9.30 -23.96
CA VAL D 309 -0.82 -10.04 -25.13
C VAL D 309 -1.31 -9.39 -26.42
N VAL D 310 -2.60 -9.02 -26.46
CA VAL D 310 -3.17 -8.44 -27.69
C VAL D 310 -2.46 -7.14 -28.06
N TYR D 311 -2.07 -6.34 -27.06
CA TYR D 311 -1.33 -5.12 -27.34
C TYR D 311 0.18 -5.31 -27.36
N ASN D 312 0.65 -6.57 -27.44
CA ASN D 312 2.07 -6.88 -27.66
C ASN D 312 2.97 -6.39 -26.52
N ARG D 313 2.47 -6.45 -25.30
CA ARG D 313 3.32 -6.11 -24.16
C ARG D 313 4.29 -7.25 -23.82
N VAL D 314 3.96 -8.48 -24.18
CA VAL D 314 4.87 -9.60 -23.95
C VAL D 314 4.63 -10.62 -25.05
N ASP D 315 5.72 -11.22 -25.53
CA ASP D 315 5.67 -12.23 -26.59
C ASP D 315 5.83 -13.59 -25.91
N LEU D 316 4.73 -14.31 -25.77
CA LEU D 316 4.70 -15.60 -25.08
C LEU D 316 5.26 -16.74 -25.91
N SER D 317 5.46 -16.53 -27.22
CA SER D 317 5.86 -17.65 -28.07
C SER D 317 7.22 -18.19 -27.68
N LYS D 318 8.11 -17.36 -27.11
CA LYS D 318 9.43 -17.88 -26.74
C LYS D 318 9.38 -18.90 -25.60
N LEU D 319 8.26 -19.05 -24.90
CA LEU D 319 8.17 -20.07 -23.86
C LEU D 319 8.02 -21.47 -24.45
N VAL D 320 7.46 -21.57 -25.65
CA VAL D 320 7.00 -22.85 -26.17
C VAL D 320 8.09 -23.41 -27.07
N THR D 321 8.78 -24.45 -26.59
CA THR D 321 9.82 -25.10 -27.38
C THR D 321 9.35 -26.38 -28.06
N HIS D 322 8.27 -26.99 -27.60
CA HIS D 322 7.80 -28.26 -28.11
C HIS D 322 6.31 -28.14 -28.38
N VAL D 323 5.89 -28.49 -29.58
CA VAL D 323 4.48 -28.46 -29.97
C VAL D 323 4.12 -29.81 -30.55
N TYR D 324 3.14 -30.47 -29.95
CA TYR D 324 2.59 -31.72 -30.46
C TYR D 324 1.23 -31.46 -31.08
N HIS D 325 0.82 -32.38 -31.96
CA HIS D 325 -0.47 -32.30 -32.60
C HIS D 325 -1.20 -33.59 -32.28
N GLY D 326 -2.29 -33.48 -31.52
CA GLY D 326 -3.10 -34.65 -31.23
C GLY D 326 -3.19 -34.87 -29.74
N PHE D 327 -4.44 -35.10 -29.29
CA PHE D 327 -4.73 -35.38 -27.89
C PHE D 327 -3.80 -36.43 -27.29
N ASP D 328 -3.50 -37.50 -28.04
CA ASP D 328 -2.73 -38.62 -27.49
C ASP D 328 -1.32 -38.24 -27.06
N HIS D 329 -0.77 -37.13 -27.55
CA HIS D 329 0.58 -36.77 -27.16
C HIS D 329 0.64 -36.08 -25.80
N ILE D 330 -0.50 -35.98 -25.11
CA ILE D 330 -0.49 -35.48 -23.74
C ILE D 330 0.41 -36.34 -22.88
N GLU D 331 0.37 -37.65 -23.09
CA GLU D 331 1.20 -38.56 -22.30
C GLU D 331 2.68 -38.26 -22.49
N GLU D 332 3.15 -38.23 -23.74
CA GLU D 332 4.56 -37.94 -24.00
C GLU D 332 4.95 -36.57 -23.47
N ALA D 333 4.09 -35.57 -23.63
CA ALA D 333 4.43 -34.22 -23.19
C ALA D 333 4.57 -34.15 -21.67
N LEU D 334 3.65 -34.78 -20.93
CA LEU D 334 3.77 -34.72 -19.47
C LEU D 334 5.00 -35.47 -19.00
N LEU D 335 5.28 -36.64 -19.57
CA LEU D 335 6.48 -37.39 -19.23
C LEU D 335 7.74 -36.61 -19.53
N LEU D 336 7.68 -35.73 -20.53
CA LEU D 336 8.79 -34.84 -20.82
C LEU D 336 9.10 -33.93 -19.64
N MET D 337 8.05 -33.45 -18.92
CA MET D 337 8.27 -32.62 -17.74
C MET D 337 8.95 -33.39 -16.61
N LYS D 338 8.78 -34.71 -16.58
CA LYS D 338 9.40 -35.52 -15.54
C LYS D 338 10.89 -35.72 -15.80
N ASP D 339 11.26 -35.96 -17.06
CA ASP D 339 12.65 -36.23 -17.46
C ASP D 339 13.45 -34.97 -17.76
N LYS D 340 12.78 -33.91 -18.25
CA LYS D 340 13.33 -32.59 -18.57
C LYS D 340 14.56 -32.64 -19.46
N PRO D 341 14.39 -32.85 -20.77
CA PRO D 341 15.52 -32.74 -21.70
C PRO D 341 16.11 -31.34 -21.71
N LYS D 342 17.38 -31.26 -22.15
CA LYS D 342 18.15 -30.03 -22.03
C LYS D 342 17.52 -28.84 -22.74
N ASP D 343 16.66 -29.08 -23.74
CA ASP D 343 16.13 -28.00 -24.58
C ASP D 343 14.64 -27.75 -24.38
N LEU D 344 14.06 -28.18 -23.27
CA LEU D 344 12.64 -27.98 -23.04
C LEU D 344 12.37 -26.76 -22.16
N ILE D 345 11.38 -25.96 -22.56
CA ILE D 345 10.84 -24.97 -21.64
C ILE D 345 9.38 -25.35 -21.40
N LYS D 346 8.49 -25.08 -22.35
CA LYS D 346 7.12 -25.56 -22.26
C LYS D 346 6.74 -26.34 -23.51
N ALA D 347 5.88 -27.32 -23.31
CA ALA D 347 5.31 -28.09 -24.39
C ALA D 347 3.82 -27.78 -24.42
N VAL D 348 3.29 -27.65 -25.64
CA VAL D 348 1.88 -27.45 -25.87
C VAL D 348 1.40 -28.58 -26.78
N VAL D 349 0.29 -29.19 -26.42
CA VAL D 349 -0.40 -30.13 -27.28
C VAL D 349 -1.59 -29.42 -27.88
N ILE D 350 -1.57 -29.28 -29.21
CA ILE D 350 -2.67 -28.72 -29.98
C ILE D 350 -3.48 -29.89 -30.47
N LEU D 351 -4.78 -29.87 -30.20
CA LEU D 351 -5.60 -31.00 -30.63
C LEU D 351 -6.04 -30.79 -32.07
N HIS D 352 -6.14 -31.91 -32.81
CA HIS D 352 -6.40 -31.84 -34.24
C HIS D 352 -7.65 -31.02 -34.54
N HIS D 353 -7.63 -30.30 -35.66
CA HIS D 353 -8.64 -29.32 -36.00
C HIS D 353 -8.59 -29.02 -37.49
N HIS D 354 -9.71 -28.52 -38.01
CA HIS D 354 -9.86 -28.15 -39.42
C HIS D 354 -10.33 -26.70 -39.59
PA NAD E . 3.54 21.00 -23.12
O1A NAD E . 3.62 22.49 -23.29
O2A NAD E . 4.22 20.08 -24.11
O5B NAD E . 1.97 20.62 -23.07
C5B NAD E . 1.62 19.24 -23.04
C4B NAD E . 0.81 18.83 -24.27
O4B NAD E . -0.59 18.88 -23.98
C3B NAD E . 1.06 19.71 -25.49
O3B NAD E . 1.63 18.90 -26.53
C2B NAD E . -0.30 20.26 -25.86
O2B NAD E . -0.52 20.22 -27.27
C1B NAD E . -1.28 19.36 -25.14
N9A NAD E . -2.56 19.98 -24.73
C8A NAD E . -2.81 21.30 -24.50
N7A NAD E . -4.10 21.49 -24.15
C5A NAD E . -4.71 20.28 -24.15
C6A NAD E . -6.07 19.75 -23.86
N6A NAD E . -7.08 20.57 -23.49
N1A NAD E . -6.27 18.41 -23.97
C2A NAD E . -5.27 17.57 -24.34
N3A NAD E . -4.02 17.98 -24.61
C4A NAD E . -3.68 19.29 -24.54
O3 NAD E . 4.04 20.60 -21.63
PN NAD E . 5.11 19.43 -21.25
O1N NAD E . 6.51 19.84 -21.66
O2N NAD E . 4.61 18.07 -21.69
O5D NAD E . 4.99 19.54 -19.64
C5D NAD E . 3.89 18.95 -18.93
C4D NAD E . 3.45 19.79 -17.73
O4D NAD E . 4.08 19.35 -16.51
C3D NAD E . 3.81 21.25 -17.94
O3D NAD E . 2.64 22.08 -17.82
C2D NAD E . 4.84 21.55 -16.87
O2D NAD E . 4.65 22.86 -16.34
C1D NAD E . 4.72 20.44 -15.83
N1N NAD E . 6.05 20.02 -15.38
C2N NAD E . 6.65 20.51 -14.28
C3N NAD E . 7.94 20.05 -13.95
C7N NAD E . 8.74 20.50 -12.77
O7N NAD E . 8.42 20.19 -11.63
N7N NAD E . 9.82 21.22 -13.01
C4N NAD E . 8.55 19.13 -14.77
C5N NAD E . 7.91 18.66 -15.90
C6N NAD E . 6.65 19.13 -16.18
O1 2PE F . 13.48 18.84 -37.51
C2 2PE F . 12.50 19.01 -36.48
C3 2PE F . 12.49 17.81 -35.53
O4 2PE F . 12.12 16.63 -36.24
C5 2PE F . 12.14 15.45 -35.43
C6 2PE F . 12.03 14.21 -36.32
O7 2PE F . 11.76 13.05 -35.52
C8 2PE F . 12.62 11.95 -35.80
C9 2PE F . 13.86 12.14 -34.96
O10 2PE F . 14.04 11.06 -34.06
C11 2PE F . 14.72 11.49 -32.88
C12 2PE F . 16.16 11.02 -32.95
O13 2PE F . 16.41 9.68 -32.51
C14 2PE F . 17.79 9.35 -32.75
C15 2PE F . 18.78 9.96 -31.74
O16 2PE F . 19.70 10.82 -32.42
C17 2PE F . 20.64 11.54 -31.60
C18 2PE F . 20.92 12.98 -32.08
O19 2PE F . 19.72 13.78 -32.15
C20 2PE F . 19.94 15.15 -32.48
C21 2PE F . 18.82 15.77 -33.32
O22 2PE F . 17.53 15.16 -33.13
O1 2PE G . -11.19 -0.38 -20.23
C2 2PE G . -11.31 -1.68 -19.63
C3 2PE G . -12.76 -2.15 -19.75
O4 2PE G . -13.06 -3.16 -18.80
C5 2PE G . -14.46 -3.19 -18.47
C6 2PE G . -14.72 -4.07 -17.26
O7 2PE G . -14.66 -3.34 -16.04
C8 2PE G . -14.60 -4.25 -14.95
C9 2PE G . -14.20 -3.57 -13.66
O10 2PE G . -12.89 -3.02 -13.76
C11 2PE G . -12.42 -2.69 -12.46
C12 2PE G . -12.46 -1.18 -12.28
O13 2PE G . -11.69 -0.80 -11.14
C14 2PE G . -10.96 0.40 -11.37
C15 2PE G . -9.48 0.04 -11.47
O16 2PE G . -9.22 -1.12 -10.68
C17 2PE G . -7.99 -1.08 -9.96
O1 2PE H . 18.27 24.07 4.26
C2 2PE H . 18.62 22.93 5.06
C3 2PE H . 20.03 23.07 5.57
O4 2PE H . 20.48 21.82 6.08
C5 2PE H . 21.78 21.92 6.66
C6 2PE H . 22.73 21.03 5.88
O7 2PE H . 22.20 19.70 5.77
C8 2PE H . 22.69 19.08 4.58
C9 2PE H . 24.06 18.49 4.88
O10 2PE H . 23.99 17.84 6.14
C11 2PE H . 25.29 17.68 6.70
C12 2PE H . 25.17 17.17 8.12
O13 2PE H . 24.89 15.77 8.07
C14 2PE H . 24.76 15.23 9.39
C15 2PE H . 25.84 14.17 9.59
O16 2PE H . 25.88 13.24 8.50
C17 2PE H . 27.11 12.53 8.52
C18 2PE H . 26.87 11.12 9.07
O19 2PE H . 28.11 10.47 9.36
C20 2PE H . 27.95 9.06 9.48
C21 2PE H . 29.27 8.34 9.24
O22 2PE H . 29.04 7.19 8.42
ZN ZN I . 10.80 21.00 -15.39
MG MG J . 17.94 12.53 -32.56
MG MG K . 0.35 21.98 -21.08
PA NAD L . -25.11 16.15 9.18
O1A NAD L . -26.24 15.87 8.23
O2A NAD L . -25.42 16.56 10.60
O5B NAD L . -24.20 17.29 8.51
C5B NAD L . -22.85 17.50 8.92
C4B NAD L . -22.84 18.72 9.83
O4B NAD L . -21.68 19.52 9.69
C3B NAD L . -24.02 19.65 9.55
O3B NAD L . -25.19 19.23 10.24
C2B NAD L . -23.51 21.00 10.02
O2B NAD L . -23.98 21.21 11.35
C1B NAD L . -22.00 20.88 10.02
N9A NAD L . -21.44 21.78 8.98
C8A NAD L . -22.12 22.30 7.95
N7A NAD L . -21.31 23.08 7.18
C5A NAD L . -20.08 23.07 7.73
C6A NAD L . -18.75 23.68 7.43
N6A NAD L . -18.56 24.49 6.36
N1A NAD L . -17.74 23.41 8.28
C2A NAD L . -17.91 22.62 9.36
N3A NAD L . -19.07 22.02 9.69
C4A NAD L . -20.18 22.22 8.93
O3 NAD L . -24.08 14.90 9.19
PN NAD L . -24.48 13.35 8.92
O1N NAD L . -25.94 13.16 9.22
O2N NAD L . -23.47 12.46 9.60
O5D NAD L . -24.23 13.28 7.32
C5D NAD L . -23.10 12.62 6.76
C4D NAD L . -23.05 12.84 5.24
O4D NAD L . -22.60 11.65 4.60
C3D NAD L . -24.44 13.13 4.73
O3D NAD L . -24.43 14.24 3.83
C2D NAD L . -24.87 11.85 4.01
O2D NAD L . -25.61 12.19 2.84
C1D NAD L . -23.58 11.12 3.70
N1N NAD L . -23.67 9.65 3.86
C2N NAD L . -24.27 8.83 2.97
C3N NAD L . -24.32 7.44 3.21
C7N NAD L . -24.97 6.44 2.29
O7N NAD L . -26.07 6.01 2.58
N7N NAD L . -24.36 6.02 1.19
C4N NAD L . -23.75 6.94 4.35
C5N NAD L . -23.15 7.81 5.25
C6N NAD L . -23.11 9.17 4.97
O1 2PE M . -0.14 19.12 13.17
C2 2PE M . 1.05 18.32 13.16
C3 2PE M . 2.23 19.28 13.25
O4 2PE M . 3.40 18.76 12.60
C5 2PE M . 4.23 19.83 12.14
C6 2PE M . 5.55 19.32 11.58
O7 2PE M . 5.35 18.74 10.30
C8 2PE M . 6.57 18.14 9.86
C9 2PE M . 6.35 17.34 8.58
O10 2PE M . 5.38 16.32 8.80
C11 2PE M . 5.31 15.45 7.68
C12 2PE M . 4.03 15.68 6.88
O13 2PE M . 3.54 14.43 6.41
C14 2PE M . 2.31 14.51 5.70
C15 2PE M . 1.45 13.31 6.08
O16 2PE M . 2.26 12.15 6.20
C17 2PE M . 1.85 11.05 5.37
O1 2PE N . -27.41 -8.74 -10.63
C2 2PE N . -26.50 -9.75 -10.19
C3 2PE N . -27.27 -11.06 -10.07
O4 2PE N . -26.42 -12.09 -9.58
C5 2PE N . -26.88 -13.37 -10.02
C6 2PE N . -27.17 -14.25 -8.80
O7 2PE N . -25.96 -14.45 -8.05
C8 2PE N . -26.24 -14.42 -6.66
C9 2PE N . -25.93 -15.80 -6.12
O10 2PE N . -25.59 -16.54 -7.28
C11 2PE N . -25.20 -17.87 -7.01
C12 2PE N . -24.12 -18.17 -8.03
O13 2PE N . -23.47 -19.34 -7.61
C14 2PE N . -22.07 -19.18 -7.50
C15 2PE N . -21.66 -20.48 -6.85
O16 2PE N . -22.17 -20.52 -5.53
C17 2PE N . -22.11 -21.86 -5.04
C18 2PE N . -20.76 -22.07 -4.37
O19 2PE N . -20.36 -23.44 -4.50
C20 2PE N . -19.15 -23.71 -3.80
C21 2PE N . -18.93 -25.22 -3.72
O22 2PE N . -19.06 -25.66 -2.37
ZN ZN O . -27.09 6.30 4.81
PA NAD P . 10.50 -10.59 27.85
O1A NAD P . 11.60 -11.15 28.74
O2A NAD P . 9.38 -9.78 28.47
O5B NAD P . 9.93 -11.88 27.06
C5B NAD P . 8.63 -11.88 26.43
C4B NAD P . 7.68 -13.02 26.87
O4B NAD P . 7.64 -14.15 26.02
C3B NAD P . 7.94 -13.57 28.26
O3B NAD P . 6.62 -13.63 28.82
C2B NAD P . 8.25 -15.00 28.08
O2B NAD P . 7.74 -15.68 29.20
C1B NAD P . 7.36 -15.21 26.91
N9A NAD P . 7.63 -16.48 26.25
C8A NAD P . 8.72 -17.25 26.39
N7A NAD P . 8.62 -18.36 25.64
C5A NAD P . 7.41 -18.28 25.01
C6A NAD P . 6.65 -19.12 24.06
N6A NAD P . 7.17 -20.28 23.61
N1A NAD P . 5.43 -18.67 23.65
C2A NAD P . 4.90 -17.51 24.09
N3A NAD P . 5.54 -16.70 24.95
C4A NAD P . 6.76 -17.04 25.43
O3 NAD P . 11.18 -9.75 26.65
PN NAD P . 10.65 -8.32 26.07
O1N NAD P . 11.17 -7.20 26.95
O2N NAD P . 9.17 -8.39 25.77
O5D NAD P . 11.48 -8.30 24.68
C5D NAD P . 10.87 -8.55 23.42
C4D NAD P . 11.90 -9.04 22.39
O4D NAD P . 12.09 -8.06 21.37
C3D NAD P . 13.25 -9.29 23.04
O3D NAD P . 13.72 -10.62 22.75
C2D NAD P . 14.19 -8.27 22.43
O2D NAD P . 15.43 -8.90 22.07
C1D NAD P . 13.47 -7.70 21.22
N1N NAD P . 13.55 -6.24 21.21
C2N NAD P . 14.64 -5.59 20.78
C3N NAD P . 14.68 -4.19 20.79
C7N NAD P . 15.88 -3.39 20.33
O7N NAD P . 15.73 -2.21 20.06
N7N NAD P . 17.06 -3.96 20.25
C4N NAD P . 13.58 -3.50 21.24
C5N NAD P . 12.46 -4.19 21.70
C6N NAD P . 12.48 -5.57 21.66
O1 2PE Q . -10.77 -14.46 13.29
C2 2PE Q . -12.00 -14.30 12.58
C3 2PE Q . -12.50 -15.69 12.16
O4 2PE Q . -13.49 -15.55 11.14
C5 2PE Q . -13.35 -16.53 10.11
C6 2PE Q . -13.88 -15.94 8.81
O7 2PE Q . -12.85 -15.97 7.83
C8 2PE Q . -13.17 -15.10 6.76
C9 2PE Q . -11.96 -14.89 5.90
O10 2PE Q . -11.19 -13.78 6.35
C11 2PE Q . -10.13 -13.56 5.42
C12 2PE Q . -8.78 -13.56 6.11
O13 2PE Q . -7.80 -12.86 5.33
C14 2PE Q . -6.85 -12.24 6.20
C15 2PE Q . -7.10 -10.74 6.20
O16 2PE Q . -6.36 -10.07 5.18
C17 2PE Q . -6.83 -8.75 4.88
ZN ZN R . 15.56 -2.31 23.82
PA NAD S . 11.06 -26.04 -13.77
O1A NAD S . 11.11 -27.55 -13.81
O2A NAD S . 11.28 -25.25 -15.04
O5B NAD S . 12.20 -25.59 -12.71
C5B NAD S . 12.67 -24.24 -12.75
C4B NAD S . 14.17 -24.15 -12.97
O4B NAD S . 14.84 -23.96 -11.71
C3B NAD S . 14.80 -25.38 -13.62
O3B NAD S . 15.28 -25.14 -14.97
C2B NAD S . 15.98 -25.74 -12.72
O2B NAD S . 17.15 -25.92 -13.51
C1B NAD S . 16.15 -24.54 -11.81
N9A NAD S . 16.75 -24.87 -10.49
C8A NAD S . 16.63 -26.04 -9.84
N7A NAD S . 17.32 -26.01 -8.66
C5A NAD S . 17.87 -24.78 -8.54
C6A NAD S . 18.72 -24.10 -7.53
N6A NAD S . 19.10 -24.71 -6.39
N1A NAD S . 19.10 -22.82 -7.80
C2A NAD S . 18.72 -22.20 -8.93
N3A NAD S . 17.95 -22.76 -9.89
C4A NAD S . 17.51 -24.03 -9.75
O3 NAD S . 9.66 -25.59 -13.10
PN NAD S . 8.68 -24.36 -13.58
O1N NAD S . 7.70 -24.80 -14.63
O2N NAD S . 9.50 -23.12 -13.85
O5D NAD S . 7.84 -24.19 -12.21
C5D NAD S . 8.26 -23.32 -11.14
C4D NAD S . 7.60 -23.72 -9.83
O4D NAD S . 6.36 -23.04 -9.65
C3D NAD S . 7.30 -25.21 -9.83
O3D NAD S . 7.83 -25.83 -8.65
C2D NAD S . 5.79 -25.30 -9.91
O2D NAD S . 5.31 -26.43 -9.17
C1D NAD S . 5.29 -23.96 -9.37
N1N NAD S . 4.05 -23.49 -10.00
C2N NAD S . 2.82 -23.85 -9.57
C3N NAD S . 1.67 -23.37 -10.22
C7N NAD S . 0.26 -23.70 -9.83
O7N NAD S . -0.64 -23.42 -10.60
N7N NAD S . -0.04 -24.29 -8.67
C4N NAD S . 1.83 -22.52 -11.29
C5N NAD S . 3.09 -22.17 -11.72
C6N NAD S . 4.20 -22.67 -11.05
O1 2PE T . 22.26 -3.45 -6.58
C2 2PE T . 21.98 -2.08 -6.21
C3 2PE T . 23.03 -1.58 -5.22
O4 2PE T . 22.66 -0.32 -4.67
C5 2PE T . 23.14 -0.14 -3.34
C6 2PE T . 22.51 1.11 -2.72
O7 2PE T . 21.62 0.77 -1.66
C8 2PE T . 20.36 1.41 -1.86
C9 2PE T . 19.42 0.99 -0.75
O10 2PE T . 18.21 0.48 -1.29
C11 2PE T . 17.31 0.07 -0.25
C12 2PE T . 16.78 -1.32 -0.53
O13 2PE T . 15.38 -1.37 -0.30
C14 2PE T . 14.71 -1.89 -1.45
C15 2PE T . 13.74 -0.85 -2.00
O16 2PE T . 12.50 -0.79 -1.28
C17 2PE T . 11.90 0.51 -1.35
O1 2PE U . -22.45 -30.75 -27.60
C2 2PE U . -22.80 -31.41 -26.38
C3 2PE U . -21.53 -31.93 -25.73
O4 2PE U . -21.75 -33.15 -25.04
C5 2PE U . -20.52 -33.83 -24.88
C6 2PE U . -20.69 -35.31 -25.18
O7 2PE U . -21.14 -35.99 -24.01
C8 2PE U . -21.98 -37.10 -24.27
C9 2PE U . -22.28 -37.76 -22.94
O10 2PE U . -23.67 -38.09 -22.82
C11 2PE U . -24.21 -37.69 -21.55
C12 2PE U . -23.33 -38.22 -20.42
O13 2PE U . -23.83 -37.79 -19.15
C14 2PE U . -22.95 -38.19 -18.10
C15 2PE U . -23.76 -38.73 -16.92
O16 2PE U . -23.65 -40.15 -16.88
ZN ZN V . 0.62 -24.94 -13.11
#